data_8X1U
#
_entry.id   8X1U
#
loop_
_entity.id
_entity.type
_entity.pdbx_description
1 polymer 'Chloride anion exchanger'
2 non-polymer 'OXALATE ION'
3 non-polymer '(2S)-3-(hexadecanoyloxy)-2-[(9Z)-octadec-9-enoyloxy]propyl 2-(trimethylammonio)ethyl phosphate'
4 non-polymer TETRADECANE
5 non-polymer DODECANE
6 non-polymer 1-O-OCTADECYL-SN-GLYCERO-3-PHOSPHOCHOLINE
7 non-polymer DECANE
8 non-polymer CHOLESTEROL
9 water water
#
_entity_poly.entity_id   1
_entity_poly.type   'polypeptide(L)'
_entity_poly.pdbx_seq_one_letter_code
;MDYKDDDDKGTMIEPFGNQYIVARPVYSTNAFEENHKKTGRHHKTFLDHLKVCCSCSPQKAKRIVLSLFPIASWLPAYRL
KEWLLSDIVSGISTGIVAVLQGLAFALLVDIPPVYGLYASFFPAIIYLFFGTSRHISVGPFPILSMMVGLAVSGAVSKAV
PDRNATTLGLPNNSNNSSLLDDERVRVAAAASVTVLSGIIQLAFGILRIGFVVIYLSESLISGFTTAAAVHVLVSQLKFI
FQLTVPSHTDPVSIFKVLYSVFSQIEKTNIADLVTALIVLLVVSIVKEINQRFKDKLPVPIPIEFIMTVIAAGVSYGCDF
KNRFKVAVVGDMNPGFQPPITPDVETFQNTVGDCFGIAMVAFAVAFSVASVYSLKYDYPLDGNQELIALGLGNIVCGVFR
GFAGSTALSRSAVQESTGGKTQIAGLIGAIIVLIVVLAIGFLLAPLQKSVLAALALGNLKGMLMQFAEIGRLWRKDKYDC
LIWIMTFIFTIVLGLGLGLAASVAFQLLTIVFRTQFPKCSTLANIGRTNIYKNKKDYYDMYEPEGVKIFRCPSPIYFANI
GFFRRKLIDAVGFSPLRILRKRNKALRKIRKLQKQGLLQVTPKGFICTVDTIKDSDEELDNNQIEVLDQPINTTDLPFHI
DWNDDLPLNIEVPKISLHSLILDFSAVSFLDVSSVRGLKSILQEFIRIKVDVYIVGTDDDFIEKLNRYEFFDGEVKSSIF
FLTIHDAVLHILMKKDYSTSKFNPSQEKDGKIDFTINTNGGLRNRVYEVPVETKF
;
_entity_poly.pdbx_strand_id   A,B
#
loop_
_chem_comp.id
_chem_comp.type
_chem_comp.name
_chem_comp.formula
C14 non-polymer TETRADECANE 'C14 H30'
CLR non-polymer CHOLESTEROL 'C27 H46 O'
D10 non-polymer DECANE 'C10 H22'
D12 non-polymer DODECANE 'C12 H26'
LPE non-polymer 1-O-OCTADECYL-SN-GLYCERO-3-PHOSPHOCHOLINE 'C26 H57 N O6 P 1'
OXL non-polymer 'OXALATE ION' 'C2 O4 -2'
POV non-polymer '(2S)-3-(hexadecanoyloxy)-2-[(9Z)-octadec-9-enoyloxy]propyl 2-(trimethylammonio)ethyl phosphate' 'C42 H82 N O8 P'
#
# COMPACT_ATOMS: atom_id res chain seq x y z
N ASN A 18 13.86 -23.77 38.45
CA ASN A 18 13.50 -23.03 37.26
C ASN A 18 12.67 -23.89 36.33
N GLN A 19 11.55 -24.39 36.83
CA GLN A 19 10.72 -25.28 36.02
C GLN A 19 9.39 -24.71 35.61
N TYR A 20 9.03 -24.92 34.35
CA TYR A 20 7.75 -24.49 33.85
C TYR A 20 6.80 -25.62 34.15
N ILE A 21 6.02 -25.49 35.21
CA ILE A 21 5.10 -26.55 35.59
C ILE A 21 3.66 -26.11 35.45
N VAL A 22 2.89 -26.82 34.65
CA VAL A 22 1.52 -26.44 34.39
C VAL A 22 0.65 -27.68 34.50
N ALA A 23 -0.55 -27.55 35.06
CA ALA A 23 -1.50 -28.65 35.17
C ALA A 23 -2.88 -28.01 35.12
N ARG A 24 -3.42 -27.86 33.91
CA ARG A 24 -4.71 -27.22 33.71
C ARG A 24 -5.53 -28.05 32.74
N PRO A 25 -6.83 -27.81 32.61
CA PRO A 25 -7.62 -28.58 31.62
C PRO A 25 -7.40 -28.07 30.21
N VAL A 26 -7.67 -28.92 29.22
CA VAL A 26 -7.54 -28.52 27.83
C VAL A 26 -8.66 -27.56 27.48
N TYR A 27 -8.36 -26.53 26.71
CA TYR A 27 -9.39 -25.52 26.44
C TYR A 27 -9.67 -25.13 25.02
N SER A 28 -10.89 -25.32 24.57
CA SER A 28 -11.25 -24.72 23.30
C SER A 28 -11.62 -23.26 23.69
N THR A 29 -11.56 -22.36 22.72
CA THR A 29 -11.82 -20.96 23.02
C THR A 29 -13.18 -20.84 23.69
N ASN A 30 -14.13 -21.66 23.25
CA ASN A 30 -15.47 -21.66 23.82
C ASN A 30 -15.51 -22.19 25.26
N ALA A 31 -14.83 -23.29 25.54
CA ALA A 31 -14.77 -23.79 26.91
C ALA A 31 -14.13 -22.78 27.85
N PHE A 32 -13.15 -22.02 27.38
CA PHE A 32 -12.55 -20.99 28.21
C PHE A 32 -13.54 -19.86 28.48
N GLU A 33 -14.30 -19.43 27.48
CA GLU A 33 -15.33 -18.42 27.73
C GLU A 33 -16.41 -18.93 28.66
N GLU A 34 -16.75 -20.22 28.58
CA GLU A 34 -17.76 -20.75 29.49
C GLU A 34 -17.24 -20.82 30.92
N ASN A 35 -16.00 -21.26 31.10
CA ASN A 35 -15.49 -21.47 32.45
C ASN A 35 -15.11 -20.17 33.14
N HIS A 36 -14.71 -19.16 32.37
CA HIS A 36 -14.26 -17.88 32.92
C HIS A 36 -15.17 -16.77 32.43
N LYS A 37 -16.01 -16.26 33.33
CA LYS A 37 -16.96 -15.18 33.06
C LYS A 37 -16.28 -13.98 32.43
N LYS A 38 -16.87 -13.46 31.37
CA LYS A 38 -16.20 -12.38 30.66
C LYS A 38 -16.77 -11.05 31.11
N THR A 39 -15.89 -10.09 31.39
CA THR A 39 -16.29 -8.76 31.83
C THR A 39 -17.07 -8.04 30.75
N GLY A 40 -18.36 -7.80 30.99
CA GLY A 40 -19.16 -7.09 30.01
C GLY A 40 -18.71 -5.65 29.86
N ARG A 41 -18.45 -5.24 28.62
CA ARG A 41 -18.02 -3.88 28.33
C ARG A 41 -18.99 -3.25 27.34
N HIS A 42 -19.26 -1.97 27.54
CA HIS A 42 -20.21 -1.25 26.71
C HIS A 42 -19.67 -1.08 25.29
N HIS A 43 -20.58 -0.74 24.39
CA HIS A 43 -20.22 -0.48 23.00
C HIS A 43 -19.77 0.98 22.85
N LYS A 44 -18.59 1.19 22.28
CA LYS A 44 -18.11 2.54 21.96
C LYS A 44 -18.75 2.98 20.64
N THR A 45 -20.05 3.28 20.73
CA THR A 45 -20.85 3.55 19.54
C THR A 45 -20.43 4.86 18.88
N PHE A 46 -20.53 4.88 17.55
CA PHE A 46 -20.25 6.11 16.80
C PHE A 46 -21.22 7.23 17.18
N LEU A 47 -22.44 6.88 17.57
CA LEU A 47 -23.43 7.91 17.89
C LEU A 47 -23.12 8.58 19.22
N ASP A 48 -22.80 7.79 20.25
CA ASP A 48 -22.43 8.38 21.53
C ASP A 48 -21.09 9.10 21.44
N HIS A 49 -20.21 8.63 20.56
CA HIS A 49 -18.96 9.33 20.34
C HIS A 49 -19.21 10.68 19.67
N LEU A 50 -20.20 10.70 18.78
CA LEU A 50 -20.62 11.93 18.14
C LEU A 50 -21.37 12.79 19.16
N LYS A 51 -21.72 12.20 20.31
CA LYS A 51 -22.42 12.90 21.37
C LYS A 51 -21.42 13.67 22.24
N VAL A 52 -20.21 13.14 22.34
CA VAL A 52 -19.16 13.76 23.10
C VAL A 52 -18.48 14.83 22.23
N CYS A 53 -18.61 14.68 20.92
CA CYS A 53 -18.04 15.63 19.97
C CYS A 53 -18.61 17.03 20.21
N CYS A 54 -19.92 17.10 20.41
CA CYS A 54 -20.58 18.37 20.68
C CYS A 54 -20.77 18.53 22.19
N SER A 55 -19.65 18.65 22.89
CA SER A 55 -19.64 18.77 24.35
C SER A 55 -20.21 20.09 24.89
N CYS A 56 -19.92 21.20 24.21
CA CYS A 56 -20.40 22.52 24.61
C CYS A 56 -20.14 22.81 26.10
N SER A 57 -19.19 22.12 26.70
CA SER A 57 -18.91 22.32 28.10
C SER A 57 -18.08 23.58 28.27
N PRO A 58 -18.11 24.19 29.46
CA PRO A 58 -17.34 25.41 29.67
C PRO A 58 -15.84 25.15 29.60
N GLN A 59 -15.34 24.17 30.35
CA GLN A 59 -13.93 23.84 30.32
C GLN A 59 -13.48 23.36 28.94
N LYS A 60 -14.34 22.58 28.28
CA LYS A 60 -14.02 22.07 26.95
C LYS A 60 -13.83 23.21 25.97
N ALA A 61 -14.69 24.23 26.06
CA ALA A 61 -14.58 25.41 25.22
C ALA A 61 -13.28 26.16 25.53
N LYS A 62 -12.93 26.21 26.81
CA LYS A 62 -11.70 26.86 27.23
C LYS A 62 -10.45 26.08 26.77
N ARG A 63 -10.48 24.75 26.80
CA ARG A 63 -9.32 24.02 26.33
C ARG A 63 -9.24 24.01 24.81
N ILE A 64 -10.38 24.05 24.11
CA ILE A 64 -10.35 24.14 22.66
C ILE A 64 -9.73 25.46 22.21
N VAL A 65 -10.15 26.55 22.85
CA VAL A 65 -9.60 27.86 22.48
C VAL A 65 -8.14 27.97 22.87
N LEU A 66 -7.74 27.41 24.01
CA LEU A 66 -6.34 27.54 24.38
C LEU A 66 -5.44 26.76 23.43
N SER A 67 -5.92 25.64 22.93
CA SER A 67 -5.15 24.86 21.99
C SER A 67 -4.97 25.56 20.64
N LEU A 68 -6.01 26.23 20.17
CA LEU A 68 -5.99 26.91 18.89
C LEU A 68 -5.20 28.17 18.97
N PHE A 69 -4.88 28.55 20.18
CA PHE A 69 -4.11 29.79 20.36
C PHE A 69 -3.03 29.53 21.40
N PRO A 70 -1.99 28.78 21.03
CA PRO A 70 -1.00 28.35 22.03
C PRO A 70 -0.29 29.50 22.74
N ILE A 71 -0.19 30.68 22.12
CA ILE A 71 0.54 31.77 22.75
C ILE A 71 -0.14 32.19 24.05
N ALA A 72 -1.45 31.99 24.17
CA ALA A 72 -2.16 32.32 25.39
C ALA A 72 -1.78 31.42 26.55
N SER A 73 -1.03 30.34 26.29
CA SER A 73 -0.64 29.40 27.34
C SER A 73 0.84 29.40 27.64
N TRP A 74 1.70 29.73 26.67
CA TRP A 74 3.14 29.74 26.93
C TRP A 74 3.71 31.13 27.16
N LEU A 75 2.99 32.18 26.81
CA LEU A 75 3.50 33.53 27.04
C LEU A 75 3.38 33.95 28.50
N PRO A 76 2.23 33.76 29.16
CA PRO A 76 2.18 34.10 30.60
C PRO A 76 3.12 33.27 31.45
N ALA A 77 3.45 32.06 31.01
CA ALA A 77 4.36 31.18 31.74
C ALA A 77 5.82 31.42 31.34
N TYR A 78 6.14 32.61 30.86
CA TYR A 78 7.47 32.92 30.38
C TYR A 78 8.41 33.14 31.56
N ARG A 79 9.62 32.61 31.43
CA ARG A 79 10.65 32.77 32.44
C ARG A 79 11.58 33.84 31.89
N LEU A 80 11.44 35.06 32.41
CA LEU A 80 12.24 36.18 31.90
C LEU A 80 13.72 36.00 32.20
N LYS A 81 14.08 35.89 33.48
CA LYS A 81 15.49 35.91 33.86
C LYS A 81 16.24 34.69 33.35
N GLU A 82 15.52 33.66 32.93
CA GLU A 82 16.14 32.43 32.46
C GLU A 82 16.10 32.26 30.95
N TRP A 83 15.27 33.01 30.25
CA TRP A 83 15.05 32.80 28.82
C TRP A 83 15.22 34.04 27.96
N LEU A 84 15.10 35.25 28.51
CA LEU A 84 14.96 36.43 27.68
C LEU A 84 16.21 36.71 26.86
N LEU A 85 17.37 36.75 27.52
CA LEU A 85 18.59 37.12 26.80
C LEU A 85 19.00 36.03 25.81
N SER A 86 18.80 34.77 26.18
CA SER A 86 19.08 33.68 25.26
C SER A 86 18.18 33.76 24.03
N ASP A 87 16.89 34.06 24.24
CA ASP A 87 15.99 34.21 23.09
C ASP A 87 16.36 35.42 22.24
N ILE A 88 16.80 36.50 22.86
CA ILE A 88 17.22 37.67 22.10
C ILE A 88 18.41 37.34 21.21
N VAL A 89 19.44 36.71 21.78
CA VAL A 89 20.63 36.37 21.00
C VAL A 89 20.29 35.37 19.89
N SER A 90 19.53 34.33 20.24
CA SER A 90 19.13 33.33 19.25
C SER A 90 18.32 33.96 18.13
N GLY A 91 17.45 34.91 18.46
CA GLY A 91 16.64 35.55 17.44
C GLY A 91 17.46 36.44 16.53
N ILE A 92 18.39 37.21 17.11
CA ILE A 92 19.32 38.00 16.29
C ILE A 92 20.02 37.10 15.28
N SER A 93 20.60 35.99 15.75
CA SER A 93 21.37 35.12 14.87
C SER A 93 20.49 34.49 13.79
N THR A 94 19.35 33.93 14.18
CA THR A 94 18.53 33.24 13.18
C THR A 94 17.87 34.23 12.23
N GLY A 95 17.69 35.49 12.64
CA GLY A 95 17.16 36.47 11.70
C GLY A 95 18.21 36.91 10.70
N ILE A 96 19.45 37.08 11.15
CA ILE A 96 20.53 37.38 10.23
C ILE A 96 20.72 36.24 9.23
N VAL A 97 20.50 35.01 9.67
CA VAL A 97 20.57 33.88 8.74
C VAL A 97 19.35 33.84 7.83
N ALA A 98 18.17 34.21 8.35
CA ALA A 98 16.94 34.12 7.59
C ALA A 98 16.87 35.15 6.47
N VAL A 99 17.48 36.33 6.67
CA VAL A 99 17.52 37.31 5.60
C VAL A 99 18.21 36.72 4.36
N LEU A 100 19.41 36.18 4.55
CA LEU A 100 20.18 35.66 3.43
C LEU A 100 19.54 34.41 2.86
N GLN A 101 18.99 33.55 3.71
CA GLN A 101 18.30 32.38 3.20
C GLN A 101 17.07 32.76 2.39
N GLY A 102 16.35 33.80 2.80
CA GLY A 102 15.21 34.25 2.03
C GLY A 102 15.60 34.82 0.68
N LEU A 103 16.69 35.60 0.64
CA LEU A 103 17.17 36.09 -0.65
C LEU A 103 17.54 34.93 -1.58
N ALA A 104 18.33 33.97 -1.07
CA ALA A 104 18.74 32.84 -1.90
C ALA A 104 17.53 32.02 -2.37
N PHE A 105 16.53 31.85 -1.52
CA PHE A 105 15.41 31.03 -1.92
C PHE A 105 14.47 31.78 -2.86
N ALA A 106 14.45 33.11 -2.79
CA ALA A 106 13.76 33.88 -3.82
C ALA A 106 14.48 33.78 -5.15
N LEU A 107 15.80 33.60 -5.12
CA LEU A 107 16.51 33.21 -6.34
C LEU A 107 16.00 31.87 -6.85
N LEU A 108 15.90 30.88 -5.95
CA LEU A 108 15.43 29.56 -6.35
C LEU A 108 14.02 29.60 -6.95
N VAL A 109 13.16 30.50 -6.47
CA VAL A 109 11.81 30.63 -7.00
C VAL A 109 11.77 31.44 -8.30
N ASP A 110 12.86 32.12 -8.65
CA ASP A 110 12.94 32.95 -9.85
C ASP A 110 12.00 34.14 -9.75
N ILE A 111 12.03 34.81 -8.60
CA ILE A 111 11.36 36.11 -8.42
C ILE A 111 12.37 37.06 -7.80
N PRO A 112 12.08 38.36 -7.79
CA PRO A 112 12.97 39.32 -7.13
C PRO A 112 13.24 38.90 -5.69
N PRO A 113 14.39 39.27 -5.13
CA PRO A 113 14.79 38.71 -3.85
C PRO A 113 14.11 39.30 -2.62
N VAL A 114 13.33 40.38 -2.77
CA VAL A 114 12.62 40.94 -1.62
C VAL A 114 11.44 40.08 -1.21
N TYR A 115 10.90 39.28 -2.14
CA TYR A 115 9.83 38.38 -1.81
C TYR A 115 10.30 37.24 -0.92
N GLY A 116 11.59 36.90 -0.98
CA GLY A 116 12.14 36.01 0.04
C GLY A 116 12.14 36.62 1.41
N LEU A 117 12.34 37.94 1.50
CA LEU A 117 12.23 38.62 2.79
C LEU A 117 10.80 38.60 3.29
N TYR A 118 9.82 38.78 2.40
CA TYR A 118 8.43 38.67 2.82
C TYR A 118 8.11 37.26 3.31
N ALA A 119 8.67 36.25 2.64
CA ALA A 119 8.45 34.87 3.05
C ALA A 119 9.15 34.55 4.36
N SER A 120 10.23 35.24 4.67
CA SER A 120 10.89 35.07 5.96
C SER A 120 10.22 35.88 7.06
N PHE A 121 9.39 36.86 6.71
CA PHE A 121 8.72 37.67 7.72
C PHE A 121 7.36 37.12 8.12
N PHE A 122 6.44 36.93 7.17
CA PHE A 122 5.04 36.72 7.55
C PHE A 122 4.79 35.39 8.25
N PRO A 123 5.23 34.25 7.73
CA PRO A 123 4.93 32.98 8.42
C PRO A 123 5.49 32.91 9.82
N ALA A 124 6.64 33.53 10.09
CA ALA A 124 7.19 33.53 11.45
C ALA A 124 6.28 34.29 12.39
N ILE A 125 5.75 35.43 11.97
CA ILE A 125 4.89 36.22 12.82
C ILE A 125 3.57 35.51 13.08
N ILE A 126 3.08 34.74 12.11
CA ILE A 126 1.83 34.00 12.36
C ILE A 126 2.09 32.80 13.25
N TYR A 127 3.19 32.09 13.04
CA TYR A 127 3.50 30.92 13.86
C TYR A 127 3.84 31.31 15.29
N LEU A 128 4.28 32.55 15.51
CA LEU A 128 4.44 33.02 16.88
C LEU A 128 3.14 32.92 17.66
N PHE A 129 2.02 33.12 17.00
CA PHE A 129 0.71 33.10 17.65
C PHE A 129 0.05 31.74 17.61
N PHE A 130 0.18 31.01 16.50
CA PHE A 130 -0.58 29.78 16.32
C PHE A 130 0.25 28.51 16.36
N GLY A 131 1.55 28.68 16.54
CA GLY A 131 2.47 27.57 16.52
C GLY A 131 2.66 26.89 17.85
N THR A 132 2.94 25.60 17.79
CA THR A 132 3.17 24.83 18.98
C THR A 132 4.64 24.58 19.25
N SER A 133 5.45 24.71 18.21
CA SER A 133 6.87 24.45 18.35
C SER A 133 7.56 25.63 18.98
N ARG A 134 8.60 25.34 19.73
CA ARG A 134 9.34 26.39 20.40
C ARG A 134 10.75 26.55 19.88
N HIS A 135 11.16 25.77 18.89
CA HIS A 135 12.57 25.75 18.49
C HIS A 135 12.78 25.81 16.99
N ILE A 136 11.76 25.68 16.17
CA ILE A 136 11.92 25.71 14.73
C ILE A 136 11.86 27.14 14.23
N SER A 137 12.63 27.43 13.18
CA SER A 137 12.62 28.71 12.52
C SER A 137 11.70 28.62 11.31
N VAL A 138 10.64 29.41 11.30
CA VAL A 138 9.61 29.32 10.28
C VAL A 138 9.97 30.22 9.11
N GLY A 139 9.91 29.66 7.91
CA GLY A 139 10.33 30.35 6.71
C GLY A 139 10.58 29.36 5.60
N PRO A 140 11.14 29.83 4.49
CA PRO A 140 11.35 28.96 3.33
C PRO A 140 12.60 28.09 3.48
N PHE A 141 12.58 26.97 2.78
CA PHE A 141 13.73 26.09 2.69
C PHE A 141 13.92 25.70 1.24
N PRO A 142 15.12 25.24 0.85
CA PRO A 142 15.41 25.10 -0.59
C PRO A 142 14.47 24.18 -1.34
N ILE A 143 14.07 23.06 -0.74
CA ILE A 143 13.22 22.11 -1.45
C ILE A 143 11.86 22.73 -1.75
N LEU A 144 11.30 23.47 -0.80
CA LEU A 144 9.99 24.05 -1.04
C LEU A 144 10.07 25.23 -1.99
N SER A 145 11.17 25.99 -1.97
CA SER A 145 11.34 27.05 -2.96
C SER A 145 11.45 26.47 -4.36
N MET A 146 12.14 25.34 -4.50
CA MET A 146 12.22 24.67 -5.78
C MET A 146 10.86 24.18 -6.24
N MET A 147 10.09 23.57 -5.34
CA MET A 147 8.76 23.10 -5.69
C MET A 147 7.83 24.25 -6.06
N VAL A 148 7.91 25.36 -5.33
CA VAL A 148 7.08 26.51 -5.64
C VAL A 148 7.48 27.12 -6.97
N GLY A 149 8.79 27.16 -7.27
CA GLY A 149 9.21 27.69 -8.56
C GLY A 149 8.77 26.82 -9.72
N LEU A 150 8.80 25.50 -9.55
CA LEU A 150 8.30 24.62 -10.59
C LEU A 150 6.79 24.77 -10.78
N ALA A 151 6.05 24.90 -9.68
CA ALA A 151 4.62 25.13 -9.78
C ALA A 151 4.31 26.44 -10.47
N VAL A 152 5.13 27.46 -10.22
CA VAL A 152 4.96 28.77 -10.83
C VAL A 152 5.20 28.75 -12.33
N SER A 153 6.22 28.01 -12.77
CA SER A 153 6.49 27.89 -14.19
C SER A 153 5.32 27.22 -14.89
N GLY A 154 4.76 26.18 -14.27
CA GLY A 154 3.63 25.49 -14.83
C GLY A 154 2.42 26.39 -14.94
N ALA A 155 2.19 27.20 -13.92
CA ALA A 155 1.05 28.11 -13.91
C ALA A 155 1.20 29.14 -15.01
N VAL A 156 2.41 29.62 -15.21
CA VAL A 156 2.67 30.60 -16.25
C VAL A 156 2.57 29.89 -17.60
N SER A 157 3.01 28.66 -17.70
CA SER A 157 2.89 28.00 -18.99
C SER A 157 1.43 27.70 -19.34
N LYS A 158 0.67 27.17 -18.39
CA LYS A 158 -0.72 26.84 -18.68
C LYS A 158 -1.66 28.04 -18.66
N ALA A 159 -1.15 29.25 -18.43
CA ALA A 159 -2.03 30.42 -18.35
C ALA A 159 -2.53 30.82 -19.73
N VAL A 160 -3.84 31.00 -19.85
CA VAL A 160 -4.47 31.38 -21.11
C VAL A 160 -4.01 32.78 -21.47
N PRO A 161 -3.71 33.06 -22.76
CA PRO A 161 -3.26 34.40 -23.14
C PRO A 161 -4.37 35.44 -23.04
N LEU A 179 10.66 42.87 -19.57
CA LEU A 179 10.96 41.66 -18.80
C LEU A 179 10.29 41.70 -17.43
N LEU A 180 10.00 42.91 -16.95
CA LEU A 180 9.40 43.06 -15.63
C LEU A 180 8.01 42.46 -15.57
N ASP A 181 7.32 42.44 -16.70
CA ASP A 181 5.98 41.88 -16.71
C ASP A 181 6.06 40.37 -16.58
N ASP A 182 7.21 39.80 -16.92
CA ASP A 182 7.40 38.37 -16.81
C ASP A 182 7.54 37.99 -15.34
N GLU A 183 8.32 38.77 -14.61
CA GLU A 183 8.58 38.56 -13.18
C GLU A 183 7.36 38.94 -12.35
N ARG A 184 6.56 39.89 -12.83
CA ARG A 184 5.31 40.21 -12.13
C ARG A 184 4.33 39.05 -12.21
N VAL A 185 4.22 38.42 -13.38
CA VAL A 185 3.40 37.24 -13.54
C VAL A 185 3.91 36.12 -12.62
N ARG A 186 5.22 35.94 -12.55
CA ARG A 186 5.78 34.90 -11.70
C ARG A 186 5.49 35.19 -10.22
N VAL A 187 5.57 36.45 -9.81
CA VAL A 187 5.27 36.80 -8.43
C VAL A 187 3.82 36.52 -8.10
N ALA A 188 2.91 36.87 -9.01
CA ALA A 188 1.49 36.60 -8.77
C ALA A 188 1.22 35.10 -8.69
N ALA A 189 1.84 34.32 -9.57
CA ALA A 189 1.63 32.87 -9.54
C ALA A 189 2.22 32.26 -8.27
N ALA A 190 3.34 32.80 -7.78
CA ALA A 190 3.92 32.29 -6.54
C ALA A 190 3.01 32.60 -5.36
N ALA A 191 2.51 33.83 -5.30
CA ALA A 191 1.58 34.19 -4.22
C ALA A 191 0.36 33.30 -4.23
N SER A 192 -0.20 33.02 -5.42
CA SER A 192 -1.40 32.20 -5.49
C SER A 192 -1.12 30.75 -5.12
N VAL A 193 -0.01 30.20 -5.59
CA VAL A 193 0.38 28.83 -5.23
C VAL A 193 0.56 28.73 -3.71
N THR A 194 1.12 29.78 -3.10
CA THR A 194 1.32 29.78 -1.66
C THR A 194 -0.01 29.83 -0.92
N VAL A 195 -0.94 30.68 -1.38
CA VAL A 195 -2.24 30.76 -0.72
C VAL A 195 -2.98 29.44 -0.82
N LEU A 196 -2.88 28.75 -1.96
CA LEU A 196 -3.57 27.48 -2.07
C LEU A 196 -2.91 26.39 -1.22
N SER A 197 -1.58 26.40 -1.14
CA SER A 197 -0.89 25.47 -0.26
C SER A 197 -1.30 25.69 1.19
N GLY A 198 -1.38 26.95 1.61
CA GLY A 198 -1.79 27.24 2.97
C GLY A 198 -3.24 26.86 3.23
N ILE A 199 -4.11 27.05 2.24
CA ILE A 199 -5.50 26.64 2.37
C ILE A 199 -5.59 25.13 2.56
N ILE A 200 -4.81 24.37 1.79
CA ILE A 200 -4.84 22.92 1.92
C ILE A 200 -4.30 22.48 3.27
N GLN A 201 -3.24 23.12 3.76
CA GLN A 201 -2.71 22.78 5.07
C GLN A 201 -3.70 23.11 6.18
N LEU A 202 -4.33 24.29 6.11
CA LEU A 202 -5.28 24.68 7.14
C LEU A 202 -6.50 23.77 7.13
N ALA A 203 -6.94 23.33 5.94
CA ALA A 203 -8.05 22.40 5.86
C ALA A 203 -7.67 21.04 6.44
N PHE A 204 -6.45 20.57 6.17
CA PHE A 204 -6.01 19.30 6.73
C PHE A 204 -5.86 19.37 8.24
N GLY A 205 -5.55 20.56 8.78
CA GLY A 205 -5.47 20.71 10.21
C GLY A 205 -6.81 20.89 10.89
N ILE A 206 -7.79 21.43 10.18
CA ILE A 206 -9.13 21.58 10.75
C ILE A 206 -9.82 20.22 10.83
N LEU A 207 -9.68 19.39 9.80
CA LEU A 207 -10.25 18.05 9.81
C LEU A 207 -9.48 17.08 10.71
N ARG A 208 -8.41 17.54 11.35
CA ARG A 208 -7.63 16.75 12.31
C ARG A 208 -7.00 15.54 11.62
N ILE A 209 -6.29 15.78 10.51
CA ILE A 209 -5.60 14.72 9.79
C ILE A 209 -4.10 14.91 9.91
N GLY A 210 -3.66 15.46 11.05
CA GLY A 210 -2.25 15.71 11.25
C GLY A 210 -1.40 14.48 11.44
N PHE A 211 -1.96 13.30 11.18
CA PHE A 211 -1.24 12.04 11.29
C PHE A 211 -0.81 11.49 9.94
N VAL A 212 -0.95 12.26 8.87
CA VAL A 212 -0.53 11.79 7.55
C VAL A 212 0.99 11.67 7.44
N VAL A 213 1.73 12.31 8.34
CA VAL A 213 3.18 12.23 8.32
C VAL A 213 3.67 10.81 8.53
N ILE A 214 2.81 9.92 9.04
CA ILE A 214 3.19 8.53 9.23
C ILE A 214 3.24 7.77 7.92
N TYR A 215 2.71 8.35 6.84
CA TYR A 215 2.73 7.67 5.55
C TYR A 215 4.02 7.88 4.79
N LEU A 216 5.01 8.50 5.42
CA LEU A 216 6.34 8.69 4.83
C LEU A 216 7.35 8.05 5.77
N SER A 217 7.95 6.95 5.34
CA SER A 217 8.95 6.22 6.10
C SER A 217 10.31 6.92 6.11
N GLU A 218 11.20 6.52 7.02
CA GLU A 218 12.50 7.14 7.12
C GLU A 218 13.28 7.02 5.82
N SER A 219 13.14 5.89 5.12
CA SER A 219 13.93 5.68 3.90
C SER A 219 13.31 6.40 2.72
N LEU A 220 11.99 6.48 2.66
CA LEU A 220 11.35 7.34 1.67
C LEU A 220 11.80 8.78 1.83
N ILE A 221 11.79 9.29 3.06
CA ILE A 221 12.20 10.67 3.31
C ILE A 221 13.68 10.84 3.01
N SER A 222 14.50 9.85 3.34
CA SER A 222 15.93 9.94 3.08
C SER A 222 16.22 10.02 1.60
N GLY A 223 15.64 9.11 0.80
CA GLY A 223 15.87 9.14 -0.63
C GLY A 223 15.30 10.39 -1.27
N PHE A 224 14.13 10.83 -0.81
CA PHE A 224 13.53 12.04 -1.36
C PHE A 224 14.39 13.25 -1.08
N THR A 225 14.89 13.39 0.15
CA THR A 225 15.69 14.56 0.49
C THR A 225 17.07 14.50 -0.16
N THR A 226 17.62 13.31 -0.40
CA THR A 226 18.90 13.23 -1.13
C THR A 226 18.70 13.64 -2.59
N ALA A 227 17.67 13.11 -3.24
CA ALA A 227 17.38 13.51 -4.62
C ALA A 227 17.06 14.99 -4.71
N ALA A 228 16.38 15.53 -3.69
CA ALA A 228 16.05 16.95 -3.69
C ALA A 228 17.27 17.81 -3.43
N ALA A 229 18.22 17.33 -2.64
CA ALA A 229 19.48 18.05 -2.48
C ALA A 229 20.24 18.08 -3.79
N VAL A 230 20.19 16.99 -4.56
CA VAL A 230 20.79 17.00 -5.90
C VAL A 230 20.07 18.01 -6.79
N HIS A 231 18.74 18.06 -6.70
CA HIS A 231 17.97 19.06 -7.44
C HIS A 231 18.42 20.47 -7.10
N VAL A 232 18.58 20.76 -5.80
CA VAL A 232 18.96 22.10 -5.37
C VAL A 232 20.38 22.42 -5.77
N LEU A 233 21.25 21.41 -5.77
CA LEU A 233 22.61 21.60 -6.27
C LEU A 233 22.60 22.01 -7.73
N VAL A 234 21.84 21.27 -8.56
CA VAL A 234 21.81 21.57 -9.98
C VAL A 234 21.15 22.91 -10.24
N SER A 235 20.20 23.29 -9.39
CA SER A 235 19.49 24.57 -9.57
C SER A 235 20.30 25.81 -9.20
N GLN A 236 21.37 25.63 -8.45
CA GLN A 236 22.24 26.74 -8.12
C GLN A 236 23.36 26.93 -9.13
N LEU A 237 23.42 26.12 -10.19
CA LEU A 237 24.53 26.20 -11.12
C LEU A 237 24.39 27.41 -12.05
N LYS A 238 23.17 27.84 -12.35
CA LYS A 238 22.98 29.03 -13.17
C LYS A 238 23.39 30.31 -12.45
N PHE A 239 23.68 30.25 -11.15
CA PHE A 239 24.14 31.39 -10.40
C PHE A 239 25.62 31.34 -10.08
N ILE A 240 26.18 30.14 -9.88
CA ILE A 240 27.63 30.01 -9.75
C ILE A 240 28.32 30.44 -11.03
N PHE A 241 27.86 29.93 -12.18
CA PHE A 241 28.43 30.26 -13.47
C PHE A 241 27.83 31.51 -14.11
N GLN A 242 26.67 31.96 -13.63
CA GLN A 242 25.94 33.10 -14.20
C GLN A 242 25.49 32.84 -15.64
N LEU A 243 24.67 31.82 -15.84
CA LEU A 243 24.15 31.49 -17.15
C LEU A 243 22.64 31.69 -17.21
N THR A 244 22.12 31.87 -18.42
CA THR A 244 20.69 32.02 -18.65
C THR A 244 20.12 30.64 -18.96
N VAL A 245 19.37 30.09 -18.02
CA VAL A 245 18.74 28.78 -18.16
C VAL A 245 17.24 28.98 -18.20
N PRO A 246 16.53 28.38 -19.17
CA PRO A 246 15.08 28.52 -19.22
C PRO A 246 14.40 27.91 -18.00
N SER A 247 13.10 28.17 -17.88
CA SER A 247 12.34 27.66 -16.75
C SER A 247 11.76 26.30 -17.09
N HIS A 248 12.60 25.29 -17.06
CA HIS A 248 12.18 23.96 -17.38
C HIS A 248 11.23 23.43 -16.34
N THR A 249 10.32 22.57 -16.77
CA THR A 249 9.37 21.95 -15.88
C THR A 249 9.54 20.45 -15.98
N ASP A 250 9.05 19.73 -14.99
CA ASP A 250 9.16 18.29 -14.97
C ASP A 250 8.22 17.66 -15.98
N PRO A 251 8.55 16.46 -16.47
CA PRO A 251 9.54 15.50 -15.99
C PRO A 251 10.97 15.80 -16.42
N VAL A 252 11.92 15.23 -15.71
CA VAL A 252 13.36 15.36 -15.99
C VAL A 252 13.88 16.79 -16.12
N SER A 253 13.39 17.69 -15.27
CA SER A 253 13.82 19.07 -15.32
C SER A 253 15.29 19.24 -14.93
N ILE A 254 15.79 18.34 -14.09
CA ILE A 254 17.18 18.40 -13.66
C ILE A 254 18.12 18.16 -14.83
N PHE A 255 17.75 17.28 -15.75
CA PHE A 255 18.57 17.03 -16.92
C PHE A 255 18.42 18.14 -17.93
N LYS A 256 17.19 18.60 -18.16
CA LYS A 256 16.97 19.72 -19.05
C LYS A 256 17.82 20.87 -18.57
N VAL A 257 17.91 21.01 -17.25
CA VAL A 257 18.67 22.09 -16.66
C VAL A 257 20.16 21.81 -16.77
N LEU A 258 20.59 20.59 -16.49
CA LEU A 258 22.01 20.29 -16.65
C LEU A 258 22.50 20.59 -18.06
N TYR A 259 21.71 20.21 -19.06
CA TYR A 259 22.08 20.48 -20.43
C TYR A 259 22.19 21.97 -20.72
N SER A 260 21.18 22.73 -20.30
CA SER A 260 21.20 24.16 -20.53
C SER A 260 22.43 24.80 -19.95
N VAL A 261 22.85 24.35 -18.77
CA VAL A 261 24.02 24.93 -18.13
C VAL A 261 25.30 24.58 -18.86
N PHE A 262 25.52 23.30 -19.12
CA PHE A 262 26.78 22.87 -19.74
C PHE A 262 26.82 23.08 -21.25
N SER A 263 25.68 23.29 -21.87
CA SER A 263 25.66 23.62 -23.29
C SER A 263 26.30 24.98 -23.48
N GLN A 264 26.25 25.81 -22.46
CA GLN A 264 26.87 27.13 -22.55
C GLN A 264 27.96 27.34 -21.49
N ILE A 265 28.66 26.27 -21.12
CA ILE A 265 29.68 26.39 -20.08
C ILE A 265 30.85 27.23 -20.53
N GLU A 266 30.85 27.71 -21.77
CA GLU A 266 31.90 28.60 -22.25
C GLU A 266 31.64 30.06 -21.88
N LYS A 267 30.39 30.45 -21.67
CA LYS A 267 30.04 31.81 -21.27
C LYS A 267 30.09 32.01 -19.76
N THR A 268 30.69 31.06 -19.04
CA THR A 268 30.73 31.12 -17.59
C THR A 268 31.51 32.33 -17.09
N ASN A 269 30.90 33.11 -16.19
CA ASN A 269 31.61 34.21 -15.56
C ASN A 269 32.63 33.65 -14.59
N ILE A 270 33.88 34.13 -14.68
CA ILE A 270 34.93 33.58 -13.84
C ILE A 270 34.91 34.23 -12.46
N ALA A 271 34.54 35.51 -12.38
CA ALA A 271 34.46 36.17 -11.09
C ALA A 271 33.37 35.56 -10.22
N ASP A 272 32.22 35.26 -10.82
CA ASP A 272 31.14 34.62 -10.08
C ASP A 272 31.57 33.26 -9.56
N LEU A 273 32.20 32.44 -10.42
CA LEU A 273 32.59 31.10 -10.02
C LEU A 273 33.65 31.15 -8.93
N VAL A 274 34.63 32.06 -9.06
CA VAL A 274 35.68 32.16 -8.06
C VAL A 274 35.11 32.61 -6.71
N THR A 275 34.23 33.62 -6.72
CA THR A 275 33.65 34.09 -5.48
C THR A 275 32.78 33.03 -4.82
N ALA A 276 31.99 32.31 -5.63
CA ALA A 276 31.17 31.25 -5.08
C ALA A 276 32.02 30.13 -4.49
N LEU A 277 33.12 29.81 -5.15
CA LEU A 277 34.00 28.75 -4.67
C LEU A 277 34.68 29.09 -3.35
N ILE A 278 35.23 30.28 -3.26
CA ILE A 278 35.92 30.69 -2.05
C ILE A 278 34.97 30.69 -0.88
N VAL A 279 33.77 31.23 -1.09
CA VAL A 279 32.79 31.27 -0.01
C VAL A 279 32.43 29.88 0.45
N LEU A 280 32.17 28.98 -0.49
CA LEU A 280 31.80 27.62 -0.13
C LEU A 280 32.91 26.97 0.68
N LEU A 281 34.16 27.15 0.26
CA LEU A 281 35.28 26.59 0.99
C LEU A 281 35.33 27.09 2.42
N VAL A 282 35.28 28.41 2.59
CA VAL A 282 35.35 28.99 3.93
C VAL A 282 34.21 28.54 4.82
N VAL A 283 32.98 28.64 4.34
CA VAL A 283 31.84 28.30 5.17
C VAL A 283 31.90 26.84 5.57
N SER A 284 32.31 25.98 4.64
CA SER A 284 32.40 24.56 4.92
C SER A 284 33.38 24.31 6.06
N ILE A 285 34.55 24.90 5.96
CA ILE A 285 35.55 24.73 7.00
C ILE A 285 35.04 25.21 8.34
N VAL A 286 34.47 26.41 8.39
CA VAL A 286 34.02 26.98 9.66
C VAL A 286 32.84 26.20 10.24
N LYS A 287 31.96 25.71 9.38
CA LYS A 287 30.83 24.92 9.82
C LYS A 287 31.35 23.67 10.49
N GLU A 288 32.45 23.13 9.97
CA GLU A 288 33.08 22.00 10.61
C GLU A 288 33.70 22.46 11.91
N ILE A 289 34.53 23.48 11.83
CA ILE A 289 35.11 24.03 13.04
C ILE A 289 33.99 24.22 14.04
N ASN A 290 32.83 24.66 13.59
CA ASN A 290 31.70 24.91 14.48
C ASN A 290 31.08 23.68 15.16
N GLN A 291 30.74 22.67 14.37
CA GLN A 291 30.16 21.45 14.87
C GLN A 291 31.11 20.69 15.78
N ARG A 292 32.39 20.69 15.44
CA ARG A 292 33.40 19.99 16.22
C ARG A 292 33.75 20.67 17.54
N PHE A 293 34.15 21.93 17.49
CA PHE A 293 34.57 22.65 18.69
C PHE A 293 33.38 23.34 19.34
N LYS A 294 32.26 22.63 19.45
CA LYS A 294 31.04 23.21 20.02
C LYS A 294 31.25 23.72 21.45
N ASP A 295 32.10 23.03 22.21
CA ASP A 295 32.25 23.37 23.63
C ASP A 295 33.04 24.67 23.81
N LYS A 296 34.18 24.81 23.13
CA LYS A 296 35.03 25.97 23.34
C LYS A 296 34.35 27.25 22.86
N LEU A 297 33.44 27.14 21.90
CA LEU A 297 32.76 28.34 21.41
C LEU A 297 31.53 28.62 22.23
N PRO A 298 31.42 29.80 22.84
CA PRO A 298 30.18 30.14 23.55
C PRO A 298 28.99 30.25 22.62
N VAL A 299 29.21 30.77 21.41
CA VAL A 299 28.18 30.86 20.38
C VAL A 299 28.82 30.38 19.08
N PRO A 300 28.09 29.70 18.20
CA PRO A 300 28.68 29.33 16.91
C PRO A 300 29.09 30.56 16.12
N ILE A 301 30.21 30.44 15.40
CA ILE A 301 30.74 31.52 14.59
C ILE A 301 29.77 31.82 13.46
N PRO A 302 29.22 33.03 13.38
CA PRO A 302 28.34 33.35 12.24
C PRO A 302 29.15 33.52 10.98
N ILE A 303 29.13 32.51 10.11
CA ILE A 303 30.01 32.52 8.95
C ILE A 303 29.26 32.96 7.70
N GLU A 304 27.97 32.72 7.69
CA GLU A 304 27.14 33.13 6.59
C GLU A 304 27.20 34.64 6.57
N PHE A 305 26.94 35.26 7.72
CA PHE A 305 26.90 36.70 7.88
C PHE A 305 28.24 37.33 7.54
N ILE A 306 29.33 36.80 8.11
CA ILE A 306 30.66 37.38 7.88
C ILE A 306 31.03 37.29 6.40
N MET A 307 30.76 36.13 5.79
CA MET A 307 31.07 35.96 4.38
C MET A 307 30.24 36.91 3.52
N THR A 308 28.98 37.15 3.89
CA THR A 308 28.14 38.07 3.14
C THR A 308 28.64 39.50 3.26
N VAL A 309 29.01 39.94 4.47
CA VAL A 309 29.54 41.29 4.62
C VAL A 309 30.83 41.46 3.83
N ILE A 310 31.73 40.48 3.89
CA ILE A 310 32.98 40.61 3.17
C ILE A 310 32.76 40.60 1.66
N ALA A 311 31.86 39.74 1.19
CA ALA A 311 31.55 39.69 -0.24
C ALA A 311 30.96 41.01 -0.72
N ALA A 312 29.97 41.54 0.01
CA ALA A 312 29.38 42.81 -0.39
C ALA A 312 30.38 43.95 -0.33
N GLY A 313 31.30 43.91 0.64
CA GLY A 313 32.28 44.97 0.75
C GLY A 313 33.27 44.96 -0.39
N VAL A 314 33.80 43.78 -0.72
CA VAL A 314 34.74 43.70 -1.85
C VAL A 314 34.05 43.81 -3.19
N SER A 315 32.73 43.63 -3.24
CA SER A 315 31.98 43.85 -4.47
C SER A 315 31.59 45.31 -4.66
N TYR A 316 31.40 46.06 -3.58
CA TYR A 316 31.09 47.48 -3.68
C TYR A 316 32.34 48.34 -3.82
N GLY A 317 33.38 48.02 -3.06
CA GLY A 317 34.62 48.76 -3.14
C GLY A 317 35.32 48.61 -4.46
N CYS A 318 35.41 47.39 -4.97
CA CYS A 318 36.14 47.15 -6.21
C CYS A 318 35.20 47.20 -7.41
N ASP A 319 33.96 47.59 -7.20
CA ASP A 319 32.99 47.69 -8.29
C ASP A 319 33.01 46.45 -9.16
N PHE A 320 32.82 45.28 -8.56
CA PHE A 320 32.83 44.03 -9.30
C PHE A 320 31.75 44.00 -10.36
N LYS A 321 30.67 44.74 -10.13
CA LYS A 321 29.56 44.74 -11.07
C LYS A 321 29.96 45.26 -12.42
N ASN A 322 30.82 46.28 -12.44
CA ASN A 322 31.24 46.85 -13.69
C ASN A 322 32.55 46.25 -14.13
N ARG A 323 33.44 46.00 -13.18
CA ARG A 323 34.75 45.44 -13.50
C ARG A 323 34.67 44.00 -14.03
N PHE A 324 33.86 43.16 -13.41
CA PHE A 324 33.77 41.78 -13.84
C PHE A 324 32.40 41.41 -14.34
N LYS A 325 31.50 42.39 -14.39
CA LYS A 325 30.14 42.20 -14.86
C LYS A 325 29.38 41.08 -14.15
N VAL A 326 29.55 41.01 -12.84
CA VAL A 326 28.87 40.00 -12.03
C VAL A 326 27.43 40.42 -11.73
N ALA A 327 26.57 39.44 -11.55
CA ALA A 327 25.16 39.62 -11.23
C ALA A 327 25.01 39.85 -9.74
N VAL A 328 24.36 40.95 -9.36
CA VAL A 328 24.22 41.34 -7.97
C VAL A 328 22.74 41.28 -7.59
N VAL A 329 22.49 41.39 -6.28
CA VAL A 329 21.12 41.33 -5.79
C VAL A 329 20.30 42.52 -6.30
N GLY A 330 20.95 43.67 -6.41
CA GLY A 330 20.30 44.83 -7.00
C GLY A 330 19.57 45.67 -5.98
N ASP A 331 18.84 46.65 -6.48
CA ASP A 331 18.09 47.55 -5.63
C ASP A 331 16.72 46.97 -5.33
N MET A 332 16.37 46.89 -4.05
CA MET A 332 15.11 46.33 -3.62
C MET A 332 14.16 47.45 -3.21
N ASN A 333 12.87 47.24 -3.47
CA ASN A 333 11.85 48.22 -3.11
C ASN A 333 11.70 48.29 -1.60
N PRO A 334 12.00 49.43 -0.98
CA PRO A 334 11.92 49.50 0.48
C PRO A 334 10.48 49.53 0.96
N GLY A 335 10.07 48.43 1.58
CA GLY A 335 8.73 48.30 2.12
C GLY A 335 8.01 47.07 1.60
N PHE A 336 6.80 46.89 2.10
CA PHE A 336 5.99 45.73 1.77
C PHE A 336 5.08 46.05 0.59
N GLN A 337 4.50 45.02 0.04
CA GLN A 337 3.57 45.20 -1.05
C GLN A 337 2.13 45.17 -0.55
N PRO A 338 1.22 45.85 -1.22
CA PRO A 338 -0.20 45.77 -0.86
C PRO A 338 -0.71 44.34 -0.99
N PRO A 339 -1.80 44.00 -0.31
CA PRO A 339 -2.34 42.64 -0.43
C PRO A 339 -2.78 42.34 -1.85
N ILE A 340 -2.67 41.08 -2.23
CA ILE A 340 -3.00 40.61 -3.57
C ILE A 340 -4.18 39.67 -3.47
N THR A 341 -4.91 39.54 -4.57
CA THR A 341 -6.03 38.60 -4.62
C THR A 341 -5.61 37.35 -5.37
N PRO A 342 -5.80 36.15 -4.81
CA PRO A 342 -5.33 34.94 -5.48
C PRO A 342 -6.07 34.70 -6.78
N ASP A 343 -5.31 34.41 -7.84
CA ASP A 343 -5.87 34.08 -9.13
C ASP A 343 -6.47 32.69 -9.04
N VAL A 344 -7.76 32.59 -9.35
CA VAL A 344 -8.41 31.30 -9.34
C VAL A 344 -7.90 30.52 -10.53
N GLU A 345 -7.45 31.23 -11.56
CA GLU A 345 -6.87 30.53 -12.70
C GLU A 345 -5.60 29.83 -12.27
N THR A 346 -4.75 30.52 -11.53
CA THR A 346 -3.53 29.91 -11.02
C THR A 346 -3.92 28.76 -10.09
N PHE A 347 -4.94 28.97 -9.29
CA PHE A 347 -5.40 27.91 -8.40
C PHE A 347 -5.78 26.68 -9.21
N GLN A 348 -6.54 26.87 -10.29
CA GLN A 348 -6.96 25.76 -11.12
C GLN A 348 -5.78 25.07 -11.77
N ASN A 349 -4.78 25.82 -12.16
CA ASN A 349 -3.64 25.23 -12.87
C ASN A 349 -2.57 24.66 -11.96
N THR A 350 -2.69 24.86 -10.65
CA THR A 350 -1.64 24.41 -9.73
C THR A 350 -2.14 23.60 -8.54
N VAL A 351 -3.34 23.04 -8.65
CA VAL A 351 -3.92 22.28 -7.53
C VAL A 351 -3.00 21.16 -7.08
N GLY A 352 -2.55 20.32 -8.00
CA GLY A 352 -1.68 19.22 -7.66
C GLY A 352 -0.37 19.70 -7.06
N ASP A 353 0.20 20.73 -7.66
CA ASP A 353 1.43 21.29 -7.14
C ASP A 353 1.25 21.84 -5.74
N CYS A 354 0.13 22.51 -5.49
CA CYS A 354 -0.12 23.09 -4.19
C CYS A 354 -0.31 22.03 -3.13
N PHE A 355 -0.94 20.91 -3.48
CA PHE A 355 -1.09 19.81 -2.55
C PHE A 355 0.27 19.26 -2.17
N GLY A 356 1.15 19.11 -3.15
CA GLY A 356 2.49 18.62 -2.89
C GLY A 356 3.29 19.58 -2.06
N ILE A 357 3.19 20.87 -2.36
CA ILE A 357 3.89 21.87 -1.59
C ILE A 357 3.42 21.82 -0.15
N ALA A 358 2.13 21.60 0.05
CA ALA A 358 1.58 21.48 1.39
C ALA A 358 2.01 20.19 2.14
N MET A 359 2.06 19.03 1.46
CA MET A 359 2.48 17.81 2.12
C MET A 359 3.97 17.82 2.47
N VAL A 360 4.82 18.28 1.54
CA VAL A 360 6.25 18.32 1.83
C VAL A 360 6.54 19.33 2.94
N ALA A 361 5.87 20.49 2.91
CA ALA A 361 6.07 21.50 3.94
C ALA A 361 5.72 20.95 5.31
N PHE A 362 4.54 20.32 5.44
CA PHE A 362 4.16 19.77 6.73
C PHE A 362 5.11 18.66 7.17
N ALA A 363 5.53 17.79 6.25
CA ALA A 363 6.40 16.69 6.64
C ALA A 363 7.73 17.20 7.17
N VAL A 364 8.34 18.17 6.47
CA VAL A 364 9.61 18.71 6.91
C VAL A 364 9.49 19.42 8.25
N ALA A 365 8.48 20.31 8.36
CA ALA A 365 8.32 21.05 9.61
C ALA A 365 8.05 20.12 10.78
N PHE A 366 7.16 19.17 10.58
CA PHE A 366 6.88 18.28 11.66
C PHE A 366 8.12 17.50 12.02
N SER A 367 8.90 17.07 11.03
CA SER A 367 10.12 16.33 11.33
C SER A 367 11.10 17.17 12.11
N VAL A 368 11.31 18.41 11.67
CA VAL A 368 12.23 19.30 12.34
C VAL A 368 11.77 19.65 13.74
N ALA A 369 10.48 19.95 13.88
CA ALA A 369 9.92 20.28 15.18
C ALA A 369 9.97 19.12 16.16
N SER A 370 9.73 17.91 15.65
CA SER A 370 9.74 16.71 16.49
C SER A 370 11.07 16.44 17.15
N VAL A 371 12.14 16.67 16.43
CA VAL A 371 13.47 16.46 16.96
C VAL A 371 13.68 17.25 18.25
N TYR A 372 13.08 18.42 18.31
CA TYR A 372 13.27 19.33 19.43
C TYR A 372 12.23 19.16 20.51
N SER A 373 11.09 18.57 20.17
CA SER A 373 10.04 18.31 21.15
C SER A 373 10.62 17.22 22.01
N LEU A 374 11.14 16.22 21.34
CA LEU A 374 11.76 15.10 21.98
C LEU A 374 13.00 15.56 22.71
N LYS A 375 13.84 16.37 22.09
CA LYS A 375 15.05 16.80 22.78
C LYS A 375 14.78 17.66 24.01
N TYR A 376 13.66 18.38 24.01
CA TYR A 376 13.30 19.28 25.12
C TYR A 376 12.04 18.94 25.91
N ASP A 377 11.49 17.75 25.69
CA ASP A 377 10.30 17.28 26.41
C ASP A 377 9.00 18.09 26.45
N TYR A 378 8.51 18.57 25.33
CA TYR A 378 7.22 19.28 25.32
C TYR A 378 6.33 18.68 24.23
N PRO A 379 5.01 18.67 24.44
CA PRO A 379 4.10 18.06 23.46
C PRO A 379 3.93 18.92 22.22
N LEU A 380 3.87 18.23 21.08
CA LEU A 380 3.79 18.87 19.76
C LEU A 380 2.51 18.40 19.07
N ASP A 381 1.55 19.31 18.95
CA ASP A 381 0.29 19.02 18.28
C ASP A 381 0.49 19.08 16.78
N GLY A 382 0.18 18.00 16.07
CA GLY A 382 0.36 17.98 14.63
C GLY A 382 -0.72 18.75 13.90
N ASN A 383 -1.94 18.74 14.42
CA ASN A 383 -3.03 19.49 13.79
C ASN A 383 -2.85 20.98 13.99
N GLN A 384 -2.33 21.39 15.15
CA GLN A 384 -2.02 22.80 15.32
C GLN A 384 -0.80 23.20 14.49
N GLU A 385 0.11 22.27 14.24
CA GLU A 385 1.18 22.53 13.28
C GLU A 385 0.59 22.84 11.91
N LEU A 386 -0.32 21.99 11.44
CA LEU A 386 -0.94 22.23 10.15
C LEU A 386 -1.71 23.54 10.13
N ILE A 387 -2.44 23.85 11.19
CA ILE A 387 -3.22 25.08 11.24
C ILE A 387 -2.30 26.30 11.18
N ALA A 388 -1.25 26.31 12.01
CA ALA A 388 -0.33 27.46 12.04
C ALA A 388 0.39 27.63 10.72
N LEU A 389 0.85 26.52 10.13
CA LEU A 389 1.57 26.62 8.85
C LEU A 389 0.64 27.06 7.73
N GLY A 390 -0.60 26.59 7.74
CA GLY A 390 -1.55 27.02 6.72
C GLY A 390 -1.90 28.48 6.84
N LEU A 391 -2.14 28.96 8.06
CA LEU A 391 -2.43 30.38 8.24
C LEU A 391 -1.24 31.24 7.83
N GLY A 392 -0.02 30.81 8.20
CA GLY A 392 1.15 31.56 7.81
C GLY A 392 1.35 31.61 6.31
N ASN A 393 1.10 30.49 5.62
CA ASN A 393 1.25 30.48 4.18
C ASN A 393 0.16 31.32 3.51
N ILE A 394 -1.06 31.30 4.04
CA ILE A 394 -2.12 32.13 3.48
C ILE A 394 -1.75 33.60 3.59
N VAL A 395 -1.35 34.04 4.78
CA VAL A 395 -1.00 35.45 4.94
C VAL A 395 0.22 35.83 4.11
N CYS A 396 1.23 34.97 4.06
CA CYS A 396 2.41 35.23 3.24
C CYS A 396 2.05 35.38 1.78
N GLY A 397 1.27 34.45 1.23
CA GLY A 397 0.88 34.52 -0.16
C GLY A 397 0.00 35.73 -0.46
N VAL A 398 -0.86 36.11 0.48
CA VAL A 398 -1.66 37.30 0.27
C VAL A 398 -0.76 38.54 0.20
N PHE A 399 0.29 38.59 1.00
CA PHE A 399 1.21 39.72 0.99
C PHE A 399 2.44 39.49 0.13
N ARG A 400 2.29 38.72 -0.96
CA ARG A 400 3.33 38.51 -1.97
C ARG A 400 4.57 37.82 -1.39
N GLY A 401 4.35 36.66 -0.80
CA GLY A 401 5.45 35.81 -0.40
C GLY A 401 5.34 34.44 -1.03
N PHE A 402 6.25 33.53 -0.74
CA PHE A 402 6.12 32.16 -1.23
C PHE A 402 6.20 31.20 -0.06
N ALA A 403 5.71 29.98 -0.30
CA ALA A 403 5.48 29.01 0.77
C ALA A 403 6.78 28.62 1.46
N GLY A 404 6.69 28.42 2.77
CA GLY A 404 7.79 27.89 3.54
C GLY A 404 7.31 27.44 4.89
N SER A 405 7.87 26.32 5.37
CA SER A 405 7.48 25.77 6.67
C SER A 405 8.60 25.80 7.71
N THR A 406 9.78 25.26 7.41
CA THR A 406 10.95 25.44 8.23
C THR A 406 12.13 24.78 7.54
N ALA A 407 13.30 25.39 7.72
CA ALA A 407 14.56 24.83 7.24
C ALA A 407 15.29 24.21 8.40
N LEU A 408 15.76 22.98 8.24
CA LEU A 408 16.49 22.32 9.31
C LEU A 408 17.77 23.07 9.66
N SER A 409 18.35 23.77 8.69
CA SER A 409 19.58 24.55 8.90
C SER A 409 19.36 25.79 9.74
N ARG A 410 18.29 26.50 9.46
CA ARG A 410 17.96 27.69 10.25
C ARG A 410 17.33 27.31 11.60
N SER A 411 16.57 26.30 11.71
CA SER A 411 16.05 25.91 13.00
C SER A 411 17.24 25.50 13.87
N ALA A 412 18.29 24.90 13.21
CA ALA A 412 19.47 24.54 13.98
C ALA A 412 20.20 25.76 14.56
N VAL A 413 20.34 26.81 13.77
CA VAL A 413 21.00 28.03 14.25
C VAL A 413 20.27 28.64 15.43
N GLN A 414 18.95 28.78 15.34
CA GLN A 414 18.18 29.36 16.42
C GLN A 414 18.34 28.56 17.70
N GLU A 415 18.29 27.24 17.60
CA GLU A 415 18.38 26.40 18.78
C GLU A 415 19.80 26.35 19.36
N SER A 416 20.80 26.27 18.50
CA SER A 416 22.16 26.23 18.99
C SER A 416 22.66 27.58 19.49
N THR A 417 21.92 28.65 19.25
CA THR A 417 22.33 29.94 19.75
C THR A 417 21.58 30.29 21.03
N GLY A 418 20.79 29.35 21.53
CA GLY A 418 20.10 29.58 22.78
C GLY A 418 18.61 29.79 22.72
N GLY A 419 17.98 29.38 21.64
CA GLY A 419 16.55 29.53 21.52
C GLY A 419 15.79 28.75 22.56
N LYS A 420 14.95 29.43 23.31
CA LYS A 420 14.10 28.78 24.31
C LYS A 420 12.63 28.77 23.95
N THR A 421 12.13 29.85 23.36
CA THR A 421 10.74 29.94 22.93
C THR A 421 10.67 30.47 21.51
N GLN A 422 9.47 30.80 21.05
CA GLN A 422 9.33 31.41 19.74
C GLN A 422 9.43 32.93 19.81
N ILE A 423 9.95 33.49 20.90
CA ILE A 423 10.31 34.90 20.91
C ILE A 423 11.57 35.11 20.07
N ALA A 424 12.38 34.07 19.93
CA ALA A 424 13.50 34.12 19.00
C ALA A 424 13.01 34.24 17.57
N GLY A 425 11.91 33.56 17.24
CA GLY A 425 11.32 33.74 15.91
C GLY A 425 10.76 35.13 15.72
N LEU A 426 10.15 35.69 16.76
CA LEU A 426 9.68 37.07 16.69
C LEU A 426 10.83 38.05 16.46
N ILE A 427 11.97 37.82 17.11
CA ILE A 427 13.09 38.74 16.95
C ILE A 427 13.76 38.55 15.59
N GLY A 428 13.79 37.33 15.08
CA GLY A 428 14.27 37.13 13.72
C GLY A 428 13.39 37.81 12.70
N ALA A 429 12.07 37.75 12.90
CA ALA A 429 11.15 38.46 12.01
C ALA A 429 11.31 39.97 12.15
N ILE A 430 11.62 40.47 13.34
CA ILE A 430 11.88 41.90 13.51
C ILE A 430 13.14 42.30 12.74
N ILE A 431 14.16 41.54 12.70
CA ILE A 431 15.36 41.88 11.93
C ILE A 431 15.07 41.80 10.43
N VAL A 432 14.27 40.78 10.02
CA VAL A 432 13.87 40.76 8.60
C VAL A 432 13.07 42.01 8.25
N LEU A 433 12.22 42.47 9.17
CA LEU A 433 11.47 43.71 8.97
C LEU A 433 12.41 44.90 8.86
N ILE A 434 13.42 44.96 9.73
CA ILE A 434 14.40 46.05 9.67
C ILE A 434 15.10 46.05 8.32
N VAL A 435 15.48 44.86 7.84
CA VAL A 435 16.15 44.79 6.54
C VAL A 435 15.21 45.24 5.42
N VAL A 436 13.95 44.83 5.47
CA VAL A 436 13.00 45.22 4.43
C VAL A 436 12.82 46.74 4.41
N LEU A 437 12.59 47.35 5.57
CA LEU A 437 12.19 48.75 5.61
C LEU A 437 13.38 49.72 5.61
N ALA A 438 14.49 49.37 6.26
CA ALA A 438 15.53 50.34 6.53
C ALA A 438 16.85 50.07 5.83
N ILE A 439 17.42 48.88 5.99
CA ILE A 439 18.79 48.64 5.55
C ILE A 439 18.85 47.59 4.45
N GLY A 440 17.83 47.54 3.61
CA GLY A 440 17.90 46.67 2.45
C GLY A 440 18.89 47.11 1.39
N PHE A 441 19.11 48.43 1.27
CA PHE A 441 20.05 48.96 0.28
C PHE A 441 21.48 48.47 0.49
N LEU A 442 21.80 47.98 1.69
CA LEU A 442 23.13 47.42 1.90
C LEU A 442 23.33 46.13 1.13
N LEU A 443 22.26 45.37 0.91
CA LEU A 443 22.36 44.12 0.19
C LEU A 443 22.31 44.30 -1.32
N ALA A 444 22.56 45.50 -1.81
CA ALA A 444 22.49 45.80 -3.23
C ALA A 444 23.71 45.27 -4.00
N PRO A 445 24.94 45.50 -3.55
CA PRO A 445 26.10 45.00 -4.30
C PRO A 445 26.42 43.54 -4.06
N LEU A 446 25.60 42.79 -3.35
CA LEU A 446 25.88 41.39 -3.06
C LEU A 446 25.58 40.52 -4.28
N GLN A 447 26.55 39.70 -4.67
CA GLN A 447 26.39 38.83 -5.80
C GLN A 447 25.43 37.68 -5.48
N LYS A 448 24.82 37.14 -6.53
CA LYS A 448 23.95 35.99 -6.37
C LYS A 448 24.73 34.68 -6.28
N SER A 449 25.98 34.69 -6.74
CA SER A 449 26.82 33.51 -6.60
C SER A 449 27.12 33.22 -5.14
N VAL A 450 27.24 34.26 -4.32
CA VAL A 450 27.46 34.08 -2.88
C VAL A 450 26.25 33.41 -2.24
N LEU A 451 25.04 33.84 -2.62
CA LEU A 451 23.84 33.21 -2.11
C LEU A 451 23.74 31.75 -2.54
N ALA A 452 24.05 31.47 -3.80
CA ALA A 452 24.09 30.09 -4.26
C ALA A 452 25.10 29.26 -3.46
N ALA A 453 26.27 29.84 -3.18
CA ALA A 453 27.30 29.13 -2.43
C ALA A 453 26.84 28.83 -1.01
N LEU A 454 26.14 29.77 -0.38
CA LEU A 454 25.58 29.50 0.94
C LEU A 454 24.58 28.35 0.88
N ALA A 455 23.72 28.34 -0.14
CA ALA A 455 22.75 27.25 -0.29
C ALA A 455 23.46 25.90 -0.43
N LEU A 456 24.55 25.85 -1.19
CA LEU A 456 25.27 24.58 -1.36
C LEU A 456 25.94 24.15 -0.07
N GLY A 457 26.56 25.09 0.65
CA GLY A 457 27.12 24.79 1.94
C GLY A 457 26.10 24.18 2.89
N ASN A 458 24.86 24.65 2.83
CA ASN A 458 23.81 24.01 3.61
C ASN A 458 23.36 22.68 3.02
N LEU A 459 23.53 22.48 1.72
CA LEU A 459 23.12 21.27 1.03
C LEU A 459 23.99 20.06 1.39
N LYS A 460 25.19 20.16 1.75
CA LYS A 460 26.07 19.01 1.99
C LYS A 460 25.53 18.03 3.00
N GLY A 461 24.78 18.59 4.00
CA GLY A 461 24.22 17.68 4.98
C GLY A 461 23.24 16.66 4.43
N MET A 462 22.34 17.10 3.55
CA MET A 462 21.45 16.17 2.87
C MET A 462 22.17 15.36 1.82
N LEU A 463 23.21 15.93 1.21
CA LEU A 463 23.96 15.17 0.22
C LEU A 463 24.70 14.00 0.85
N MET A 464 25.08 14.13 2.12
CA MET A 464 25.81 13.06 2.79
C MET A 464 24.96 11.84 3.11
N GLN A 465 23.68 11.81 2.71
CA GLN A 465 22.79 10.69 3.00
C GLN A 465 22.92 9.56 1.99
N PHE A 466 23.85 9.64 1.05
CA PHE A 466 24.06 8.55 0.10
C PHE A 466 24.62 7.31 0.76
N ALA A 467 25.18 7.44 1.95
CA ALA A 467 25.71 6.30 2.69
C ALA A 467 24.63 5.37 3.19
N GLU A 468 23.36 5.80 3.18
CA GLU A 468 22.28 4.96 3.67
C GLU A 468 21.97 3.82 2.71
N ILE A 469 22.43 3.89 1.46
CA ILE A 469 22.18 2.83 0.50
C ILE A 469 22.76 1.51 1.00
N GLY A 470 24.06 1.49 1.24
CA GLY A 470 24.71 0.26 1.66
C GLY A 470 24.22 -0.25 2.98
N ARG A 471 23.91 0.66 3.89
CA ARG A 471 23.41 0.26 5.19
C ARG A 471 22.09 -0.48 5.07
N LEU A 472 21.16 0.06 4.30
CA LEU A 472 19.85 -0.57 4.15
C LEU A 472 19.97 -1.87 3.38
N TRP A 473 20.93 -1.95 2.46
CA TRP A 473 21.14 -3.17 1.71
C TRP A 473 21.44 -4.33 2.66
N ARG A 474 22.22 -4.06 3.69
CA ARG A 474 22.56 -5.09 4.66
C ARG A 474 21.43 -5.39 5.64
N LYS A 475 20.63 -4.39 6.00
CA LYS A 475 19.60 -4.58 7.02
C LYS A 475 18.22 -4.99 6.51
N ASP A 476 17.70 -4.27 5.53
CA ASP A 476 16.37 -4.55 5.00
C ASP A 476 16.33 -4.13 3.55
N LYS A 477 16.27 -5.10 2.66
CA LYS A 477 16.31 -4.78 1.24
C LYS A 477 15.01 -4.15 0.75
N TYR A 478 13.93 -4.26 1.53
CA TYR A 478 12.72 -3.56 1.14
C TYR A 478 12.85 -2.06 1.38
N ASP A 479 13.51 -1.68 2.48
CA ASP A 479 13.74 -0.27 2.73
C ASP A 479 14.85 0.28 1.85
N CYS A 480 15.84 -0.54 1.48
CA CYS A 480 16.78 -0.16 0.45
C CYS A 480 16.07 0.09 -0.88
N LEU A 481 15.09 -0.75 -1.20
CA LEU A 481 14.31 -0.54 -2.41
C LEU A 481 13.52 0.75 -2.33
N ILE A 482 12.93 1.04 -1.17
CA ILE A 482 12.22 2.30 -0.98
C ILE A 482 13.15 3.48 -1.20
N TRP A 483 14.35 3.41 -0.63
CA TRP A 483 15.34 4.48 -0.80
C TRP A 483 15.67 4.70 -2.27
N ILE A 484 16.08 3.62 -2.96
CA ILE A 484 16.54 3.75 -4.33
C ILE A 484 15.41 4.19 -5.25
N MET A 485 14.20 3.65 -5.06
CA MET A 485 13.10 4.00 -5.93
C MET A 485 12.60 5.40 -5.66
N THR A 486 12.64 5.87 -4.41
CA THR A 486 12.30 7.26 -4.12
C THR A 486 13.31 8.20 -4.77
N PHE A 487 14.59 7.87 -4.69
CA PHE A 487 15.62 8.68 -5.35
C PHE A 487 15.37 8.75 -6.85
N ILE A 488 15.12 7.61 -7.48
CA ILE A 488 14.95 7.59 -8.93
C ILE A 488 13.67 8.29 -9.34
N PHE A 489 12.57 8.10 -8.60
CA PHE A 489 11.33 8.78 -8.93
C PHE A 489 11.47 10.29 -8.79
N THR A 490 12.19 10.74 -7.76
CA THR A 490 12.38 12.18 -7.56
C THR A 490 13.35 12.79 -8.56
N ILE A 491 14.35 12.05 -9.02
CA ILE A 491 15.29 12.60 -10.00
C ILE A 491 14.67 12.58 -11.39
N VAL A 492 14.05 11.46 -11.78
CA VAL A 492 13.48 11.32 -13.11
C VAL A 492 12.21 12.15 -13.20
N LEU A 493 11.20 11.79 -12.43
CA LEU A 493 9.98 12.59 -12.38
C LEU A 493 10.26 13.85 -11.57
N GLY A 494 9.21 14.59 -11.24
CA GLY A 494 9.40 15.83 -10.51
C GLY A 494 9.75 15.61 -9.05
N LEU A 495 9.68 16.71 -8.30
CA LEU A 495 9.70 16.64 -6.85
C LEU A 495 8.31 16.40 -6.28
N GLY A 496 7.26 16.74 -7.01
CA GLY A 496 5.91 16.52 -6.56
C GLY A 496 5.33 15.23 -7.07
N LEU A 497 5.60 14.91 -8.33
CA LEU A 497 5.14 13.64 -8.86
C LEU A 497 6.05 12.56 -8.32
N GLY A 498 7.32 12.90 -8.10
CA GLY A 498 8.25 11.94 -7.57
C GLY A 498 7.82 11.46 -6.21
N LEU A 499 7.42 12.38 -5.34
CA LEU A 499 7.00 12.02 -4.00
C LEU A 499 5.74 11.17 -4.01
N ALA A 500 4.78 11.53 -4.86
CA ALA A 500 3.55 10.77 -4.95
C ALA A 500 3.83 9.36 -5.43
N ALA A 501 4.68 9.25 -6.45
CA ALA A 501 5.07 7.93 -6.95
C ALA A 501 5.82 7.17 -5.89
N SER A 502 6.66 7.87 -5.13
CA SER A 502 7.44 7.23 -4.08
C SER A 502 6.60 6.70 -2.94
N VAL A 503 5.55 7.43 -2.57
CA VAL A 503 4.68 6.98 -1.50
C VAL A 503 3.89 5.75 -1.92
N ALA A 504 3.47 5.73 -3.18
CA ALA A 504 2.74 4.58 -3.69
C ALA A 504 3.59 3.31 -3.71
N PHE A 505 4.83 3.41 -4.20
CA PHE A 505 5.74 2.25 -4.19
C PHE A 505 6.06 1.81 -2.77
N GLN A 506 6.12 2.74 -1.82
CA GLN A 506 6.39 2.35 -0.45
C GLN A 506 5.21 1.60 0.15
N LEU A 507 3.98 1.96 -0.24
CA LEU A 507 2.84 1.16 0.15
C LEU A 507 2.85 -0.21 -0.52
N LEU A 508 3.40 -0.28 -1.74
CA LEU A 508 3.47 -1.56 -2.43
C LEU A 508 4.50 -2.50 -1.80
N THR A 509 5.58 -1.95 -1.24
CA THR A 509 6.56 -2.82 -0.58
C THR A 509 5.97 -3.51 0.65
N ILE A 510 4.94 -2.92 1.25
CA ILE A 510 4.30 -3.54 2.40
C ILE A 510 3.70 -4.85 1.92
N VAL A 511 3.14 -4.81 0.73
CA VAL A 511 2.58 -6.03 0.14
C VAL A 511 3.69 -6.98 -0.24
N PHE A 512 4.79 -6.46 -0.78
CA PHE A 512 5.94 -7.29 -1.12
C PHE A 512 6.41 -8.12 0.07
N ARG A 513 6.39 -7.53 1.27
CA ARG A 513 6.83 -8.27 2.46
C ARG A 513 5.92 -9.44 2.77
N THR A 514 4.59 -9.16 2.72
CA THR A 514 3.59 -10.17 3.08
C THR A 514 3.01 -10.88 1.89
N GLN A 515 3.82 -11.06 0.86
CA GLN A 515 3.34 -11.60 -0.39
C GLN A 515 3.53 -13.12 -0.48
N PHE A 516 4.73 -13.60 -0.16
CA PHE A 516 5.07 -15.01 -0.17
C PHE A 516 5.60 -15.37 1.20
N PRO A 517 4.72 -15.58 2.19
CA PRO A 517 5.21 -15.84 3.55
C PRO A 517 5.92 -17.17 3.64
N LYS A 518 6.82 -17.28 4.60
CA LYS A 518 7.52 -18.50 4.78
C LYS A 518 6.66 -19.43 5.65
N CYS A 519 5.58 -19.94 5.06
CA CYS A 519 4.69 -20.89 5.70
C CYS A 519 5.43 -22.20 5.96
N SER A 520 5.22 -22.75 7.17
CA SER A 520 6.01 -23.89 7.59
C SER A 520 5.14 -24.90 8.33
N THR A 521 5.67 -26.11 8.46
CA THR A 521 5.05 -27.17 9.22
C THR A 521 5.79 -27.31 10.55
N LEU A 522 5.04 -27.46 11.63
CA LEU A 522 5.60 -27.50 12.97
C LEU A 522 5.63 -28.92 13.49
N ALA A 523 6.42 -29.15 14.52
CA ALA A 523 6.45 -30.46 15.13
C ALA A 523 6.72 -30.20 16.60
N ASN A 524 6.41 -31.18 17.43
CA ASN A 524 6.70 -31.05 18.83
C ASN A 524 8.18 -31.26 19.05
N ILE A 525 8.75 -30.59 20.05
CA ILE A 525 10.16 -30.79 20.36
C ILE A 525 10.41 -30.82 21.88
N GLY A 526 10.63 -32.00 22.45
CA GLY A 526 10.86 -32.13 23.88
C GLY A 526 9.69 -32.73 24.63
N ARG A 527 8.85 -33.49 23.96
CA ARG A 527 7.64 -34.10 24.53
C ARG A 527 6.98 -33.14 25.53
N THR A 528 6.88 -31.88 25.15
CA THR A 528 6.27 -30.83 25.97
C THR A 528 5.44 -29.97 25.03
N ASN A 529 5.10 -28.76 25.47
CA ASN A 529 4.22 -27.87 24.72
C ASN A 529 4.97 -26.92 23.79
N ILE A 530 6.15 -27.30 23.32
CA ILE A 530 6.94 -26.46 22.42
C ILE A 530 6.85 -27.05 21.02
N TYR A 531 6.38 -26.25 20.07
CA TYR A 531 6.22 -26.67 18.68
C TYR A 531 6.99 -25.70 17.79
N LYS A 532 7.97 -26.20 17.06
CA LYS A 532 8.84 -25.39 16.22
C LYS A 532 8.92 -26.00 14.83
N ASN A 533 9.60 -25.29 13.93
CA ASN A 533 9.67 -25.69 12.53
C ASN A 533 10.16 -27.13 12.39
N LYS A 534 9.42 -27.91 11.61
CA LYS A 534 9.71 -29.33 11.44
C LYS A 534 11.08 -29.57 10.82
N LYS A 535 11.63 -28.58 10.13
CA LYS A 535 12.89 -28.72 9.42
C LYS A 535 14.07 -28.11 10.16
N ASP A 536 13.89 -27.72 11.43
CA ASP A 536 14.90 -26.92 12.11
C ASP A 536 15.70 -27.68 13.16
N TYR A 537 15.11 -28.67 13.82
CA TYR A 537 15.79 -29.35 14.91
C TYR A 537 15.81 -30.85 14.66
N TYR A 538 16.62 -31.55 15.45
CA TYR A 538 16.65 -33.00 15.43
C TYR A 538 15.72 -33.55 16.51
N ASP A 539 15.35 -34.82 16.34
CA ASP A 539 14.57 -35.57 17.33
C ASP A 539 13.20 -34.95 17.58
N MET A 540 12.61 -34.35 16.56
CA MET A 540 11.26 -33.83 16.67
C MET A 540 10.25 -34.95 16.50
N TYR A 541 8.97 -34.62 16.71
CA TYR A 541 7.93 -35.64 16.78
C TYR A 541 6.64 -35.09 16.17
N GLU A 542 6.12 -35.79 15.17
CA GLU A 542 4.83 -35.46 14.57
C GLU A 542 3.81 -36.47 15.05
N PRO A 543 2.78 -36.07 15.80
CA PRO A 543 1.73 -37.02 16.18
C PRO A 543 1.08 -37.62 14.94
N GLU A 544 0.78 -38.92 15.02
CA GLU A 544 0.37 -39.67 13.85
C GLU A 544 -0.97 -39.17 13.33
N GLY A 545 -0.97 -38.56 12.15
CA GLY A 545 -2.18 -38.06 11.54
C GLY A 545 -2.41 -36.57 11.71
N VAL A 546 -1.57 -35.87 12.47
CA VAL A 546 -1.76 -34.46 12.76
C VAL A 546 -0.73 -33.66 11.98
N LYS A 547 -1.20 -32.62 11.30
CA LYS A 547 -0.35 -31.63 10.66
C LYS A 547 -0.57 -30.29 11.35
N ILE A 548 0.51 -29.58 11.63
CA ILE A 548 0.44 -28.25 12.21
C ILE A 548 1.07 -27.29 11.22
N PHE A 549 0.27 -26.36 10.70
CA PHE A 549 0.70 -25.44 9.66
C PHE A 549 0.71 -24.02 10.21
N ARG A 550 1.74 -23.26 9.86
CA ARG A 550 1.90 -21.89 10.35
C ARG A 550 2.17 -20.96 9.19
N CYS A 551 1.34 -19.93 9.06
CA CYS A 551 1.58 -18.80 8.18
C CYS A 551 1.96 -17.59 9.04
N PRO A 552 3.17 -17.06 8.92
CA PRO A 552 3.64 -16.01 9.84
C PRO A 552 3.35 -14.59 9.36
N SER A 553 2.12 -14.39 8.89
CA SER A 553 1.73 -13.13 8.31
C SER A 553 0.23 -12.95 8.27
N PRO A 554 -0.25 -11.70 8.18
CA PRO A 554 -1.69 -11.51 8.01
C PRO A 554 -2.11 -12.05 6.65
N ILE A 555 -3.29 -12.66 6.58
CA ILE A 555 -3.75 -13.24 5.33
C ILE A 555 -4.82 -12.37 4.70
N TYR A 556 -4.58 -11.93 3.48
CA TYR A 556 -5.53 -11.08 2.80
C TYR A 556 -5.58 -11.36 1.31
N PHE A 557 -6.10 -10.44 0.52
CA PHE A 557 -6.27 -10.66 -0.94
C PHE A 557 -4.99 -11.02 -1.71
N ALA A 558 -3.85 -10.47 -1.32
CA ALA A 558 -2.62 -10.72 -2.05
C ALA A 558 -1.93 -12.05 -1.74
N ASN A 559 -2.34 -12.75 -0.69
CA ASN A 559 -1.64 -13.98 -0.31
C ASN A 559 -2.53 -15.19 0.02
N ILE A 560 -3.84 -15.07 -0.13
CA ILE A 560 -4.75 -16.18 0.15
C ILE A 560 -4.49 -17.35 -0.79
N GLY A 561 -4.10 -17.08 -2.03
CA GLY A 561 -3.77 -18.12 -3.00
C GLY A 561 -2.47 -18.82 -2.64
N PHE A 562 -1.45 -18.04 -2.27
CA PHE A 562 -0.19 -18.61 -1.82
C PHE A 562 -0.38 -19.45 -0.57
N PHE A 563 -1.25 -19.00 0.32
CA PHE A 563 -1.57 -19.76 1.52
C PHE A 563 -2.22 -21.09 1.19
N ARG A 564 -3.23 -21.06 0.33
CA ARG A 564 -3.93 -22.28 -0.04
C ARG A 564 -2.99 -23.26 -0.74
N ARG A 565 -2.09 -22.74 -1.54
CA ARG A 565 -1.11 -23.56 -2.24
C ARG A 565 -0.08 -24.19 -1.31
N LYS A 566 0.40 -23.44 -0.32
CA LYS A 566 1.37 -23.96 0.64
C LYS A 566 0.73 -24.93 1.61
N LEU A 567 -0.52 -24.70 2.00
CA LEU A 567 -1.22 -25.66 2.84
C LEU A 567 -1.43 -26.98 2.12
N ILE A 568 -1.75 -26.92 0.82
CA ILE A 568 -1.93 -28.14 0.04
C ILE A 568 -0.61 -28.87 -0.13
N ASP A 569 0.49 -28.12 -0.27
CA ASP A 569 1.80 -28.76 -0.32
C ASP A 569 2.16 -29.39 1.01
N ALA A 570 1.75 -28.77 2.11
CA ALA A 570 2.10 -29.28 3.43
C ALA A 570 1.34 -30.55 3.77
N VAL A 571 0.03 -30.56 3.55
CA VAL A 571 -0.75 -31.75 3.91
C VAL A 571 -0.47 -32.91 2.96
N GLY A 572 0.00 -32.62 1.74
CA GLY A 572 0.36 -33.65 0.80
C GLY A 572 -0.67 -33.99 -0.24
N PHE A 573 -1.82 -33.33 -0.22
CA PHE A 573 -2.89 -33.63 -1.16
C PHE A 573 -3.80 -32.41 -1.25
N SER A 574 -4.75 -32.48 -2.18
CA SER A 574 -5.78 -31.46 -2.34
C SER A 574 -7.07 -31.99 -1.76
N PRO A 575 -7.64 -31.38 -0.72
CA PRO A 575 -8.90 -31.87 -0.16
C PRO A 575 -10.04 -31.94 -1.18
N LEU A 576 -10.13 -30.99 -2.10
CA LEU A 576 -11.17 -31.01 -3.12
C LEU A 576 -11.00 -32.16 -4.09
N ARG A 577 -9.79 -32.40 -4.56
CA ARG A 577 -9.61 -33.49 -5.47
C ARG A 577 -10.11 -34.77 -4.83
N ILE A 578 -9.86 -34.94 -3.54
CA ILE A 578 -10.28 -36.13 -2.83
C ILE A 578 -11.80 -36.27 -2.78
N LEU A 579 -12.49 -35.18 -2.46
CA LEU A 579 -13.95 -35.20 -2.40
C LEU A 579 -14.56 -35.60 -3.72
N ARG A 580 -14.03 -35.07 -4.81
CA ARG A 580 -14.56 -35.37 -6.13
C ARG A 580 -14.35 -36.82 -6.48
N LYS A 581 -13.18 -37.36 -6.17
CA LYS A 581 -12.90 -38.76 -6.44
C LYS A 581 -13.74 -39.69 -5.58
N ARG A 582 -13.99 -39.31 -4.33
CA ARG A 582 -14.85 -40.11 -3.46
C ARG A 582 -16.29 -40.03 -3.93
N ASN A 583 -16.72 -38.87 -4.38
CA ASN A 583 -18.06 -38.71 -4.89
C ASN A 583 -18.22 -39.50 -6.17
N LYS A 584 -17.14 -39.60 -6.92
CA LYS A 584 -17.10 -40.36 -8.15
C LYS A 584 -17.23 -41.83 -7.83
N ALA A 585 -16.45 -42.29 -6.85
CA ALA A 585 -16.48 -43.66 -6.40
C ALA A 585 -17.83 -44.00 -5.85
N LEU A 586 -18.32 -43.17 -4.93
CA LEU A 586 -19.63 -43.41 -4.35
C LEU A 586 -20.71 -43.50 -5.42
N ARG A 587 -20.59 -42.69 -6.48
CA ARG A 587 -21.51 -42.81 -7.60
C ARG A 587 -21.41 -44.18 -8.25
N LYS A 588 -20.18 -44.66 -8.47
CA LYS A 588 -20.00 -45.99 -9.05
C LYS A 588 -20.52 -47.08 -8.12
N ILE A 589 -20.34 -46.91 -6.81
CA ILE A 589 -20.85 -47.88 -5.84
C ILE A 589 -22.36 -47.95 -5.91
N ARG A 590 -22.99 -46.78 -5.95
CA ARG A 590 -24.45 -46.67 -6.01
C ARG A 590 -25.07 -47.18 -7.30
N LYS A 591 -24.40 -46.95 -8.42
CA LYS A 591 -24.93 -47.45 -9.68
C LYS A 591 -24.93 -48.96 -9.64
N LEU A 592 -23.81 -49.53 -9.18
CA LEU A 592 -23.68 -50.96 -9.06
C LEU A 592 -24.78 -51.56 -8.20
N GLN A 593 -25.07 -50.91 -7.08
CA GLN A 593 -26.12 -51.38 -6.18
C GLN A 593 -27.48 -51.37 -6.86
N LYS A 594 -27.75 -50.32 -7.61
CA LYS A 594 -29.02 -50.18 -8.30
C LYS A 594 -29.08 -51.28 -9.35
N GLN A 595 -27.92 -51.85 -9.66
CA GLN A 595 -27.85 -52.94 -10.62
C GLN A 595 -27.81 -54.32 -9.97
N GLY A 596 -28.02 -54.43 -8.66
CA GLY A 596 -28.00 -55.76 -8.11
C GLY A 596 -26.66 -56.46 -8.22
N LEU A 597 -25.65 -55.81 -8.80
CA LEU A 597 -24.37 -56.47 -9.01
C LEU A 597 -23.64 -56.71 -7.69
N LEU A 598 -23.86 -55.85 -6.71
CA LEU A 598 -23.30 -56.02 -5.38
C LEU A 598 -24.41 -55.78 -4.35
N GLN A 599 -24.20 -56.28 -3.13
CA GLN A 599 -25.19 -56.12 -2.08
C GLN A 599 -24.58 -55.45 -0.86
N VAL A 600 -25.35 -54.61 -0.19
CA VAL A 600 -24.89 -53.91 0.99
C VAL A 600 -25.53 -54.48 2.25
N THR A 601 -24.68 -54.91 3.17
CA THR A 601 -25.12 -55.48 4.43
C THR A 601 -24.29 -54.86 5.54
N PRO A 602 -24.75 -54.99 6.80
CA PRO A 602 -24.01 -54.42 7.94
C PRO A 602 -22.56 -54.84 7.98
N LYS A 603 -22.20 -55.96 7.33
CA LYS A 603 -20.80 -56.34 7.20
C LYS A 603 -20.07 -55.42 6.22
N GLY A 604 -20.72 -55.08 5.11
CA GLY A 604 -20.12 -54.20 4.12
C GLY A 604 -20.70 -54.46 2.75
N PHE A 605 -19.84 -54.30 1.74
CA PHE A 605 -20.23 -54.60 0.37
C PHE A 605 -19.91 -56.06 0.06
N ILE A 606 -20.92 -56.79 -0.43
CA ILE A 606 -20.75 -58.18 -0.83
C ILE A 606 -20.80 -58.25 -2.34
N CYS A 607 -19.76 -58.82 -2.93
CA CYS A 607 -19.59 -58.85 -4.37
C CYS A 607 -19.76 -60.28 -4.86
N THR A 608 -20.97 -60.63 -5.29
CA THR A 608 -21.19 -61.91 -5.95
C THR A 608 -20.51 -61.91 -7.31
N VAL A 609 -20.44 -60.76 -7.97
CA VAL A 609 -19.74 -60.61 -9.23
C VAL A 609 -18.52 -59.74 -9.02
N ASP A 610 -17.38 -60.22 -9.47
CA ASP A 610 -16.13 -59.50 -9.36
C ASP A 610 -15.64 -59.11 -10.77
N THR A 611 -14.55 -58.35 -10.83
CA THR A 611 -13.97 -57.86 -12.09
C THR A 611 -15.05 -57.17 -12.93
N ILE A 612 -15.56 -56.07 -12.40
CA ILE A 612 -16.62 -55.33 -13.07
C ILE A 612 -16.04 -54.58 -14.27
N LYS A 613 -16.90 -54.32 -15.26
CA LYS A 613 -16.48 -53.58 -16.44
C LYS A 613 -16.25 -52.11 -16.04
N ASP A 614 -15.09 -51.59 -16.40
CA ASP A 614 -14.76 -50.21 -16.08
C ASP A 614 -15.46 -49.26 -17.04
N SER A 615 -16.37 -48.43 -16.56
CA SER A 615 -17.10 -47.55 -17.43
C SER A 615 -17.24 -46.25 -16.68
N ASP A 616 -16.28 -45.35 -16.88
CA ASP A 616 -16.32 -44.08 -16.21
C ASP A 616 -17.56 -43.31 -16.67
N GLU A 617 -18.22 -42.63 -15.73
CA GLU A 617 -19.47 -41.94 -16.00
C GLU A 617 -19.44 -40.81 -17.02
N GLU A 618 -18.34 -40.06 -17.06
CA GLU A 618 -18.16 -38.90 -17.96
C GLU A 618 -19.23 -37.86 -17.73
N LEU A 619 -19.16 -37.21 -16.59
CA LEU A 619 -20.14 -36.18 -16.31
C LEU A 619 -19.90 -34.96 -17.19
N ASP A 620 -20.99 -34.28 -17.53
CA ASP A 620 -20.89 -33.14 -18.44
C ASP A 620 -20.67 -31.85 -17.66
N ASN A 621 -20.59 -30.75 -18.39
CA ASN A 621 -20.20 -29.48 -17.81
C ASN A 621 -21.22 -28.93 -16.84
N ASN A 622 -22.48 -29.33 -16.96
CA ASN A 622 -23.55 -28.82 -16.10
C ASN A 622 -23.93 -29.78 -15.00
N GLN A 623 -23.31 -30.95 -14.97
CA GLN A 623 -23.59 -31.91 -13.91
C GLN A 623 -22.34 -32.24 -13.11
N ILE A 624 -21.19 -31.79 -13.57
CA ILE A 624 -19.94 -32.11 -12.91
C ILE A 624 -19.84 -31.53 -11.50
N GLU A 625 -20.58 -30.47 -11.23
CA GLU A 625 -20.51 -29.82 -9.92
C GLU A 625 -20.98 -30.72 -8.80
N VAL A 626 -21.74 -31.75 -9.13
CA VAL A 626 -22.23 -32.69 -8.13
C VAL A 626 -21.09 -33.39 -7.37
N LEU A 627 -19.86 -33.28 -7.86
CA LEU A 627 -18.76 -33.98 -7.21
C LEU A 627 -18.19 -33.21 -6.03
N ASP A 628 -18.58 -31.96 -5.82
CA ASP A 628 -18.08 -31.16 -4.71
C ASP A 628 -19.03 -31.12 -3.54
N GLN A 629 -20.09 -31.92 -3.56
CA GLN A 629 -21.08 -31.96 -2.50
C GLN A 629 -20.63 -32.85 -1.36
N PRO A 630 -21.08 -32.57 -0.14
CA PRO A 630 -20.73 -33.43 0.99
C PRO A 630 -21.22 -34.86 0.77
N ILE A 631 -20.43 -35.84 1.17
CA ILE A 631 -20.82 -37.20 0.91
C ILE A 631 -21.86 -37.62 1.94
N ASN A 632 -23.09 -37.83 1.51
CA ASN A 632 -24.14 -38.28 2.41
C ASN A 632 -24.40 -39.74 2.14
N THR A 633 -23.78 -40.62 2.92
CA THR A 633 -23.95 -42.04 2.73
C THR A 633 -24.81 -42.62 3.85
N THR A 634 -25.56 -41.76 4.53
CA THR A 634 -26.37 -42.21 5.65
C THR A 634 -27.40 -43.22 5.20
N ASP A 635 -27.80 -43.16 3.94
CA ASP A 635 -28.74 -44.15 3.42
C ASP A 635 -28.16 -45.54 3.57
N LEU A 636 -26.85 -45.67 3.36
CA LEU A 636 -26.21 -46.98 3.47
C LEU A 636 -26.20 -47.45 4.90
N PRO A 637 -26.33 -48.77 5.11
CA PRO A 637 -26.41 -49.29 6.47
C PRO A 637 -25.09 -49.18 7.22
N PHE A 638 -23.99 -49.39 6.52
CA PHE A 638 -22.68 -49.36 7.15
C PHE A 638 -21.87 -48.14 6.74
N HIS A 639 -20.92 -47.75 7.57
CA HIS A 639 -20.05 -46.62 7.22
C HIS A 639 -18.99 -47.08 6.23
N ILE A 640 -18.54 -46.17 5.38
CA ILE A 640 -17.50 -46.51 4.42
C ILE A 640 -16.14 -46.02 4.89
N ASP A 641 -15.18 -46.93 5.05
CA ASP A 641 -13.84 -46.49 5.39
C ASP A 641 -13.10 -46.14 4.11
N TRP A 642 -13.08 -44.84 3.77
CA TRP A 642 -12.50 -44.40 2.52
C TRP A 642 -11.00 -44.64 2.44
N ASN A 643 -10.35 -44.92 3.57
CA ASN A 643 -8.93 -45.23 3.58
C ASN A 643 -8.66 -46.73 3.52
N ASP A 644 -9.70 -47.55 3.47
CA ASP A 644 -9.57 -48.99 3.34
C ASP A 644 -9.65 -49.35 1.85
N ASP A 645 -9.79 -50.64 1.54
CA ASP A 645 -9.88 -51.10 0.16
C ASP A 645 -11.34 -51.09 -0.27
N LEU A 646 -11.63 -50.41 -1.38
CA LEU A 646 -12.96 -50.45 -1.94
C LEU A 646 -13.10 -51.62 -2.92
N PRO A 647 -14.27 -52.25 -2.97
CA PRO A 647 -14.42 -53.46 -3.79
C PRO A 647 -14.60 -53.13 -5.26
N LEU A 648 -14.43 -54.16 -6.09
CA LEU A 648 -14.74 -54.10 -7.52
C LEU A 648 -13.87 -53.07 -8.24
N ASN A 649 -12.56 -53.11 -7.98
CA ASN A 649 -11.56 -52.33 -8.69
C ASN A 649 -11.72 -50.83 -8.51
N ILE A 650 -12.52 -50.38 -7.54
CA ILE A 650 -12.66 -48.95 -7.29
C ILE A 650 -11.46 -48.46 -6.50
N GLU A 651 -10.88 -47.36 -6.99
CA GLU A 651 -9.69 -46.82 -6.37
C GLU A 651 -9.80 -45.34 -6.02
N VAL A 652 -9.55 -45.01 -4.77
CA VAL A 652 -9.56 -43.64 -4.28
C VAL A 652 -8.24 -43.39 -3.59
N PRO A 653 -7.67 -42.18 -3.69
CA PRO A 653 -6.45 -41.88 -2.92
C PRO A 653 -6.72 -41.96 -1.42
N LYS A 654 -5.81 -42.59 -0.71
CA LYS A 654 -5.90 -42.70 0.73
C LYS A 654 -5.05 -41.61 1.38
N ILE A 655 -5.51 -41.13 2.53
CA ILE A 655 -4.82 -40.08 3.26
C ILE A 655 -4.64 -40.54 4.70
N SER A 656 -3.51 -40.15 5.29
CA SER A 656 -3.27 -40.41 6.70
C SER A 656 -3.75 -39.29 7.59
N LEU A 657 -3.95 -38.10 7.03
CA LEU A 657 -4.34 -36.94 7.81
C LEU A 657 -5.77 -37.10 8.33
N HIS A 658 -5.94 -36.94 9.64
CA HIS A 658 -7.26 -36.88 10.24
C HIS A 658 -7.45 -35.64 11.11
N SER A 659 -6.45 -34.78 11.22
CA SER A 659 -6.52 -33.60 12.06
C SER A 659 -5.54 -32.56 11.54
N LEU A 660 -6.02 -31.34 11.35
CA LEU A 660 -5.22 -30.26 10.80
C LEU A 660 -5.28 -29.06 11.74
N ILE A 661 -4.14 -28.66 12.26
CA ILE A 661 -4.05 -27.51 13.15
C ILE A 661 -3.45 -26.36 12.35
N LEU A 662 -4.07 -25.18 12.47
CA LEU A 662 -3.59 -23.99 11.80
C LEU A 662 -3.14 -22.99 12.85
N ASP A 663 -1.84 -22.73 12.92
CA ASP A 663 -1.27 -21.82 13.90
C ASP A 663 -1.47 -20.40 13.41
N PHE A 664 -2.60 -19.81 13.79
CA PHE A 664 -2.98 -18.46 13.36
C PHE A 664 -2.51 -17.40 14.34
N SER A 665 -1.41 -17.66 15.04
CA SER A 665 -0.96 -16.75 16.09
C SER A 665 -0.41 -15.45 15.51
N ALA A 666 0.43 -15.54 14.49
CA ALA A 666 1.02 -14.37 13.87
C ALA A 666 0.17 -13.81 12.73
N VAL A 667 -1.01 -14.38 12.49
CA VAL A 667 -1.92 -13.86 11.48
C VAL A 667 -2.67 -12.69 12.10
N SER A 668 -2.32 -11.48 11.68
CA SER A 668 -2.85 -10.28 12.31
C SER A 668 -4.31 -10.04 11.94
N PHE A 669 -4.59 -9.87 10.66
CA PHE A 669 -5.95 -9.58 10.21
C PHE A 669 -6.35 -10.51 9.08
N LEU A 670 -7.62 -10.46 8.73
CA LEU A 670 -8.18 -11.25 7.65
C LEU A 670 -9.19 -10.35 6.96
N ASP A 671 -9.04 -10.16 5.66
CA ASP A 671 -10.01 -9.35 4.91
C ASP A 671 -11.09 -10.23 4.32
N VAL A 672 -11.99 -9.67 3.53
CA VAL A 672 -13.12 -10.46 2.99
C VAL A 672 -12.66 -11.51 1.99
N SER A 673 -11.67 -11.18 1.17
CA SER A 673 -11.15 -12.15 0.22
C SER A 673 -10.55 -13.33 0.95
N SER A 674 -9.81 -13.06 2.02
CA SER A 674 -9.16 -14.13 2.77
C SER A 674 -10.16 -15.02 3.53
N VAL A 675 -11.19 -14.41 4.10
CA VAL A 675 -12.19 -15.19 4.81
C VAL A 675 -12.94 -16.09 3.85
N ARG A 676 -13.10 -15.66 2.59
CA ARG A 676 -13.80 -16.45 1.61
C ARG A 676 -12.93 -17.62 1.22
N GLY A 677 -11.66 -17.35 0.96
CA GLY A 677 -10.71 -18.39 0.63
C GLY A 677 -10.53 -19.35 1.78
N LEU A 678 -10.50 -18.82 2.99
CA LEU A 678 -10.34 -19.62 4.19
C LEU A 678 -11.53 -20.54 4.41
N LYS A 679 -12.74 -19.99 4.35
CA LYS A 679 -13.97 -20.73 4.53
C LYS A 679 -14.05 -21.86 3.52
N SER A 680 -13.61 -21.56 2.31
CA SER A 680 -13.59 -22.52 1.23
C SER A 680 -12.67 -23.70 1.56
N ILE A 681 -11.42 -23.42 1.90
CA ILE A 681 -10.45 -24.45 2.27
C ILE A 681 -10.94 -25.32 3.42
N LEU A 682 -11.45 -24.70 4.47
CA LEU A 682 -11.91 -25.44 5.64
C LEU A 682 -13.10 -26.35 5.34
N GLN A 683 -14.06 -25.85 4.57
CA GLN A 683 -15.20 -26.68 4.19
C GLN A 683 -14.75 -27.93 3.45
N GLU A 684 -13.75 -27.80 2.60
CA GLU A 684 -13.27 -28.94 1.85
C GLU A 684 -12.60 -29.99 2.73
N PHE A 685 -11.81 -29.55 3.70
CA PHE A 685 -11.17 -30.49 4.61
C PHE A 685 -12.22 -31.18 5.46
N ILE A 686 -13.22 -30.42 5.90
CA ILE A 686 -14.27 -31.00 6.73
C ILE A 686 -15.12 -32.00 5.98
N ARG A 687 -15.37 -31.75 4.70
CA ARG A 687 -16.16 -32.69 3.89
C ARG A 687 -15.41 -33.97 3.57
N ILE A 688 -14.09 -33.99 3.79
CA ILE A 688 -13.33 -35.21 3.59
C ILE A 688 -12.99 -35.80 4.95
N LYS A 689 -13.83 -35.32 5.97
CA LYS A 689 -13.68 -35.83 7.34
C LYS A 689 -12.31 -35.59 7.95
N VAL A 690 -11.73 -34.47 7.75
CA VAL A 690 -10.50 -34.05 8.41
C VAL A 690 -10.89 -32.94 9.36
N ASP A 691 -10.57 -33.10 10.63
CA ASP A 691 -10.87 -32.05 11.61
C ASP A 691 -9.93 -30.87 11.44
N VAL A 692 -10.47 -29.68 11.59
CA VAL A 692 -9.67 -28.49 11.41
C VAL A 692 -9.66 -27.64 12.67
N TYR A 693 -8.51 -27.10 13.01
CA TYR A 693 -8.39 -26.30 14.23
C TYR A 693 -7.61 -25.04 14.00
N ILE A 694 -8.13 -23.93 14.51
CA ILE A 694 -7.41 -22.67 14.41
C ILE A 694 -7.02 -22.31 15.82
N VAL A 695 -5.74 -22.06 16.03
CA VAL A 695 -5.26 -21.81 17.37
C VAL A 695 -4.38 -20.58 17.45
N GLY A 696 -4.05 -20.18 18.67
CA GLY A 696 -3.15 -19.06 18.86
C GLY A 696 -3.76 -17.69 18.62
N THR A 697 -5.05 -17.59 18.32
CA THR A 697 -5.64 -16.29 18.00
C THR A 697 -6.17 -15.54 19.22
N ASP A 698 -6.29 -14.23 19.11
CA ASP A 698 -6.87 -13.45 20.23
C ASP A 698 -8.38 -13.29 20.09
N ASP A 699 -9.01 -12.80 21.18
CA ASP A 699 -10.48 -12.58 21.27
C ASP A 699 -11.12 -11.55 20.32
N ASP A 700 -10.33 -10.57 19.86
CA ASP A 700 -10.76 -9.62 18.86
C ASP A 700 -10.81 -10.27 17.50
N PHE A 701 -9.84 -11.13 17.21
CA PHE A 701 -9.79 -11.81 15.93
C PHE A 701 -11.03 -12.64 15.73
N ILE A 702 -11.44 -13.38 16.75
CA ILE A 702 -12.61 -14.23 16.64
C ILE A 702 -13.87 -13.40 16.56
N GLU A 703 -13.93 -12.29 17.28
CA GLU A 703 -15.10 -11.41 17.18
C GLU A 703 -15.32 -10.92 15.75
N LYS A 704 -14.26 -10.46 15.10
CA LYS A 704 -14.35 -9.98 13.74
C LYS A 704 -14.83 -11.06 12.76
N LEU A 705 -14.38 -12.29 12.96
CA LEU A 705 -14.78 -13.39 12.09
C LEU A 705 -16.26 -13.65 12.17
N ASN A 706 -16.86 -13.40 13.32
CA ASN A 706 -18.30 -13.56 13.45
C ASN A 706 -19.04 -12.54 12.59
N ARG A 707 -18.48 -11.35 12.45
CA ARG A 707 -19.09 -10.33 11.59
C ARG A 707 -18.98 -10.69 10.11
N TYR A 708 -18.02 -11.53 9.74
CA TYR A 708 -17.87 -11.95 8.35
C TYR A 708 -18.82 -13.06 7.99
N GLU A 709 -19.63 -13.51 8.94
CA GLU A 709 -20.54 -14.63 8.70
C GLU A 709 -19.76 -15.89 8.36
N PHE A 710 -18.62 -16.07 9.00
CA PHE A 710 -17.77 -17.23 8.74
C PHE A 710 -18.33 -18.53 9.30
N PHE A 711 -18.94 -18.47 10.47
CA PHE A 711 -19.40 -19.69 11.11
C PHE A 711 -20.79 -20.10 10.67
N ASP A 712 -21.01 -21.40 10.60
CA ASP A 712 -22.30 -21.92 10.17
C ASP A 712 -22.36 -23.37 10.60
N GLY A 713 -23.27 -24.14 10.01
CA GLY A 713 -23.51 -25.50 10.43
C GLY A 713 -22.31 -26.41 10.28
N GLU A 714 -21.58 -26.25 9.20
CA GLU A 714 -20.43 -27.07 8.91
C GLU A 714 -19.17 -26.55 9.58
N VAL A 715 -18.97 -25.23 9.52
CA VAL A 715 -17.82 -24.60 10.14
C VAL A 715 -18.26 -23.99 11.44
N LYS A 716 -17.77 -24.51 12.54
CA LYS A 716 -18.24 -24.04 13.85
C LYS A 716 -17.16 -23.34 14.65
N SER A 717 -17.57 -22.65 15.70
CA SER A 717 -16.63 -21.96 16.54
C SER A 717 -15.87 -22.89 17.48
N SER A 718 -16.16 -24.19 17.43
CA SER A 718 -15.45 -25.19 18.25
C SER A 718 -14.05 -25.49 17.70
N ILE A 719 -13.79 -25.16 16.45
CA ILE A 719 -12.50 -25.34 15.79
C ILE A 719 -11.44 -24.42 16.35
N PHE A 720 -11.83 -23.52 17.24
CA PHE A 720 -10.89 -22.57 17.82
C PHE A 720 -10.39 -23.05 19.16
N PHE A 721 -9.08 -23.15 19.30
CA PHE A 721 -8.49 -23.60 20.55
C PHE A 721 -7.46 -22.58 20.99
N LEU A 722 -7.18 -22.54 22.28
CA LEU A 722 -6.25 -21.53 22.79
C LEU A 722 -4.86 -21.66 22.21
N THR A 723 -4.30 -22.87 22.21
CA THR A 723 -2.94 -23.06 21.74
C THR A 723 -2.84 -24.32 20.93
N ILE A 724 -1.67 -24.58 20.34
CA ILE A 724 -1.45 -25.80 19.57
C ILE A 724 -1.53 -27.04 20.45
N HIS A 725 -0.91 -26.99 21.62
CA HIS A 725 -0.91 -28.13 22.51
C HIS A 725 -2.33 -28.46 22.94
N ASP A 726 -3.15 -27.45 23.17
CA ASP A 726 -4.54 -27.69 23.51
C ASP A 726 -5.24 -28.48 22.42
N ALA A 727 -5.06 -28.07 21.17
CA ALA A 727 -5.68 -28.76 20.05
C ALA A 727 -5.13 -30.17 19.90
N VAL A 728 -3.82 -30.32 20.02
CA VAL A 728 -3.19 -31.63 19.92
C VAL A 728 -3.69 -32.58 20.99
N LEU A 729 -3.77 -32.11 22.23
CA LEU A 729 -4.26 -32.95 23.32
C LEU A 729 -5.70 -33.31 23.09
N HIS A 730 -6.48 -32.36 22.60
CA HIS A 730 -7.87 -32.62 22.31
C HIS A 730 -8.00 -33.70 21.26
N ILE A 731 -7.10 -33.67 20.27
CA ILE A 731 -7.09 -34.69 19.24
C ILE A 731 -6.63 -36.05 19.78
N LEU A 732 -5.56 -36.10 20.55
CA LEU A 732 -5.12 -37.37 21.10
C LEU A 732 -6.21 -38.05 21.91
N MET A 733 -6.96 -37.23 22.66
CA MET A 733 -8.08 -37.63 23.51
C MET A 733 -9.25 -38.18 22.69
N LYS A 734 -9.53 -37.52 21.58
CA LYS A 734 -10.54 -37.96 20.61
C LYS A 734 -10.15 -39.29 19.98
N LYS A 735 -8.91 -39.39 19.50
CA LYS A 735 -8.50 -40.57 18.75
C LYS A 735 -8.35 -41.79 19.66
N ASP A 736 -7.87 -41.57 20.87
CA ASP A 736 -7.67 -42.69 21.79
C ASP A 736 -8.95 -42.99 22.55
N ASN B 18 -9.76 -34.49 30.46
CA ASN B 18 -8.75 -33.72 29.74
C ASN B 18 -7.82 -33.02 30.72
N GLN B 19 -6.53 -33.01 30.42
CA GLN B 19 -5.63 -32.27 31.28
C GLN B 19 -4.38 -31.85 30.55
N TYR B 20 -4.12 -30.55 30.52
CA TYR B 20 -2.94 -30.03 29.89
C TYR B 20 -1.89 -30.04 30.97
N ILE B 21 -1.05 -31.06 30.97
CA ILE B 21 -0.02 -31.18 31.98
C ILE B 21 1.37 -31.04 31.38
N VAL B 22 2.11 -30.03 31.81
CA VAL B 22 3.44 -29.80 31.28
C VAL B 22 4.47 -29.56 32.38
N ALA B 23 5.62 -30.20 32.27
CA ALA B 23 6.69 -29.96 33.22
C ALA B 23 7.97 -29.85 32.41
N ARG B 24 8.43 -28.63 32.20
CA ARG B 24 9.65 -28.42 31.43
C ARG B 24 10.42 -27.28 32.07
N PRO B 25 11.71 -27.19 31.79
CA PRO B 25 12.43 -26.02 32.30
C PRO B 25 11.99 -24.73 31.65
N VAL B 26 12.25 -23.63 32.33
CA VAL B 26 12.00 -22.30 31.78
C VAL B 26 13.04 -22.04 30.71
N TYR B 27 12.59 -21.68 29.51
CA TYR B 27 13.45 -21.61 28.34
C TYR B 27 13.50 -20.20 27.79
N SER B 28 14.69 -19.69 27.56
CA SER B 28 14.83 -18.43 26.86
C SER B 28 15.13 -18.93 25.46
N THR B 29 14.93 -18.12 24.43
CA THR B 29 15.15 -18.60 23.08
C THR B 29 16.60 -19.10 22.93
N ASN B 30 17.56 -18.41 23.52
CA ASN B 30 18.96 -18.84 23.46
C ASN B 30 19.16 -20.18 24.14
N ALA B 31 18.57 -20.37 25.31
CA ALA B 31 18.69 -21.62 26.03
C ALA B 31 18.07 -22.80 25.29
N PHE B 32 16.91 -22.57 24.68
CA PHE B 32 16.25 -23.63 23.95
C PHE B 32 17.14 -24.09 22.81
N GLU B 33 17.80 -23.16 22.13
CA GLU B 33 18.66 -23.52 21.01
C GLU B 33 19.91 -24.22 21.46
N GLU B 34 20.37 -23.90 22.65
CA GLU B 34 21.59 -24.52 23.14
C GLU B 34 21.33 -25.91 23.69
N ASN B 35 20.06 -26.26 23.87
CA ASN B 35 19.72 -27.58 24.39
C ASN B 35 19.09 -28.44 23.32
N HIS B 36 18.88 -27.86 22.15
CA HIS B 36 18.28 -28.59 21.05
C HIS B 36 19.11 -28.40 19.81
N LYS B 37 19.63 -29.50 19.27
CA LYS B 37 20.45 -29.43 18.07
C LYS B 37 19.65 -28.91 16.91
N LYS B 38 20.03 -27.74 16.41
CA LYS B 38 19.32 -27.16 15.30
C LYS B 38 19.91 -27.61 14.00
N THR B 39 19.12 -28.32 13.20
CA THR B 39 19.58 -28.76 11.90
C THR B 39 20.20 -27.58 11.18
N GLY B 40 21.43 -27.76 10.72
CA GLY B 40 22.11 -26.69 10.02
C GLY B 40 21.61 -26.67 8.61
N ARG B 41 20.92 -25.61 8.22
CA ARG B 41 20.34 -25.60 6.88
C ARG B 41 20.95 -24.46 6.08
N HIS B 42 21.49 -24.78 4.92
CA HIS B 42 22.08 -23.76 4.06
C HIS B 42 20.99 -23.06 3.28
N HIS B 43 20.88 -21.75 3.44
CA HIS B 43 19.90 -20.99 2.68
C HIS B 43 20.30 -20.93 1.22
N LYS B 44 19.32 -20.92 0.33
CA LYS B 44 19.61 -20.84 -1.10
C LYS B 44 19.86 -19.40 -1.50
N THR B 45 21.12 -19.05 -1.68
CA THR B 45 21.46 -17.68 -2.08
C THR B 45 21.05 -17.39 -3.50
N PHE B 46 20.79 -16.12 -3.80
CA PHE B 46 20.43 -15.73 -5.16
C PHE B 46 21.44 -16.29 -6.15
N LEU B 47 22.71 -16.30 -5.78
CA LEU B 47 23.74 -16.76 -6.68
C LEU B 47 23.47 -18.17 -7.18
N ASP B 48 23.16 -19.07 -6.26
CA ASP B 48 22.88 -20.45 -6.64
C ASP B 48 21.63 -20.50 -7.50
N HIS B 49 20.58 -19.81 -7.08
CA HIS B 49 19.35 -19.78 -7.83
C HIS B 49 19.65 -19.46 -9.27
N LEU B 50 20.64 -18.60 -9.48
CA LEU B 50 21.02 -18.20 -10.82
C LEU B 50 21.56 -19.39 -11.60
N LYS B 51 22.37 -20.21 -10.93
CA LYS B 51 22.97 -21.35 -11.59
C LYS B 51 21.93 -22.38 -12.04
N VAL B 52 21.10 -22.83 -11.11
CA VAL B 52 20.08 -23.83 -11.45
C VAL B 52 19.21 -23.25 -12.56
N CYS B 53 19.06 -21.93 -12.57
CA CYS B 53 18.29 -21.28 -13.62
C CYS B 53 18.89 -21.57 -14.98
N CYS B 54 20.22 -21.53 -15.09
CA CYS B 54 20.88 -21.75 -16.37
C CYS B 54 21.40 -23.18 -16.50
N SER B 55 20.64 -24.14 -15.97
CA SER B 55 21.07 -25.54 -16.01
C SER B 55 21.24 -26.06 -17.44
N CYS B 56 20.28 -25.76 -18.30
CA CYS B 56 20.33 -26.23 -19.69
C CYS B 56 20.25 -27.75 -19.78
N SER B 57 19.65 -28.38 -18.77
CA SER B 57 19.46 -29.82 -18.83
C SER B 57 18.60 -30.19 -20.03
N PRO B 58 18.86 -31.35 -20.64
CA PRO B 58 18.10 -31.77 -21.83
C PRO B 58 16.62 -31.86 -21.50
N GLN B 59 16.27 -32.52 -20.41
CA GLN B 59 14.88 -32.62 -20.01
C GLN B 59 14.34 -31.23 -19.76
N LYS B 60 15.11 -30.39 -19.10
CA LYS B 60 14.63 -29.06 -18.77
C LYS B 60 14.11 -28.35 -20.02
N ALA B 61 14.88 -28.38 -21.09
CA ALA B 61 14.49 -27.70 -22.32
C ALA B 61 13.16 -28.24 -22.86
N LYS B 62 13.01 -29.58 -22.79
CA LYS B 62 11.78 -30.19 -23.26
C LYS B 62 10.59 -29.60 -22.52
N ARG B 63 10.71 -29.42 -21.24
CA ARG B 63 9.65 -28.86 -20.43
C ARG B 63 9.34 -27.44 -20.87
N ILE B 64 10.37 -26.64 -21.05
CA ILE B 64 10.17 -25.25 -21.43
C ILE B 64 9.44 -25.12 -22.75
N VAL B 65 9.88 -25.85 -23.77
CA VAL B 65 9.25 -25.70 -25.08
C VAL B 65 7.81 -26.16 -25.04
N LEU B 66 7.55 -27.28 -24.36
CA LEU B 66 6.19 -27.76 -24.22
C LEU B 66 5.34 -26.76 -23.49
N SER B 67 5.92 -26.09 -22.51
CA SER B 67 5.19 -25.09 -21.74
C SER B 67 4.80 -23.90 -22.59
N LEU B 68 5.62 -23.57 -23.58
CA LEU B 68 5.36 -22.40 -24.42
C LEU B 68 4.48 -22.74 -25.60
N PHE B 69 4.36 -24.02 -25.91
CA PHE B 69 3.49 -24.45 -26.99
C PHE B 69 2.61 -25.53 -26.41
N PRO B 70 1.64 -25.12 -25.58
CA PRO B 70 0.80 -26.11 -24.88
C PRO B 70 0.03 -27.06 -25.81
N ILE B 71 -0.19 -26.68 -27.06
CA ILE B 71 -0.96 -27.51 -27.97
C ILE B 71 -0.25 -28.84 -28.21
N ALA B 72 1.07 -28.85 -28.10
CA ALA B 72 1.85 -30.07 -28.31
C ALA B 72 1.60 -31.10 -27.20
N SER B 73 0.98 -30.67 -26.11
CA SER B 73 0.66 -31.60 -25.03
C SER B 73 -0.79 -32.07 -25.05
N TRP B 74 -1.74 -31.15 -25.16
CA TRP B 74 -3.16 -31.52 -25.08
C TRP B 74 -3.76 -32.08 -26.38
N LEU B 75 -3.27 -31.64 -27.52
CA LEU B 75 -3.81 -32.11 -28.79
C LEU B 75 -3.55 -33.60 -28.99
N PRO B 76 -2.31 -34.05 -28.74
CA PRO B 76 -2.01 -35.48 -28.90
C PRO B 76 -2.80 -36.35 -27.95
N ALA B 77 -3.40 -35.77 -26.92
CA ALA B 77 -4.18 -36.53 -25.95
C ALA B 77 -5.67 -36.29 -26.09
N TYR B 78 -6.12 -35.90 -27.26
CA TYR B 78 -7.54 -35.57 -27.45
C TYR B 78 -8.44 -36.79 -27.50
N ARG B 79 -9.41 -36.87 -26.59
CA ARG B 79 -10.37 -37.96 -26.60
C ARG B 79 -11.44 -37.69 -27.65
N LEU B 80 -11.24 -38.18 -28.86
CA LEU B 80 -12.18 -37.91 -29.95
C LEU B 80 -13.62 -38.34 -29.68
N LYS B 81 -13.81 -39.58 -29.26
CA LYS B 81 -15.15 -40.09 -29.03
C LYS B 81 -15.91 -39.32 -27.97
N GLU B 82 -15.20 -38.72 -27.03
CA GLU B 82 -15.89 -38.04 -25.93
C GLU B 82 -15.90 -36.52 -26.04
N TRP B 83 -15.12 -35.95 -26.94
CA TRP B 83 -15.02 -34.49 -26.99
C TRP B 83 -15.32 -33.84 -28.32
N LEU B 84 -15.18 -34.56 -29.43
CA LEU B 84 -15.34 -33.93 -30.73
C LEU B 84 -16.71 -33.31 -30.97
N LEU B 85 -17.77 -34.10 -30.81
CA LEU B 85 -19.10 -33.61 -31.03
C LEU B 85 -19.42 -32.49 -30.06
N SER B 86 -18.95 -32.64 -28.83
CA SER B 86 -19.17 -31.64 -27.80
C SER B 86 -18.52 -30.33 -28.22
N ASP B 87 -17.22 -30.40 -28.46
CA ASP B 87 -16.42 -29.27 -28.94
C ASP B 87 -17.04 -28.64 -30.19
N ILE B 88 -17.55 -29.45 -31.11
CA ILE B 88 -18.17 -28.90 -32.31
C ILE B 88 -19.39 -28.07 -31.95
N VAL B 89 -20.25 -28.59 -31.06
CA VAL B 89 -21.48 -27.88 -30.72
C VAL B 89 -21.17 -26.59 -29.97
N SER B 90 -20.28 -26.67 -28.97
CA SER B 90 -19.90 -25.48 -28.22
C SER B 90 -19.21 -24.46 -29.11
N GLY B 91 -18.51 -24.94 -30.14
CA GLY B 91 -17.83 -24.05 -31.06
C GLY B 91 -18.74 -23.29 -31.98
N ILE B 92 -19.70 -23.97 -32.57
CA ILE B 92 -20.66 -23.31 -33.46
C ILE B 92 -21.51 -22.34 -32.68
N SER B 93 -21.95 -22.74 -31.50
CA SER B 93 -22.75 -21.84 -30.66
C SER B 93 -21.97 -20.61 -30.25
N THR B 94 -20.75 -20.80 -29.78
CA THR B 94 -19.95 -19.67 -29.30
C THR B 94 -19.54 -18.76 -30.44
N GLY B 95 -19.15 -19.34 -31.55
CA GLY B 95 -18.80 -18.54 -32.72
C GLY B 95 -19.94 -17.67 -33.18
N ILE B 96 -21.16 -18.21 -33.14
CA ILE B 96 -22.33 -17.41 -33.47
C ILE B 96 -22.47 -16.26 -32.49
N VAL B 97 -22.19 -16.49 -31.20
CA VAL B 97 -22.23 -15.40 -30.23
C VAL B 97 -21.07 -14.43 -30.47
N ALA B 98 -19.91 -14.93 -30.87
CA ALA B 98 -18.72 -14.09 -30.99
C ALA B 98 -18.82 -13.15 -32.18
N VAL B 99 -19.48 -13.56 -33.26
CA VAL B 99 -19.69 -12.66 -34.39
C VAL B 99 -20.44 -11.41 -33.94
N LEU B 100 -21.58 -11.60 -33.26
CA LEU B 100 -22.40 -10.48 -32.83
C LEU B 100 -21.70 -9.65 -31.77
N GLN B 101 -21.04 -10.31 -30.82
CA GLN B 101 -20.28 -9.57 -29.82
C GLN B 101 -19.16 -8.77 -30.45
N GLY B 102 -18.52 -9.29 -31.49
CA GLY B 102 -17.49 -8.53 -32.17
C GLY B 102 -18.03 -7.30 -32.85
N LEU B 103 -19.15 -7.45 -33.55
CA LEU B 103 -19.78 -6.28 -34.17
C LEU B 103 -20.12 -5.22 -33.13
N ALA B 104 -20.73 -5.63 -32.02
CA ALA B 104 -21.12 -4.67 -30.99
C ALA B 104 -19.91 -3.98 -30.38
N PHE B 105 -18.86 -4.74 -30.07
CA PHE B 105 -17.71 -4.16 -29.42
C PHE B 105 -16.87 -3.32 -30.39
N ALA B 106 -17.00 -3.57 -31.69
CA ALA B 106 -16.42 -2.66 -32.67
C ALA B 106 -17.21 -1.37 -32.74
N LEU B 107 -18.51 -1.44 -32.48
CA LEU B 107 -19.27 -0.21 -32.26
C LEU B 107 -18.75 0.55 -31.04
N LEU B 108 -18.40 -0.17 -29.98
CA LEU B 108 -17.89 0.50 -28.78
C LEU B 108 -16.56 1.20 -29.01
N VAL B 109 -15.77 0.73 -29.98
CA VAL B 109 -14.48 1.34 -30.29
C VAL B 109 -14.62 2.49 -31.28
N ASP B 110 -15.77 2.63 -31.93
CA ASP B 110 -16.02 3.66 -32.94
C ASP B 110 -15.17 3.42 -34.19
N ILE B 111 -15.15 2.17 -34.64
CA ILE B 111 -14.56 1.79 -35.92
C ILE B 111 -15.58 0.97 -36.68
N PRO B 112 -15.37 0.78 -37.99
CA PRO B 112 -16.25 -0.11 -38.76
C PRO B 112 -16.35 -1.47 -38.09
N PRO B 113 -17.49 -2.16 -38.27
CA PRO B 113 -17.76 -3.34 -37.44
C PRO B 113 -17.07 -4.63 -37.90
N VAL B 114 -16.56 -4.67 -39.13
CA VAL B 114 -15.89 -5.85 -39.64
C VAL B 114 -14.58 -6.03 -38.92
N TYR B 115 -14.10 -4.97 -38.31
CA TYR B 115 -12.87 -5.05 -37.54
C TYR B 115 -13.15 -5.79 -36.26
N GLY B 116 -14.41 -5.80 -35.83
CA GLY B 116 -14.79 -6.57 -34.66
C GLY B 116 -14.67 -8.03 -35.02
N LEU B 117 -15.01 -8.37 -36.26
CA LEU B 117 -14.88 -9.74 -36.73
C LEU B 117 -13.42 -10.14 -36.74
N TYR B 118 -12.54 -9.24 -37.14
CA TYR B 118 -11.12 -9.53 -37.12
C TYR B 118 -10.65 -9.74 -35.70
N ALA B 119 -11.17 -8.92 -34.79
CA ALA B 119 -10.82 -9.04 -33.38
C ALA B 119 -11.30 -10.35 -32.78
N SER B 120 -12.34 -10.94 -33.35
CA SER B 120 -12.86 -12.20 -32.86
C SER B 120 -12.24 -13.41 -33.55
N PHE B 121 -11.33 -13.17 -34.47
CA PHE B 121 -10.74 -14.28 -35.21
C PHE B 121 -9.28 -14.55 -34.88
N PHE B 122 -8.47 -13.51 -34.69
CA PHE B 122 -7.03 -13.71 -34.47
C PHE B 122 -6.57 -14.13 -33.05
N PRO B 123 -7.08 -13.51 -31.96
CA PRO B 123 -6.62 -13.98 -30.65
C PRO B 123 -7.06 -15.40 -30.32
N ALA B 124 -8.22 -15.82 -30.78
CA ALA B 124 -8.66 -17.20 -30.55
C ALA B 124 -7.72 -18.18 -31.23
N ILE B 125 -7.28 -17.86 -32.45
CA ILE B 125 -6.42 -18.76 -33.21
C ILE B 125 -5.03 -18.81 -32.59
N ILE B 126 -4.54 -17.69 -32.06
CA ILE B 126 -3.22 -17.75 -31.42
C ILE B 126 -3.31 -18.46 -30.06
N TYR B 127 -4.38 -18.22 -29.32
CA TYR B 127 -4.54 -18.85 -28.01
C TYR B 127 -4.78 -20.34 -28.13
N LEU B 128 -5.34 -20.80 -29.25
CA LEU B 128 -5.44 -22.24 -29.48
C LEU B 128 -4.09 -22.92 -29.37
N PHE B 129 -3.03 -22.24 -29.79
CA PHE B 129 -1.68 -22.80 -29.77
C PHE B 129 -0.94 -22.49 -28.48
N PHE B 130 -1.01 -21.25 -28.02
CA PHE B 130 -0.21 -20.87 -26.86
C PHE B 130 -1.00 -20.76 -25.57
N GLY B 131 -2.29 -20.99 -25.63
CA GLY B 131 -3.12 -20.85 -24.44
C GLY B 131 -3.17 -22.07 -23.55
N THR B 132 -3.40 -21.84 -22.27
CA THR B 132 -3.50 -22.95 -21.31
C THR B 132 -4.92 -23.21 -20.84
N SER B 133 -5.84 -22.29 -21.10
CA SER B 133 -7.24 -22.52 -20.75
C SER B 133 -7.87 -23.42 -21.77
N ARG B 134 -8.88 -24.16 -21.35
CA ARG B 134 -9.56 -25.06 -22.27
C ARG B 134 -11.01 -24.66 -22.44
N HIS B 135 -11.41 -23.57 -21.81
CA HIS B 135 -12.82 -23.21 -21.85
C HIS B 135 -13.10 -21.75 -22.17
N ILE B 136 -12.12 -20.89 -21.96
CA ILE B 136 -12.38 -19.47 -22.16
C ILE B 136 -12.46 -19.11 -23.61
N SER B 137 -13.43 -18.27 -23.99
CA SER B 137 -13.59 -17.81 -25.38
C SER B 137 -12.77 -16.52 -25.51
N VAL B 138 -11.80 -16.48 -26.42
CA VAL B 138 -10.85 -15.39 -26.54
C VAL B 138 -11.34 -14.40 -27.59
N GLY B 139 -11.37 -13.13 -27.21
CA GLY B 139 -11.90 -12.09 -28.06
C GLY B 139 -12.19 -10.85 -27.26
N PRO B 140 -12.90 -9.89 -27.84
CA PRO B 140 -13.17 -8.63 -27.15
C PRO B 140 -14.30 -8.76 -26.14
N PHE B 141 -14.24 -7.91 -25.13
CA PHE B 141 -15.31 -7.78 -24.15
C PHE B 141 -15.57 -6.29 -23.93
N PRO B 142 -16.75 -5.93 -23.41
CA PRO B 142 -17.16 -4.51 -23.44
C PRO B 142 -16.21 -3.56 -22.73
N ILE B 143 -15.71 -3.94 -21.56
CA ILE B 143 -14.85 -3.03 -20.79
C ILE B 143 -13.57 -2.74 -21.57
N LEU B 144 -12.97 -3.77 -22.17
CA LEU B 144 -11.73 -3.54 -22.90
C LEU B 144 -11.98 -2.80 -24.20
N SER B 145 -13.10 -3.04 -24.86
CA SER B 145 -13.41 -2.27 -26.06
C SER B 145 -13.60 -0.80 -25.73
N MET B 146 -14.20 -0.51 -24.58
CA MET B 146 -14.34 0.88 -24.16
C MET B 146 -12.99 1.49 -23.84
N MET B 147 -12.13 0.76 -23.13
CA MET B 147 -10.78 1.26 -22.84
C MET B 147 -9.99 1.52 -24.11
N VAL B 148 -10.11 0.63 -25.10
CA VAL B 148 -9.41 0.81 -26.37
C VAL B 148 -9.97 2.01 -27.12
N GLY B 149 -11.29 2.18 -27.12
CA GLY B 149 -11.88 3.34 -27.77
C GLY B 149 -11.42 4.64 -27.16
N LEU B 150 -11.41 4.73 -25.84
CA LEU B 150 -10.98 5.95 -25.20
C LEU B 150 -9.54 6.27 -25.60
N ALA B 151 -8.70 5.24 -25.67
CA ALA B 151 -7.31 5.45 -26.04
C ALA B 151 -7.15 6.04 -27.43
N VAL B 152 -7.91 5.52 -28.39
CA VAL B 152 -7.80 6.01 -29.76
C VAL B 152 -8.30 7.44 -29.91
N SER B 153 -9.35 7.80 -29.19
CA SER B 153 -9.87 9.15 -29.25
C SER B 153 -8.81 10.10 -28.72
N GLY B 154 -8.11 9.70 -27.67
CA GLY B 154 -7.05 10.52 -27.14
C GLY B 154 -5.88 10.61 -28.08
N ALA B 155 -5.53 9.50 -28.72
CA ALA B 155 -4.42 9.49 -29.67
C ALA B 155 -4.69 10.39 -30.88
N VAL B 156 -5.91 10.36 -31.41
CA VAL B 156 -6.23 11.19 -32.56
C VAL B 156 -6.16 12.66 -32.18
N SER B 157 -6.57 12.98 -30.95
CA SER B 157 -6.47 14.34 -30.47
C SER B 157 -5.02 14.79 -30.31
N LYS B 158 -4.15 13.88 -29.88
CA LYS B 158 -2.75 14.24 -29.63
C LYS B 158 -1.82 13.95 -30.79
N ALA B 159 -2.24 14.24 -32.01
CA ALA B 159 -1.42 13.92 -33.17
C ALA B 159 -0.94 15.14 -33.98
N VAL B 160 0.37 15.37 -34.03
CA VAL B 160 0.92 16.49 -34.80
C VAL B 160 0.66 16.25 -36.28
N PRO B 161 -0.11 17.11 -36.95
CA PRO B 161 -0.48 16.92 -38.37
C PRO B 161 0.68 17.16 -39.32
N LEU B 180 -14.30 9.01 -44.18
CA LEU B 180 -13.62 7.73 -44.28
C LEU B 180 -12.25 7.94 -43.70
N ASP B 181 -11.74 9.16 -43.81
CA ASP B 181 -10.44 9.46 -43.24
C ASP B 181 -10.49 9.32 -41.74
N ASP B 182 -11.58 9.76 -41.14
CA ASP B 182 -11.74 9.62 -39.70
C ASP B 182 -11.79 8.15 -39.34
N GLU B 183 -12.53 7.36 -40.11
CA GLU B 183 -12.59 5.94 -39.87
C GLU B 183 -11.21 5.33 -40.03
N ARG B 184 -10.51 5.72 -41.07
CA ARG B 184 -9.18 5.18 -41.32
C ARG B 184 -8.22 5.52 -40.18
N VAL B 185 -8.28 6.75 -39.71
CA VAL B 185 -7.40 7.18 -38.63
C VAL B 185 -7.71 6.43 -37.34
N ARG B 186 -8.99 6.26 -37.05
CA ARG B 186 -9.38 5.52 -35.86
C ARG B 186 -8.98 4.06 -35.95
N VAL B 187 -9.15 3.45 -37.11
CA VAL B 187 -8.79 2.06 -37.29
C VAL B 187 -7.29 1.88 -37.11
N ALA B 188 -6.50 2.80 -37.64
CA ALA B 188 -5.07 2.72 -37.50
C ALA B 188 -4.62 2.84 -36.05
N ALA B 189 -5.28 3.71 -35.30
CA ALA B 189 -4.95 3.88 -33.89
C ALA B 189 -5.36 2.67 -33.04
N ALA B 190 -6.50 2.06 -33.36
CA ALA B 190 -6.95 0.87 -32.63
C ALA B 190 -5.98 -0.29 -32.76
N ALA B 191 -5.34 -0.41 -33.91
CA ALA B 191 -4.35 -1.45 -34.17
C ALA B 191 -3.06 -1.20 -33.40
N SER B 192 -2.60 0.05 -33.34
CA SER B 192 -1.34 0.33 -32.66
C SER B 192 -1.47 0.19 -31.15
N VAL B 193 -2.60 0.64 -30.59
CA VAL B 193 -2.85 0.44 -29.17
C VAL B 193 -2.88 -1.04 -28.83
N THR B 194 -3.49 -1.84 -29.71
CA THR B 194 -3.55 -3.28 -29.49
C THR B 194 -2.17 -3.90 -29.51
N VAL B 195 -1.35 -3.53 -30.50
CA VAL B 195 0.00 -4.10 -30.57
C VAL B 195 0.81 -3.72 -29.35
N LEU B 196 0.68 -2.48 -28.87
CA LEU B 196 1.45 -2.08 -27.69
C LEU B 196 0.99 -2.84 -26.45
N SER B 197 -0.32 -3.00 -26.34
CA SER B 197 -0.96 -3.69 -25.24
C SER B 197 -0.50 -5.13 -25.18
N GLY B 198 -0.45 -5.76 -26.34
CA GLY B 198 0.02 -7.13 -26.49
C GLY B 198 1.50 -7.27 -26.21
N ILE B 199 2.29 -6.30 -26.66
CA ILE B 199 3.71 -6.31 -26.39
C ILE B 199 3.93 -6.24 -24.90
N ILE B 200 3.17 -5.37 -24.24
CA ILE B 200 3.27 -5.25 -22.80
C ILE B 200 2.90 -6.57 -22.16
N GLN B 201 1.84 -7.20 -22.66
CA GLN B 201 1.45 -8.50 -22.14
C GLN B 201 2.52 -9.56 -22.40
N LEU B 202 3.11 -9.54 -23.59
CA LEU B 202 4.16 -10.50 -23.91
C LEU B 202 5.37 -10.28 -23.02
N ALA B 203 5.69 -9.03 -22.74
CA ALA B 203 6.81 -8.72 -21.87
C ALA B 203 6.60 -9.23 -20.46
N PHE B 204 5.42 -9.00 -19.90
CA PHE B 204 5.12 -9.45 -18.54
C PHE B 204 5.18 -10.96 -18.40
N GLY B 205 4.79 -11.68 -19.45
CA GLY B 205 4.84 -13.13 -19.41
C GLY B 205 6.24 -13.69 -19.56
N ILE B 206 7.11 -13.00 -20.29
CA ILE B 206 8.49 -13.44 -20.43
C ILE B 206 9.26 -13.23 -19.14
N LEU B 207 9.04 -12.09 -18.48
CA LEU B 207 9.70 -11.79 -17.21
C LEU B 207 9.10 -12.54 -16.03
N ARG B 208 8.11 -13.40 -16.26
CA ARG B 208 7.51 -14.26 -15.24
C ARG B 208 6.90 -13.42 -14.10
N ILE B 209 6.13 -12.41 -14.47
CA ILE B 209 5.48 -11.55 -13.50
C ILE B 209 3.98 -11.86 -13.50
N GLY B 210 3.63 -13.11 -13.82
CA GLY B 210 2.24 -13.48 -13.93
C GLY B 210 1.45 -13.50 -12.64
N PHE B 211 2.05 -13.01 -11.55
CA PHE B 211 1.38 -12.95 -10.26
C PHE B 211 0.87 -11.56 -9.93
N VAL B 212 0.82 -10.65 -10.92
CA VAL B 212 0.32 -9.31 -10.65
C VAL B 212 -1.16 -9.32 -10.35
N VAL B 213 -1.88 -10.37 -10.77
CA VAL B 213 -3.30 -10.44 -10.54
C VAL B 213 -3.65 -10.49 -9.06
N ILE B 214 -2.67 -10.77 -8.20
CA ILE B 214 -2.92 -10.76 -6.76
C ILE B 214 -3.03 -9.36 -6.20
N TYR B 215 -2.60 -8.34 -6.94
CA TYR B 215 -2.67 -6.97 -6.47
C TYR B 215 -4.03 -6.33 -6.70
N LEU B 216 -5.03 -7.12 -7.09
CA LEU B 216 -6.40 -6.64 -7.26
C LEU B 216 -7.29 -7.52 -6.40
N SER B 217 -7.89 -6.94 -5.37
CA SER B 217 -8.76 -7.70 -4.48
C SER B 217 -10.14 -7.90 -5.07
N GLU B 218 -10.94 -8.71 -4.38
CA GLU B 218 -12.30 -9.01 -4.78
C GLU B 218 -13.20 -7.79 -4.69
N SER B 219 -13.08 -7.02 -3.62
CA SER B 219 -13.88 -5.80 -3.48
C SER B 219 -13.53 -4.78 -4.55
N LEU B 220 -12.24 -4.67 -4.92
CA LEU B 220 -11.81 -3.76 -5.96
C LEU B 220 -12.34 -4.16 -7.33
N ILE B 221 -12.03 -5.38 -7.80
CA ILE B 221 -12.55 -5.86 -9.07
C ILE B 221 -14.05 -5.67 -9.15
N SER B 222 -14.75 -5.89 -8.04
CA SER B 222 -16.21 -5.73 -8.03
C SER B 222 -16.61 -4.29 -8.33
N GLY B 223 -16.03 -3.34 -7.60
CA GLY B 223 -16.37 -1.94 -7.83
C GLY B 223 -15.96 -1.48 -9.20
N PHE B 224 -14.77 -1.89 -9.66
CA PHE B 224 -14.32 -1.52 -10.99
C PHE B 224 -15.23 -2.05 -12.07
N THR B 225 -15.69 -3.30 -11.93
CA THR B 225 -16.50 -3.90 -12.98
C THR B 225 -17.92 -3.39 -12.99
N THR B 226 -18.49 -3.05 -11.83
CA THR B 226 -19.83 -2.46 -11.87
C THR B 226 -19.77 -1.00 -12.35
N ALA B 227 -18.70 -0.27 -11.98
CA ALA B 227 -18.51 1.06 -12.54
C ALA B 227 -18.33 1.00 -14.06
N ALA B 228 -17.61 -0.02 -14.54
CA ALA B 228 -17.42 -0.17 -15.98
C ALA B 228 -18.71 -0.62 -16.65
N ALA B 229 -19.55 -1.38 -15.96
CA ALA B 229 -20.86 -1.71 -16.52
C ALA B 229 -21.73 -0.48 -16.64
N VAL B 230 -21.63 0.45 -15.69
CA VAL B 230 -22.33 1.72 -15.83
C VAL B 230 -21.77 2.53 -16.99
N HIS B 231 -20.43 2.51 -17.15
CA HIS B 231 -19.81 3.14 -18.30
C HIS B 231 -20.35 2.60 -19.61
N VAL B 232 -20.48 1.28 -19.71
CA VAL B 232 -20.94 0.65 -20.95
C VAL B 232 -22.42 0.93 -21.17
N LEU B 233 -23.21 0.90 -20.09
CA LEU B 233 -24.62 1.30 -20.18
C LEU B 233 -24.73 2.70 -20.78
N VAL B 234 -23.92 3.63 -20.29
CA VAL B 234 -23.96 4.99 -20.82
C VAL B 234 -23.48 5.03 -22.28
N SER B 235 -22.51 4.19 -22.62
CA SER B 235 -21.95 4.20 -23.98
C SER B 235 -22.92 3.65 -25.02
N GLN B 236 -23.85 2.79 -24.62
CA GLN B 236 -24.81 2.25 -25.57
C GLN B 236 -25.99 3.17 -25.83
N LEU B 237 -26.03 4.34 -25.20
CA LEU B 237 -27.19 5.20 -25.34
C LEU B 237 -27.23 5.89 -26.70
N LYS B 238 -26.07 6.21 -27.26
CA LYS B 238 -26.04 6.82 -28.59
C LYS B 238 -26.50 5.86 -29.68
N PHE B 239 -26.56 4.57 -29.40
CA PHE B 239 -27.01 3.59 -30.38
C PHE B 239 -28.47 3.17 -30.19
N ILE B 240 -28.95 3.15 -28.94
CA ILE B 240 -30.37 2.92 -28.72
C ILE B 240 -31.19 4.06 -29.29
N PHE B 241 -30.80 5.31 -29.03
CA PHE B 241 -31.50 6.48 -29.53
C PHE B 241 -31.07 6.90 -30.92
N GLN B 242 -29.91 6.45 -31.39
CA GLN B 242 -29.32 6.88 -32.66
C GLN B 242 -28.99 8.38 -32.66
N LEU B 243 -28.20 8.81 -31.68
CA LEU B 243 -27.73 10.18 -31.61
C LEU B 243 -26.25 10.24 -31.97
N THR B 244 -25.79 11.46 -32.24
CA THR B 244 -24.40 11.71 -32.61
C THR B 244 -23.69 12.36 -31.43
N VAL B 245 -22.81 11.62 -30.79
CA VAL B 245 -22.12 12.04 -29.58
C VAL B 245 -20.64 12.16 -29.91
N PRO B 246 -19.97 13.24 -29.49
CA PRO B 246 -18.53 13.37 -29.76
C PRO B 246 -17.69 12.28 -29.09
N SER B 247 -16.41 12.23 -29.43
CA SER B 247 -15.48 11.28 -28.82
C SER B 247 -14.89 11.93 -27.59
N HIS B 248 -15.69 11.88 -26.54
CA HIS B 248 -15.35 12.44 -25.25
C HIS B 248 -14.27 11.59 -24.63
N THR B 249 -13.46 12.23 -23.80
CA THR B 249 -12.39 11.55 -23.14
C THR B 249 -12.49 11.83 -21.66
N ASP B 250 -11.81 11.03 -20.87
CA ASP B 250 -11.81 11.20 -19.43
C ASP B 250 -10.96 12.40 -19.02
N PRO B 251 -11.22 12.98 -17.84
CA PRO B 251 -12.06 12.51 -16.75
C PRO B 251 -13.51 12.86 -17.00
N VAL B 252 -14.40 12.21 -16.28
CA VAL B 252 -15.84 12.42 -16.34
C VAL B 252 -16.43 12.28 -17.75
N SER B 253 -15.92 11.32 -18.50
CA SER B 253 -16.35 11.07 -19.86
C SER B 253 -17.76 10.57 -19.92
N ILE B 254 -18.16 9.81 -18.90
CA ILE B 254 -19.49 9.25 -18.83
C ILE B 254 -20.56 10.32 -18.72
N PHE B 255 -20.27 11.38 -17.97
CA PHE B 255 -21.22 12.48 -17.81
C PHE B 255 -21.31 13.33 -19.07
N LYS B 256 -20.19 13.52 -19.76
CA LYS B 256 -20.22 14.25 -21.02
C LYS B 256 -21.10 13.51 -22.00
N VAL B 257 -20.97 12.20 -22.05
CA VAL B 257 -21.78 11.39 -22.95
C VAL B 257 -23.26 11.48 -22.58
N LEU B 258 -23.56 11.42 -21.29
CA LEU B 258 -24.94 11.50 -20.84
C LEU B 258 -25.56 12.82 -21.22
N TYR B 259 -24.81 13.90 -21.10
CA TYR B 259 -25.31 15.21 -21.46
C TYR B 259 -25.58 15.29 -22.95
N SER B 260 -24.62 14.82 -23.75
CA SER B 260 -24.79 14.85 -25.19
C SER B 260 -26.05 14.09 -25.57
N VAL B 261 -26.29 12.96 -24.93
CA VAL B 261 -27.43 12.16 -25.27
C VAL B 261 -28.76 12.78 -24.88
N PHE B 262 -28.90 13.20 -23.64
CA PHE B 262 -30.19 13.71 -23.18
C PHE B 262 -30.43 15.13 -23.64
N SER B 263 -29.39 15.83 -24.03
CA SER B 263 -29.56 17.16 -24.59
C SER B 263 -30.23 17.03 -25.94
N GLN B 264 -29.90 15.98 -26.68
CA GLN B 264 -30.49 15.76 -27.99
C GLN B 264 -31.54 14.67 -27.91
N ILE B 265 -32.11 14.45 -26.74
CA ILE B 265 -33.03 13.33 -26.57
C ILE B 265 -34.26 13.41 -27.46
N GLU B 266 -34.62 14.61 -27.90
CA GLU B 266 -35.82 14.77 -28.72
C GLU B 266 -35.64 14.27 -30.15
N LYS B 267 -34.40 14.02 -30.57
CA LYS B 267 -34.13 13.51 -31.90
C LYS B 267 -34.13 11.99 -31.94
N THR B 268 -34.48 11.36 -30.83
CA THR B 268 -34.47 9.90 -30.75
C THR B 268 -35.28 9.24 -31.84
N ASN B 269 -34.72 8.21 -32.47
CA ASN B 269 -35.45 7.45 -33.47
C ASN B 269 -36.28 6.42 -32.74
N ILE B 270 -37.60 6.55 -32.81
CA ILE B 270 -38.47 5.65 -32.06
C ILE B 270 -38.33 4.19 -32.50
N ALA B 271 -38.22 3.94 -33.80
CA ALA B 271 -38.12 2.58 -34.28
C ALA B 271 -36.92 1.87 -33.67
N ASP B 272 -35.78 2.54 -33.64
CA ASP B 272 -34.60 1.98 -33.02
C ASP B 272 -34.85 1.67 -31.56
N LEU B 273 -35.42 2.62 -30.84
CA LEU B 273 -35.67 2.44 -29.41
C LEU B 273 -36.63 1.30 -29.14
N VAL B 274 -37.75 1.26 -29.86
CA VAL B 274 -38.70 0.18 -29.66
C VAL B 274 -37.99 -1.13 -29.96
N THR B 275 -37.28 -1.19 -31.09
CA THR B 275 -36.50 -2.36 -31.39
C THR B 275 -35.54 -2.66 -30.25
N ALA B 276 -34.67 -1.70 -29.90
CA ALA B 276 -33.72 -2.02 -28.85
C ALA B 276 -34.42 -2.48 -27.58
N LEU B 277 -35.54 -1.85 -27.24
CA LEU B 277 -36.26 -2.26 -26.03
C LEU B 277 -36.86 -3.65 -26.19
N ILE B 278 -37.40 -3.96 -27.38
CA ILE B 278 -37.96 -5.28 -27.61
C ILE B 278 -36.88 -6.35 -27.55
N VAL B 279 -35.74 -6.10 -28.21
CA VAL B 279 -34.66 -7.07 -28.20
C VAL B 279 -34.13 -7.26 -26.80
N LEU B 280 -33.94 -6.17 -26.05
CA LEU B 280 -33.44 -6.26 -24.69
C LEU B 280 -34.40 -7.04 -23.79
N LEU B 281 -35.69 -6.76 -23.89
CA LEU B 281 -36.68 -7.46 -23.09
C LEU B 281 -36.68 -8.95 -23.37
N VAL B 282 -36.85 -9.34 -24.62
CA VAL B 282 -36.96 -10.78 -24.94
C VAL B 282 -35.76 -11.61 -24.52
N VAL B 283 -34.57 -11.14 -24.83
CA VAL B 283 -33.37 -11.88 -24.51
C VAL B 283 -33.28 -12.10 -23.01
N SER B 284 -33.62 -11.09 -22.24
CA SER B 284 -33.55 -11.19 -20.78
C SER B 284 -34.38 -12.34 -20.25
N ILE B 285 -35.63 -12.44 -20.69
CA ILE B 285 -36.48 -13.52 -20.24
C ILE B 285 -35.92 -14.88 -20.64
N VAL B 286 -35.49 -15.01 -21.88
CA VAL B 286 -35.01 -16.31 -22.35
C VAL B 286 -33.75 -16.72 -21.60
N LYS B 287 -32.90 -15.76 -21.29
CA LYS B 287 -31.67 -16.07 -20.57
C LYS B 287 -31.95 -16.61 -19.18
N GLU B 288 -32.95 -16.05 -18.52
CA GLU B 288 -33.35 -16.52 -17.21
C GLU B 288 -33.84 -17.94 -17.32
N ILE B 289 -34.66 -18.20 -18.35
CA ILE B 289 -35.18 -19.53 -18.56
C ILE B 289 -34.01 -20.50 -18.74
N ASN B 290 -32.99 -20.06 -19.46
CA ASN B 290 -31.83 -20.91 -19.68
C ASN B 290 -31.08 -21.17 -18.39
N GLN B 291 -31.15 -20.24 -17.46
CA GLN B 291 -30.47 -20.40 -16.17
C GLN B 291 -31.33 -21.16 -15.16
N ARG B 292 -32.62 -21.22 -15.40
CA ARG B 292 -33.52 -21.92 -14.50
C ARG B 292 -33.74 -23.36 -14.95
N PHE B 293 -34.28 -23.52 -16.15
CA PHE B 293 -34.54 -24.85 -16.66
C PHE B 293 -33.29 -25.40 -17.31
N LYS B 294 -32.13 -24.98 -16.82
CA LYS B 294 -30.88 -25.41 -17.42
C LYS B 294 -30.80 -26.92 -17.43
N ASP B 295 -31.15 -27.54 -16.31
CA ASP B 295 -31.08 -29.00 -16.24
C ASP B 295 -32.02 -29.63 -17.25
N LYS B 296 -33.22 -29.11 -17.39
CA LYS B 296 -34.15 -29.63 -18.38
C LYS B 296 -33.66 -29.33 -19.78
N LEU B 297 -33.07 -28.16 -19.99
CA LEU B 297 -32.62 -27.78 -21.33
C LEU B 297 -31.47 -28.63 -21.80
N PRO B 298 -31.64 -29.28 -22.95
CA PRO B 298 -30.54 -30.06 -23.52
C PRO B 298 -29.42 -29.12 -23.91
N VAL B 299 -29.79 -28.02 -24.55
CA VAL B 299 -28.80 -27.02 -24.94
C VAL B 299 -29.40 -25.68 -24.59
N PRO B 300 -28.58 -24.74 -24.14
CA PRO B 300 -29.13 -23.40 -23.90
C PRO B 300 -29.83 -22.88 -25.14
N ILE B 301 -30.97 -22.21 -24.97
CA ILE B 301 -31.66 -21.60 -26.10
C ILE B 301 -30.87 -20.42 -26.61
N PRO B 302 -30.51 -20.43 -27.91
CA PRO B 302 -29.72 -19.34 -28.49
C PRO B 302 -30.59 -18.12 -28.79
N ILE B 303 -30.84 -17.25 -27.83
CA ILE B 303 -31.75 -16.15 -28.09
C ILE B 303 -31.08 -15.08 -28.96
N GLU B 304 -29.77 -14.90 -28.80
CA GLU B 304 -29.06 -13.88 -29.55
C GLU B 304 -29.14 -14.13 -31.05
N PHE B 305 -28.84 -15.36 -31.47
CA PHE B 305 -28.92 -15.71 -32.88
C PHE B 305 -30.34 -15.56 -33.40
N ILE B 306 -31.32 -16.10 -32.68
CA ILE B 306 -32.69 -16.05 -33.14
C ILE B 306 -33.17 -14.62 -33.28
N MET B 307 -32.94 -13.80 -32.27
CA MET B 307 -33.37 -12.41 -32.31
C MET B 307 -32.71 -11.63 -33.44
N THR B 308 -31.41 -11.80 -33.63
CA THR B 308 -30.70 -11.10 -34.68
C THR B 308 -31.20 -11.52 -36.05
N VAL B 309 -31.51 -12.80 -36.22
CA VAL B 309 -32.04 -13.28 -37.48
C VAL B 309 -33.41 -12.68 -37.76
N ILE B 310 -34.29 -12.68 -36.77
CA ILE B 310 -35.61 -12.09 -36.94
C ILE B 310 -35.48 -10.61 -37.17
N ALA B 311 -34.63 -9.95 -36.39
CA ALA B 311 -34.42 -8.53 -36.53
C ALA B 311 -33.89 -8.21 -37.92
N ALA B 312 -32.93 -8.99 -38.38
CA ALA B 312 -32.35 -8.75 -39.70
C ALA B 312 -33.41 -8.99 -40.75
N GLY B 313 -34.22 -10.01 -40.58
CA GLY B 313 -35.28 -10.31 -41.52
C GLY B 313 -36.33 -9.24 -41.64
N VAL B 314 -36.93 -8.84 -40.52
CA VAL B 314 -37.97 -7.82 -40.53
C VAL B 314 -37.45 -6.47 -41.01
N SER B 315 -36.21 -6.15 -40.67
CA SER B 315 -35.63 -4.91 -41.14
C SER B 315 -35.47 -4.95 -42.66
N TYR B 316 -35.05 -6.09 -43.19
CA TYR B 316 -34.87 -6.22 -44.64
C TYR B 316 -36.19 -6.25 -45.38
N GLY B 317 -37.14 -7.03 -44.90
CA GLY B 317 -38.43 -7.13 -45.56
C GLY B 317 -39.20 -5.83 -45.53
N CYS B 318 -39.13 -5.11 -44.42
CA CYS B 318 -39.89 -3.87 -44.29
C CYS B 318 -39.04 -2.65 -44.60
N ASP B 319 -37.79 -2.87 -44.97
CA ASP B 319 -36.90 -1.77 -45.31
C ASP B 319 -36.94 -0.69 -44.24
N PHE B 320 -36.53 -1.02 -43.03
CA PHE B 320 -36.54 -0.05 -41.94
C PHE B 320 -35.58 1.08 -42.22
N LYS B 321 -34.50 0.79 -42.93
CA LYS B 321 -33.50 1.80 -43.20
C LYS B 321 -34.11 3.00 -43.89
N ASN B 322 -35.10 2.76 -44.73
CA ASN B 322 -35.74 3.86 -45.45
C ASN B 322 -37.10 4.17 -44.84
N ARG B 323 -37.83 3.14 -44.44
CA ARG B 323 -39.15 3.34 -43.85
C ARG B 323 -39.08 4.07 -42.52
N PHE B 324 -38.08 3.76 -41.70
CA PHE B 324 -37.98 4.39 -40.39
C PHE B 324 -36.61 5.04 -40.17
N LYS B 325 -35.79 5.07 -41.22
CA LYS B 325 -34.46 5.67 -41.12
C LYS B 325 -33.60 5.08 -39.99
N VAL B 326 -33.69 3.78 -39.80
CA VAL B 326 -32.91 3.13 -38.76
C VAL B 326 -31.44 3.01 -39.15
N ALA B 327 -30.55 3.01 -38.17
CA ALA B 327 -29.12 2.88 -38.45
C ALA B 327 -28.73 1.43 -38.56
N VAL B 328 -28.17 1.05 -39.70
CA VAL B 328 -27.83 -0.35 -39.91
C VAL B 328 -26.33 -0.59 -39.98
N VAL B 329 -25.91 -1.82 -39.75
CA VAL B 329 -24.50 -2.20 -39.80
C VAL B 329 -23.91 -1.89 -41.16
N GLY B 330 -24.66 -2.14 -42.22
CA GLY B 330 -24.24 -1.76 -43.56
C GLY B 330 -23.36 -2.80 -44.21
N ASP B 331 -22.92 -2.49 -45.41
CA ASP B 331 -22.11 -3.44 -46.16
C ASP B 331 -20.67 -3.45 -45.69
N MET B 332 -20.11 -4.65 -45.57
CA MET B 332 -18.75 -4.79 -45.11
C MET B 332 -17.89 -5.38 -46.19
N ASN B 333 -16.61 -5.03 -46.21
CA ASN B 333 -15.70 -5.59 -47.20
C ASN B 333 -15.59 -7.09 -47.01
N PRO B 334 -15.82 -7.86 -48.09
CA PRO B 334 -15.82 -9.32 -47.93
C PRO B 334 -14.42 -9.92 -47.92
N GLY B 335 -13.66 -9.71 -46.85
CA GLY B 335 -12.35 -10.30 -46.75
C GLY B 335 -11.51 -9.68 -45.66
N PHE B 336 -10.28 -10.14 -45.52
CA PHE B 336 -9.38 -9.59 -44.50
C PHE B 336 -8.60 -8.42 -45.05
N GLN B 337 -8.05 -7.60 -44.15
CA GLN B 337 -7.27 -6.45 -44.57
C GLN B 337 -5.80 -6.81 -44.60
N PRO B 338 -5.03 -6.11 -45.45
CA PRO B 338 -3.58 -6.33 -45.48
C PRO B 338 -2.92 -5.93 -44.17
N PRO B 339 -1.79 -6.54 -43.84
CA PRO B 339 -1.07 -6.22 -42.60
C PRO B 339 -0.72 -4.74 -42.48
N ILE B 340 -0.53 -4.25 -41.27
CA ILE B 340 -0.25 -2.85 -41.05
C ILE B 340 0.94 -2.67 -40.11
N THR B 341 1.56 -1.48 -40.13
CA THR B 341 2.74 -1.19 -39.32
C THR B 341 2.35 -0.34 -38.13
N PRO B 342 2.73 -0.73 -36.91
CA PRO B 342 2.38 0.07 -35.74
C PRO B 342 2.99 1.46 -35.78
N ASP B 343 2.17 2.45 -35.54
CA ASP B 343 2.60 3.84 -35.58
C ASP B 343 3.26 4.24 -34.27
N VAL B 344 4.53 4.65 -34.31
CA VAL B 344 5.23 5.06 -33.10
C VAL B 344 4.56 6.24 -32.42
N GLU B 345 4.00 7.16 -33.19
CA GLU B 345 3.36 8.32 -32.60
C GLU B 345 2.19 7.89 -31.74
N THR B 346 1.37 6.97 -32.25
CA THR B 346 0.28 6.45 -31.44
C THR B 346 0.83 5.74 -30.22
N PHE B 347 1.90 4.97 -30.40
CA PHE B 347 2.52 4.27 -29.29
C PHE B 347 2.96 5.26 -28.23
N GLN B 348 3.60 6.34 -28.65
CA GLN B 348 4.06 7.36 -27.71
C GLN B 348 2.91 8.05 -27.00
N ASN B 349 1.83 8.30 -27.72
CA ASN B 349 0.70 9.03 -27.14
C ASN B 349 -0.27 8.17 -26.34
N THR B 350 -0.10 6.85 -26.34
CA THR B 350 -1.06 5.97 -25.67
C THR B 350 -0.43 4.93 -24.76
N VAL B 351 0.83 5.11 -24.41
CA VAL B 351 1.52 4.09 -23.61
C VAL B 351 0.82 3.76 -22.30
N GLY B 352 0.39 4.77 -21.55
CA GLY B 352 -0.32 4.54 -20.31
C GLY B 352 -1.63 3.82 -20.49
N ASP B 353 -2.39 4.22 -21.50
CA ASP B 353 -3.66 3.54 -21.79
C ASP B 353 -3.42 2.08 -22.13
N CYS B 354 -2.38 1.80 -22.91
CA CYS B 354 -2.07 0.42 -23.28
C CYS B 354 -1.68 -0.42 -22.07
N PHE B 355 -0.99 0.18 -21.11
CA PHE B 355 -0.67 -0.55 -19.89
C PHE B 355 -1.93 -0.89 -19.12
N GLY B 356 -2.83 0.08 -18.97
CA GLY B 356 -4.07 -0.15 -18.29
C GLY B 356 -4.87 -1.21 -19.02
N ILE B 357 -4.72 -1.22 -20.33
CA ILE B 357 -5.44 -2.19 -21.13
C ILE B 357 -4.88 -3.60 -20.92
N ALA B 358 -3.56 -3.73 -20.95
CA ALA B 358 -2.94 -5.03 -20.74
C ALA B 358 -3.26 -5.58 -19.36
N MET B 359 -3.20 -4.72 -18.34
CA MET B 359 -3.47 -5.19 -16.98
C MET B 359 -4.93 -5.62 -16.82
N VAL B 360 -5.88 -4.85 -17.36
CA VAL B 360 -7.29 -5.22 -17.25
C VAL B 360 -7.57 -6.50 -18.04
N ALA B 361 -6.98 -6.62 -19.23
CA ALA B 361 -7.20 -7.81 -20.04
C ALA B 361 -6.70 -9.06 -19.33
N PHE B 362 -5.49 -9.00 -18.77
CA PHE B 362 -4.98 -10.16 -18.05
C PHE B 362 -5.82 -10.46 -16.81
N ALA B 363 -6.21 -9.42 -16.06
CA ALA B 363 -7.00 -9.65 -14.86
C ALA B 363 -8.31 -10.37 -15.19
N VAL B 364 -8.97 -9.91 -16.24
CA VAL B 364 -10.25 -10.49 -16.64
C VAL B 364 -10.12 -11.92 -17.16
N ALA B 365 -9.24 -12.12 -18.13
CA ALA B 365 -9.09 -13.44 -18.71
C ALA B 365 -8.68 -14.47 -17.68
N PHE B 366 -7.71 -14.13 -16.84
CA PHE B 366 -7.23 -15.06 -15.84
C PHE B 366 -8.35 -15.41 -14.88
N SER B 367 -9.16 -14.43 -14.55
CA SER B 367 -10.28 -14.54 -13.64
C SER B 367 -11.34 -15.53 -14.15
N VAL B 368 -11.69 -15.43 -15.42
CA VAL B 368 -12.64 -16.33 -16.06
C VAL B 368 -12.04 -17.71 -16.22
N ALA B 369 -10.79 -17.76 -16.66
CA ALA B 369 -10.12 -19.03 -16.85
C ALA B 369 -9.94 -19.77 -15.53
N SER B 370 -9.69 -19.03 -14.46
CA SER B 370 -9.49 -19.64 -13.15
C SER B 370 -10.74 -20.35 -12.69
N VAL B 371 -11.90 -19.76 -12.98
CA VAL B 371 -13.16 -20.38 -12.60
C VAL B 371 -13.29 -21.76 -13.21
N TYR B 372 -12.90 -21.89 -14.47
CA TYR B 372 -13.03 -23.18 -15.15
C TYR B 372 -11.90 -24.13 -14.79
N SER B 373 -10.73 -23.60 -14.46
CA SER B 373 -9.64 -24.45 -14.02
C SER B 373 -9.95 -25.05 -12.64
N LEU B 374 -10.50 -24.27 -11.72
CA LEU B 374 -10.91 -24.84 -10.45
C LEU B 374 -12.13 -25.74 -10.62
N LYS B 375 -12.96 -25.48 -11.61
CA LYS B 375 -14.10 -26.36 -11.85
C LYS B 375 -13.73 -27.69 -12.51
N TYR B 376 -12.78 -27.69 -13.44
CA TYR B 376 -12.39 -28.91 -14.14
C TYR B 376 -11.07 -29.53 -13.71
N ASP B 377 -10.49 -29.02 -12.63
CA ASP B 377 -9.25 -29.55 -12.09
C ASP B 377 -8.02 -29.64 -13.00
N TYR B 378 -7.74 -28.59 -13.75
CA TYR B 378 -6.53 -28.61 -14.57
C TYR B 378 -5.72 -27.37 -14.25
N PRO B 379 -4.39 -27.51 -14.25
CA PRO B 379 -3.52 -26.38 -13.90
C PRO B 379 -3.61 -25.25 -14.91
N LEU B 380 -3.34 -24.05 -14.42
CA LEU B 380 -3.43 -22.83 -15.22
C LEU B 380 -2.20 -21.98 -14.96
N ASP B 381 -1.42 -21.75 -16.02
CA ASP B 381 -0.22 -20.92 -15.92
C ASP B 381 -0.44 -19.47 -16.38
N GLY B 382 -0.36 -18.52 -15.46
CA GLY B 382 -0.56 -17.12 -15.81
C GLY B 382 0.46 -16.54 -16.77
N ASN B 383 1.72 -16.93 -16.63
CA ASN B 383 2.77 -16.43 -17.51
C ASN B 383 2.51 -16.83 -18.95
N GLN B 384 2.11 -18.07 -19.16
CA GLN B 384 1.80 -18.54 -20.50
C GLN B 384 0.58 -17.82 -21.02
N GLU B 385 -0.36 -17.50 -20.14
CA GLU B 385 -1.55 -16.75 -20.54
C GLU B 385 -1.16 -15.39 -21.07
N LEU B 386 -0.31 -14.69 -20.34
CA LEU B 386 0.14 -13.38 -20.77
C LEU B 386 0.84 -13.45 -22.12
N ILE B 387 1.60 -14.51 -22.34
CA ILE B 387 2.29 -14.70 -23.61
C ILE B 387 1.30 -15.00 -24.70
N ALA B 388 0.35 -15.88 -24.41
CA ALA B 388 -0.66 -16.23 -25.38
C ALA B 388 -1.58 -15.05 -25.60
N LEU B 389 -1.94 -14.35 -24.53
CA LEU B 389 -2.78 -13.18 -24.78
C LEU B 389 -1.97 -12.06 -25.44
N GLY B 390 -0.69 -11.94 -25.14
CA GLY B 390 0.14 -10.95 -25.81
C GLY B 390 0.30 -11.21 -27.30
N LEU B 391 0.67 -12.43 -27.66
CA LEU B 391 0.84 -12.78 -29.07
C LEU B 391 -0.44 -12.67 -29.87
N GLY B 392 -1.57 -13.06 -29.28
CA GLY B 392 -2.83 -12.94 -29.96
C GLY B 392 -3.18 -11.51 -30.27
N ASN B 393 -2.91 -10.62 -29.32
CA ASN B 393 -3.21 -9.22 -29.52
C ASN B 393 -2.27 -8.56 -30.54
N ILE B 394 -1.02 -9.00 -30.58
CA ILE B 394 -0.10 -8.47 -31.56
C ILE B 394 -0.53 -8.85 -32.98
N VAL B 395 -0.89 -10.12 -33.18
CA VAL B 395 -1.32 -10.56 -34.50
C VAL B 395 -2.62 -9.88 -34.86
N CYS B 396 -3.45 -9.64 -33.85
CA CYS B 396 -4.69 -8.93 -34.08
C CYS B 396 -4.42 -7.45 -34.40
N GLY B 397 -3.63 -6.75 -33.59
CA GLY B 397 -3.31 -5.37 -33.95
C GLY B 397 -2.52 -5.26 -35.23
N VAL B 398 -1.69 -6.25 -35.55
CA VAL B 398 -1.00 -6.24 -36.84
C VAL B 398 -2.01 -6.38 -37.97
N PHE B 399 -3.01 -7.23 -37.79
CA PHE B 399 -4.03 -7.45 -38.81
C PHE B 399 -5.29 -6.63 -38.59
N ARG B 400 -5.15 -5.44 -38.00
CA ARG B 400 -6.15 -4.36 -37.92
C ARG B 400 -7.23 -4.56 -36.87
N GLY B 401 -7.22 -5.65 -36.10
CA GLY B 401 -8.16 -5.82 -35.01
C GLY B 401 -7.81 -4.96 -33.81
N PHE B 402 -8.61 -5.10 -32.76
CA PHE B 402 -8.35 -4.39 -31.52
C PHE B 402 -8.27 -5.38 -30.36
N ALA B 403 -7.74 -4.90 -29.26
CA ALA B 403 -7.49 -5.70 -28.08
C ALA B 403 -8.70 -6.42 -27.55
N GLY B 404 -8.45 -7.63 -27.07
CA GLY B 404 -9.46 -8.45 -26.45
C GLY B 404 -8.76 -9.52 -25.63
N SER B 405 -9.50 -10.15 -24.74
CA SER B 405 -8.95 -11.26 -23.96
C SER B 405 -10.06 -12.29 -23.95
N THR B 406 -11.10 -12.03 -23.18
CA THR B 406 -12.24 -12.92 -23.17
C THR B 406 -13.46 -12.24 -22.61
N ALA B 407 -14.64 -12.65 -23.06
CA ALA B 407 -15.86 -12.13 -22.48
C ALA B 407 -16.46 -13.26 -21.67
N LEU B 408 -16.80 -12.98 -20.41
CA LEU B 408 -17.41 -13.98 -19.55
C LEU B 408 -18.67 -14.54 -20.16
N SER B 409 -19.48 -13.68 -20.76
CA SER B 409 -20.72 -14.12 -21.37
C SER B 409 -20.44 -15.14 -22.45
N ARG B 410 -19.52 -14.83 -23.35
CA ARG B 410 -19.19 -15.74 -24.44
C ARG B 410 -18.52 -17.02 -23.91
N SER B 411 -17.69 -16.89 -22.88
CA SER B 411 -17.05 -18.07 -22.28
C SER B 411 -18.12 -18.92 -21.59
N ALA B 412 -18.93 -18.33 -20.72
CA ALA B 412 -20.04 -19.08 -20.17
C ALA B 412 -20.84 -19.78 -21.27
N VAL B 413 -21.02 -19.11 -22.41
CA VAL B 413 -21.71 -19.75 -23.53
C VAL B 413 -20.90 -20.92 -24.06
N GLN B 414 -19.57 -20.81 -24.00
CA GLN B 414 -18.73 -21.90 -24.50
C GLN B 414 -18.71 -23.08 -23.54
N GLU B 415 -18.63 -22.80 -22.24
CA GLU B 415 -18.55 -23.88 -21.25
C GLU B 415 -19.91 -24.54 -21.04
N SER B 416 -20.98 -23.76 -21.03
CA SER B 416 -22.32 -24.27 -20.80
C SER B 416 -22.84 -25.14 -21.94
N THR B 417 -22.29 -24.94 -23.12
CA THR B 417 -22.71 -25.65 -24.32
C THR B 417 -21.83 -26.84 -24.67
N GLY B 418 -21.08 -27.33 -23.69
CA GLY B 418 -20.25 -28.50 -23.90
C GLY B 418 -18.80 -28.32 -24.27
N GLY B 419 -18.23 -27.16 -23.98
CA GLY B 419 -16.84 -26.91 -24.32
C GLY B 419 -15.89 -27.74 -23.48
N LYS B 420 -15.11 -28.56 -24.18
CA LYS B 420 -14.14 -29.43 -23.58
C LYS B 420 -12.73 -28.88 -23.66
N THR B 421 -12.36 -28.46 -24.85
CA THR B 421 -11.03 -27.96 -25.11
C THR B 421 -11.09 -26.73 -25.97
N GLN B 422 -9.91 -26.28 -26.36
CA GLN B 422 -9.71 -25.11 -27.23
C GLN B 422 -10.01 -25.36 -28.73
N ILE B 423 -10.37 -26.59 -29.09
CA ILE B 423 -10.86 -26.99 -30.41
C ILE B 423 -12.20 -26.29 -30.66
N ALA B 424 -13.06 -26.15 -29.65
CA ALA B 424 -14.33 -25.43 -29.76
C ALA B 424 -14.05 -23.96 -30.12
N GLY B 425 -13.00 -23.37 -29.54
CA GLY B 425 -12.57 -22.04 -29.88
C GLY B 425 -12.11 -21.98 -31.32
N LEU B 426 -11.43 -23.02 -31.79
CA LEU B 426 -11.00 -23.08 -33.17
C LEU B 426 -12.22 -23.13 -34.07
N ILE B 427 -13.31 -23.71 -33.58
CA ILE B 427 -14.50 -23.76 -34.41
C ILE B 427 -15.26 -22.44 -34.34
N GLY B 428 -15.20 -21.74 -33.21
CA GLY B 428 -15.75 -20.39 -33.15
C GLY B 428 -15.02 -19.45 -34.08
N ALA B 429 -13.69 -19.52 -34.11
CA ALA B 429 -12.93 -18.70 -35.03
C ALA B 429 -13.19 -19.10 -36.48
N ILE B 430 -13.47 -20.37 -36.74
CA ILE B 430 -13.83 -20.79 -38.09
C ILE B 430 -15.18 -20.20 -38.50
N ILE B 431 -16.13 -20.16 -37.58
CA ILE B 431 -17.41 -19.50 -37.88
C ILE B 431 -17.19 -18.02 -38.16
N VAL B 432 -16.33 -17.37 -37.38
CA VAL B 432 -16.02 -15.97 -37.61
C VAL B 432 -15.36 -15.78 -38.98
N LEU B 433 -14.52 -16.74 -39.37
CA LEU B 433 -13.91 -16.68 -40.68
C LEU B 433 -14.97 -16.77 -41.75
N ILE B 434 -15.88 -17.70 -41.60
CA ILE B 434 -16.93 -17.89 -42.59
C ILE B 434 -17.74 -16.62 -42.74
N VAL B 435 -18.01 -15.95 -41.61
CA VAL B 435 -18.78 -14.70 -41.67
C VAL B 435 -17.96 -13.60 -42.34
N VAL B 436 -16.65 -13.56 -42.12
CA VAL B 436 -15.81 -12.51 -42.72
C VAL B 436 -15.60 -12.61 -44.24
N LEU B 437 -15.74 -13.79 -44.81
CA LEU B 437 -15.44 -13.96 -46.23
C LEU B 437 -16.63 -14.23 -47.16
N ALA B 438 -17.69 -14.84 -46.65
CA ALA B 438 -18.78 -15.23 -47.54
C ALA B 438 -20.18 -14.73 -47.19
N ILE B 439 -20.59 -14.86 -45.93
CA ILE B 439 -21.97 -14.52 -45.58
C ILE B 439 -22.14 -13.21 -44.83
N GLY B 440 -21.09 -12.42 -44.72
CA GLY B 440 -21.17 -11.16 -44.01
C GLY B 440 -22.23 -10.25 -44.58
N PHE B 441 -22.46 -10.35 -45.88
CA PHE B 441 -23.49 -9.54 -46.51
C PHE B 441 -24.85 -9.70 -45.86
N LEU B 442 -25.07 -10.79 -45.12
CA LEU B 442 -26.35 -10.98 -44.44
C LEU B 442 -26.48 -10.06 -43.24
N LEU B 443 -25.37 -9.61 -42.67
CA LEU B 443 -25.39 -8.71 -41.53
C LEU B 443 -25.44 -7.25 -41.95
N ALA B 444 -25.83 -6.97 -43.18
CA ALA B 444 -25.93 -5.61 -43.69
C ALA B 444 -27.18 -4.88 -43.21
N PRO B 445 -28.37 -5.49 -43.26
CA PRO B 445 -29.58 -4.77 -42.81
C PRO B 445 -29.81 -4.82 -41.31
N LEU B 446 -28.83 -5.21 -40.50
CA LEU B 446 -29.03 -5.31 -39.07
C LEU B 446 -28.74 -3.97 -38.40
N GLN B 447 -29.64 -3.56 -37.51
CA GLN B 447 -29.53 -2.26 -36.86
C GLN B 447 -28.46 -2.29 -35.77
N LYS B 448 -27.87 -1.13 -35.51
CA LYS B 448 -26.92 -1.00 -34.43
C LYS B 448 -27.60 -0.96 -33.07
N SER B 449 -28.89 -0.61 -33.04
CA SER B 449 -29.62 -0.65 -31.78
C SER B 449 -29.81 -2.09 -31.30
N VAL B 450 -29.86 -3.04 -32.21
CA VAL B 450 -29.97 -4.45 -31.81
C VAL B 450 -28.65 -4.92 -31.19
N LEU B 451 -27.53 -4.55 -31.80
CA LEU B 451 -26.23 -4.87 -31.20
C LEU B 451 -26.09 -4.21 -29.84
N ALA B 452 -26.51 -2.96 -29.72
CA ALA B 452 -26.46 -2.27 -28.42
C ALA B 452 -27.37 -2.94 -27.41
N ALA B 453 -28.53 -3.43 -27.84
CA ALA B 453 -29.45 -4.09 -26.93
C ALA B 453 -28.88 -5.42 -26.42
N LEU B 454 -28.18 -6.15 -27.29
CA LEU B 454 -27.50 -7.36 -26.81
C LEU B 454 -26.39 -7.02 -25.81
N ALA B 455 -25.56 -6.04 -26.15
CA ALA B 455 -24.49 -5.65 -25.25
C ALA B 455 -25.04 -5.16 -23.92
N LEU B 456 -26.25 -4.58 -23.92
CA LEU B 456 -26.86 -4.15 -22.68
C LEU B 456 -27.44 -5.33 -21.92
N GLY B 457 -28.01 -6.30 -22.63
CA GLY B 457 -28.49 -7.50 -21.98
C GLY B 457 -27.40 -8.26 -21.26
N ASN B 458 -26.17 -8.19 -21.74
CA ASN B 458 -25.06 -8.87 -21.08
C ASN B 458 -24.53 -8.11 -19.86
N LEU B 459 -25.27 -7.16 -19.31
CA LEU B 459 -24.81 -6.31 -18.23
C LEU B 459 -25.46 -6.62 -16.88
N LYS B 460 -26.45 -7.49 -16.86
CA LYS B 460 -27.16 -7.83 -15.63
C LYS B 460 -26.30 -8.40 -14.50
N GLY B 461 -25.33 -9.22 -14.85
CA GLY B 461 -24.46 -9.81 -13.85
C GLY B 461 -23.55 -8.78 -13.19
N MET B 462 -22.98 -7.87 -13.98
CA MET B 462 -22.11 -6.84 -13.42
C MET B 462 -22.90 -5.74 -12.74
N LEU B 463 -24.09 -5.42 -13.24
CA LEU B 463 -24.87 -4.33 -12.65
C LEU B 463 -25.46 -4.73 -11.32
N MET B 464 -25.76 -6.01 -11.11
CA MET B 464 -26.31 -6.49 -9.84
C MET B 464 -25.30 -6.49 -8.71
N GLN B 465 -24.04 -6.23 -9.02
CA GLN B 465 -23.00 -6.22 -8.01
C GLN B 465 -23.10 -5.02 -7.08
N PHE B 466 -24.14 -4.19 -7.23
CA PHE B 466 -24.39 -3.12 -6.28
C PHE B 466 -24.82 -3.66 -4.93
N ALA B 467 -25.26 -4.91 -4.87
CA ALA B 467 -25.63 -5.56 -3.61
C ALA B 467 -24.42 -5.85 -2.75
N GLU B 468 -23.21 -5.73 -3.28
CA GLU B 468 -22.01 -5.99 -2.48
C GLU B 468 -21.74 -4.87 -1.49
N ILE B 469 -22.32 -3.69 -1.69
CA ILE B 469 -22.08 -2.57 -0.78
C ILE B 469 -22.60 -2.91 0.61
N GLY B 470 -23.85 -3.38 0.71
CA GLY B 470 -24.40 -3.71 2.01
C GLY B 470 -23.71 -4.90 2.66
N ARG B 471 -23.39 -5.92 1.85
CA ARG B 471 -22.69 -7.09 2.37
C ARG B 471 -21.34 -6.70 2.95
N LEU B 472 -20.54 -5.94 2.20
CA LEU B 472 -19.24 -5.53 2.68
C LEU B 472 -19.35 -4.57 3.85
N TRP B 473 -20.41 -3.77 3.89
CA TRP B 473 -20.64 -2.94 5.07
C TRP B 473 -20.83 -3.81 6.31
N ARG B 474 -21.62 -4.87 6.19
CA ARG B 474 -21.81 -5.78 7.31
C ARG B 474 -20.50 -6.47 7.69
N LYS B 475 -19.76 -6.99 6.72
CA LYS B 475 -18.60 -7.83 7.01
C LYS B 475 -17.35 -7.00 7.32
N ASP B 476 -16.86 -6.24 6.36
CA ASP B 476 -15.59 -5.54 6.49
C ASP B 476 -15.70 -4.17 5.84
N LYS B 477 -15.58 -3.11 6.65
CA LYS B 477 -15.75 -1.76 6.13
C LYS B 477 -14.53 -1.25 5.38
N TYR B 478 -13.37 -1.88 5.54
CA TYR B 478 -12.24 -1.54 4.69
C TYR B 478 -12.45 -2.02 3.26
N ASP B 479 -13.07 -3.19 3.11
CA ASP B 479 -13.38 -3.68 1.77
C ASP B 479 -14.59 -2.96 1.18
N CYS B 480 -15.52 -2.53 2.03
CA CYS B 480 -16.59 -1.66 1.55
C CYS B 480 -16.04 -0.33 1.08
N LEU B 481 -15.03 0.19 1.78
CA LEU B 481 -14.37 1.41 1.34
C LEU B 481 -13.64 1.20 0.03
N ILE B 482 -12.97 0.06 -0.13
CA ILE B 482 -12.31 -0.25 -1.40
C ILE B 482 -13.33 -0.29 -2.53
N TRP B 483 -14.43 -0.91 -2.33
CA TRP B 483 -15.47 -1.04 -3.37
C TRP B 483 -16.07 0.29 -3.73
N ILE B 484 -16.51 1.01 -2.67
CA ILE B 484 -17.13 2.31 -2.97
C ILE B 484 -16.16 3.28 -3.67
N MET B 485 -14.91 3.34 -3.22
CA MET B 485 -13.92 4.23 -3.82
C MET B 485 -13.57 3.84 -5.26
N THR B 486 -13.45 2.55 -5.53
CA THR B 486 -13.15 2.10 -6.88
C THR B 486 -14.29 2.49 -7.81
N PHE B 487 -15.52 2.37 -7.36
CA PHE B 487 -16.65 2.74 -8.19
C PHE B 487 -16.60 4.21 -8.54
N ILE B 488 -16.35 5.06 -7.55
CA ILE B 488 -16.28 6.49 -7.79
C ILE B 488 -15.12 6.85 -8.70
N PHE B 489 -13.93 6.33 -8.42
CA PHE B 489 -12.77 6.61 -9.28
C PHE B 489 -13.04 6.16 -10.71
N THR B 490 -13.64 5.00 -10.89
CA THR B 490 -13.85 4.49 -12.24
C THR B 490 -14.86 5.34 -12.97
N ILE B 491 -15.90 5.75 -12.28
CA ILE B 491 -16.90 6.61 -12.88
C ILE B 491 -16.36 8.00 -13.21
N VAL B 492 -15.58 8.58 -12.33
CA VAL B 492 -15.11 9.95 -12.54
C VAL B 492 -13.83 10.05 -13.35
N LEU B 493 -12.85 9.21 -13.07
CA LEU B 493 -11.58 9.27 -13.77
C LEU B 493 -11.56 8.40 -15.01
N GLY B 494 -12.50 7.47 -15.10
CA GLY B 494 -12.53 6.57 -16.23
C GLY B 494 -11.99 5.19 -15.93
N LEU B 495 -12.07 4.30 -16.90
CA LEU B 495 -11.65 2.92 -16.70
C LEU B 495 -10.15 2.76 -16.44
N GLY B 496 -9.31 3.43 -17.22
CA GLY B 496 -7.88 3.32 -17.04
C GLY B 496 -7.32 4.00 -15.82
N LEU B 497 -7.65 5.30 -15.67
CA LEU B 497 -7.14 6.07 -14.54
C LEU B 497 -7.83 5.67 -13.25
N GLY B 498 -9.10 5.32 -13.32
CA GLY B 498 -9.84 4.89 -12.15
C GLY B 498 -9.22 3.67 -11.52
N LEU B 499 -8.70 2.77 -12.35
CA LEU B 499 -8.04 1.57 -11.84
C LEU B 499 -6.71 1.84 -11.11
N ALA B 500 -5.85 2.71 -11.64
CA ALA B 500 -4.59 3.03 -10.96
C ALA B 500 -4.84 3.68 -9.61
N ALA B 501 -5.71 4.68 -9.56
CA ALA B 501 -6.04 5.30 -8.28
C ALA B 501 -6.67 4.29 -7.34
N SER B 502 -7.44 3.35 -7.88
CA SER B 502 -8.11 2.35 -7.06
C SER B 502 -7.12 1.37 -6.44
N VAL B 503 -6.12 0.96 -7.21
CA VAL B 503 -5.09 0.06 -6.67
C VAL B 503 -4.27 0.80 -5.60
N ALA B 504 -3.97 2.08 -5.84
CA ALA B 504 -3.25 2.84 -4.83
C ALA B 504 -4.03 2.94 -3.54
N PHE B 505 -5.33 3.24 -3.63
CA PHE B 505 -6.15 3.34 -2.42
C PHE B 505 -6.32 1.99 -1.74
N GLN B 506 -6.37 0.91 -2.61
CA GLN B 506 -6.48 -0.41 -2.05
C GLN B 506 -5.23 -0.73 -1.21
N LEU B 507 -4.09 -0.27 -1.60
CA LEU B 507 -2.87 -0.53 -0.86
C LEU B 507 -2.87 0.31 0.40
N LEU B 508 -3.50 1.48 0.34
CA LEU B 508 -3.56 2.37 1.49
C LEU B 508 -4.47 1.87 2.61
N THR B 509 -5.44 1.05 2.27
CA THR B 509 -6.34 0.50 3.27
C THR B 509 -5.62 -0.50 4.17
N ILE B 510 -4.55 -1.09 3.65
CA ILE B 510 -3.74 -2.03 4.40
C ILE B 510 -3.09 -1.27 5.54
N VAL B 511 -2.66 -0.04 5.28
CA VAL B 511 -2.10 0.82 6.30
C VAL B 511 -3.21 1.27 7.25
N PHE B 512 -4.38 1.59 6.72
CA PHE B 512 -5.51 1.98 7.55
C PHE B 512 -5.86 0.90 8.55
N ARG B 513 -5.80 -0.35 8.12
CA ARG B 513 -6.10 -1.48 9.00
C ARG B 513 -5.09 -1.65 10.11
N THR B 514 -3.83 -1.30 9.87
CA THR B 514 -2.79 -1.53 10.86
C THR B 514 -2.22 -0.26 11.47
N GLN B 515 -2.76 0.90 11.09
CA GLN B 515 -2.25 2.19 11.56
C GLN B 515 -2.40 2.43 13.06
N PHE B 516 -3.54 2.05 13.62
CA PHE B 516 -3.79 2.24 15.04
C PHE B 516 -4.20 0.92 15.66
N PRO B 517 -3.22 0.03 15.85
CA PRO B 517 -3.53 -1.29 16.37
C PRO B 517 -4.10 -1.20 17.76
N LYS B 518 -5.02 -2.08 18.09
CA LYS B 518 -5.61 -2.08 19.40
C LYS B 518 -4.66 -2.79 20.35
N CYS B 519 -3.67 -2.06 20.86
CA CYS B 519 -2.71 -2.65 21.78
C CYS B 519 -3.37 -2.88 23.13
N SER B 520 -2.89 -3.87 23.87
CA SER B 520 -3.52 -4.21 25.14
C SER B 520 -2.55 -4.63 26.20
N THR B 521 -2.99 -4.57 27.46
CA THR B 521 -2.18 -5.03 28.55
C THR B 521 -2.74 -6.37 28.94
N LEU B 522 -1.87 -7.34 29.19
CA LEU B 522 -2.34 -8.68 29.50
C LEU B 522 -2.18 -9.03 30.95
N ALA B 523 -2.93 -10.01 31.41
CA ALA B 523 -2.87 -10.46 32.78
C ALA B 523 -3.16 -11.95 32.82
N ASN B 524 -2.65 -12.60 33.85
CA ASN B 524 -2.82 -14.04 34.01
C ASN B 524 -4.21 -14.34 34.58
N ILE B 525 -4.90 -15.27 33.94
CA ILE B 525 -6.22 -15.70 34.40
C ILE B 525 -6.18 -17.21 34.61
N GLY B 526 -6.36 -17.63 35.86
CA GLY B 526 -6.44 -19.04 36.20
C GLY B 526 -5.25 -19.60 36.96
N ARG B 527 -4.22 -18.79 37.21
CA ARG B 527 -3.00 -19.24 37.87
C ARG B 527 -2.32 -20.36 37.06
N THR B 528 -2.33 -20.18 35.75
CA THR B 528 -1.74 -21.12 34.80
C THR B 528 -1.01 -20.31 33.75
N ASN B 529 -0.71 -20.92 32.60
CA ASN B 529 0.04 -20.26 31.55
C ASN B 529 -0.84 -19.56 30.53
N ILE B 530 -2.02 -19.09 30.93
CA ILE B 530 -2.94 -18.39 30.04
C ILE B 530 -2.94 -16.92 30.41
N TYR B 531 -2.61 -16.07 29.44
CA TYR B 531 -2.52 -14.62 29.65
C TYR B 531 -3.45 -13.95 28.64
N LYS B 532 -4.47 -13.27 29.15
CA LYS B 532 -5.50 -12.68 28.31
C LYS B 532 -5.53 -11.17 28.52
N ASN B 533 -6.43 -10.50 27.81
CA ASN B 533 -6.57 -9.06 27.96
C ASN B 533 -6.99 -8.73 29.40
N LYS B 534 -6.35 -7.75 30.01
CA LYS B 534 -6.63 -7.42 31.39
C LYS B 534 -8.02 -6.86 31.63
N LYS B 535 -8.57 -6.18 30.64
CA LYS B 535 -9.90 -5.59 30.77
C LYS B 535 -11.04 -6.49 30.34
N ASP B 536 -10.75 -7.72 29.93
CA ASP B 536 -11.80 -8.59 29.38
C ASP B 536 -12.35 -9.66 30.32
N TYR B 537 -11.73 -9.87 31.46
CA TYR B 537 -12.16 -10.94 32.34
C TYR B 537 -12.11 -10.54 33.80
N TYR B 538 -12.70 -11.34 34.67
CA TYR B 538 -12.67 -11.06 36.09
C TYR B 538 -11.63 -11.93 36.77
N ASP B 539 -11.17 -11.51 37.93
CA ASP B 539 -10.21 -12.30 38.70
C ASP B 539 -8.90 -12.53 37.96
N MET B 540 -8.45 -11.53 37.21
CA MET B 540 -7.21 -11.65 36.48
C MET B 540 -6.08 -11.23 37.40
N TYR B 541 -4.86 -11.68 37.11
CA TYR B 541 -3.75 -11.38 38.00
C TYR B 541 -2.54 -10.83 37.28
N GLU B 542 -2.01 -9.72 37.76
CA GLU B 542 -0.79 -9.18 37.19
C GLU B 542 0.31 -9.32 38.20
N PRO B 543 1.34 -10.09 37.88
CA PRO B 543 2.48 -10.23 38.80
C PRO B 543 3.01 -8.87 39.16
N GLU B 544 3.35 -8.65 40.43
CA GLU B 544 3.81 -7.34 40.88
C GLU B 544 5.05 -6.87 40.15
N GLY B 545 5.03 -5.62 39.70
CA GLY B 545 6.17 -5.06 39.01
C GLY B 545 6.25 -5.50 37.58
N VAL B 546 5.34 -6.36 37.14
CA VAL B 546 5.44 -6.87 35.78
C VAL B 546 4.32 -6.34 34.90
N LYS B 547 4.67 -5.96 33.68
CA LYS B 547 3.70 -5.50 32.69
C LYS B 547 3.87 -6.34 31.44
N ILE B 548 2.76 -6.86 30.92
CA ILE B 548 2.75 -7.62 29.68
C ILE B 548 1.97 -6.81 28.67
N PHE B 549 2.61 -6.47 27.56
CA PHE B 549 2.03 -5.59 26.55
C PHE B 549 2.00 -6.31 25.21
N ARG B 550 0.88 -6.22 24.51
CA ARG B 550 0.67 -6.92 23.25
C ARG B 550 0.26 -5.94 22.17
N CYS B 551 1.03 -5.88 21.09
CA CYS B 551 0.63 -5.21 19.87
C CYS B 551 0.26 -6.27 18.83
N PRO B 552 -1.03 -6.34 18.48
CA PRO B 552 -1.61 -7.36 17.60
C PRO B 552 -1.42 -7.22 16.11
N SER B 553 -0.31 -6.61 15.69
CA SER B 553 -0.07 -6.35 14.27
C SER B 553 1.40 -6.18 13.96
N PRO B 554 1.76 -6.22 12.67
CA PRO B 554 3.15 -5.92 12.32
C PRO B 554 3.48 -4.48 12.70
N ILE B 555 4.71 -4.23 13.13
CA ILE B 555 5.09 -2.88 13.49
C ILE B 555 6.02 -2.34 12.42
N TYR B 556 5.69 -1.17 11.90
CA TYR B 556 6.49 -0.57 10.84
C TYR B 556 6.40 0.95 10.88
N PHE B 557 6.78 1.62 9.80
CA PHE B 557 6.81 3.08 9.79
C PHE B 557 5.49 3.78 10.09
N ALA B 558 4.37 3.19 9.69
CA ALA B 558 3.08 3.85 9.88
C ALA B 558 2.46 3.70 11.29
N ASN B 559 2.98 2.80 12.11
CA ASN B 559 2.40 2.58 13.43
C ASN B 559 3.42 2.55 14.56
N ILE B 560 4.69 2.78 14.25
CA ILE B 560 5.73 2.73 15.27
C ILE B 560 5.53 3.81 16.34
N GLY B 561 5.17 5.02 15.94
CA GLY B 561 4.89 6.07 16.90
C GLY B 561 3.70 5.74 17.77
N PHE B 562 2.69 5.12 17.19
CA PHE B 562 1.52 4.71 17.94
C PHE B 562 1.88 3.64 18.95
N PHE B 563 2.79 2.73 18.60
CA PHE B 563 3.23 1.68 19.50
C PHE B 563 3.93 2.26 20.73
N ARG B 564 4.74 3.27 20.48
CA ARG B 564 5.47 3.96 21.52
C ARG B 564 4.51 4.68 22.48
N ARG B 565 3.53 5.40 21.94
CA ARG B 565 2.53 6.11 22.73
C ARG B 565 1.72 5.14 23.58
N LYS B 566 1.29 4.03 22.99
CA LYS B 566 0.47 3.08 23.72
C LYS B 566 1.27 2.34 24.79
N LEU B 567 2.53 2.02 24.51
CA LEU B 567 3.38 1.41 25.51
C LEU B 567 3.60 2.33 26.71
N ILE B 568 3.77 3.63 26.44
CA ILE B 568 3.96 4.59 27.52
C ILE B 568 2.67 4.76 28.31
N ASP B 569 1.55 4.77 27.65
CA ASP B 569 0.29 4.88 28.37
C ASP B 569 0.03 3.61 29.18
N ALA B 570 0.52 2.47 28.71
CA ALA B 570 0.28 1.22 29.42
C ALA B 570 1.16 1.08 30.65
N VAL B 571 2.45 1.39 30.52
CA VAL B 571 3.33 1.27 31.68
C VAL B 571 3.10 2.37 32.69
N GLY B 572 2.57 3.51 32.28
CA GLY B 572 2.19 4.57 33.20
C GLY B 572 3.16 5.72 33.30
N PHE B 573 4.21 5.74 32.50
CA PHE B 573 5.22 6.78 32.57
C PHE B 573 6.05 6.73 31.29
N SER B 574 6.87 7.76 31.11
CA SER B 574 7.82 7.79 30.01
C SER B 574 9.20 7.42 30.52
N PRO B 575 9.80 6.32 30.04
CA PRO B 575 11.12 5.93 30.56
C PRO B 575 12.20 6.97 30.35
N LEU B 576 12.16 7.72 29.25
CA LEU B 576 13.13 8.78 29.03
C LEU B 576 12.96 9.93 30.03
N ARG B 577 11.73 10.26 30.40
CA ARG B 577 11.50 11.31 31.40
C ARG B 577 12.00 10.87 32.77
N ILE B 578 11.76 9.61 33.14
CA ILE B 578 12.27 9.10 34.41
C ILE B 578 13.78 9.11 34.40
N LEU B 579 14.40 8.73 33.28
CA LEU B 579 15.86 8.75 33.20
C LEU B 579 16.40 10.16 33.30
N ARG B 580 15.74 11.13 32.66
CA ARG B 580 16.20 12.51 32.71
C ARG B 580 16.09 13.08 34.12
N LYS B 581 14.99 12.77 34.82
CA LYS B 581 14.87 13.27 36.20
C LYS B 581 15.84 12.57 37.13
N ARG B 582 16.13 11.29 36.89
CA ARG B 582 17.16 10.60 37.68
C ARG B 582 18.53 11.22 37.43
N ASN B 583 18.81 11.59 36.19
CA ASN B 583 20.10 12.21 35.87
C ASN B 583 20.20 13.60 36.49
N LYS B 584 19.11 14.36 36.51
CA LYS B 584 19.08 15.64 37.21
C LYS B 584 19.37 15.44 38.70
N ALA B 585 18.70 14.47 39.31
CA ALA B 585 18.90 14.20 40.73
C ALA B 585 20.35 13.79 41.01
N LEU B 586 20.94 13.00 40.11
CA LEU B 586 22.32 12.57 40.31
C LEU B 586 23.29 13.73 40.15
N ARG B 587 23.01 14.63 39.19
CA ARG B 587 23.82 15.83 39.05
C ARG B 587 23.77 16.69 40.31
N LYS B 588 22.57 16.85 40.86
CA LYS B 588 22.44 17.63 42.10
C LYS B 588 23.13 16.94 43.26
N ILE B 589 23.07 15.61 43.33
CA ILE B 589 23.74 14.88 44.40
C ILE B 589 25.24 15.06 44.31
N ARG B 590 25.78 15.01 43.09
CA ARG B 590 27.21 15.18 42.85
C ARG B 590 27.68 16.60 43.14
N LYS B 591 26.85 17.58 42.81
CA LYS B 591 27.15 18.97 43.12
C LYS B 591 27.12 19.24 44.61
N LEU B 592 26.17 18.63 45.32
CA LEU B 592 26.07 18.83 46.77
C LEU B 592 27.11 18.02 47.54
N GLN B 593 27.61 16.93 46.98
CA GLN B 593 28.54 16.10 47.73
C GLN B 593 29.99 16.53 47.52
N LYS B 594 30.34 17.02 46.33
CA LYS B 594 31.72 17.43 46.15
C LYS B 594 31.97 18.83 46.70
N GLN B 595 30.91 19.57 47.02
CA GLN B 595 31.06 20.80 47.81
C GLN B 595 31.18 20.54 49.29
N GLY B 596 30.95 19.30 49.74
CA GLY B 596 31.08 18.95 51.14
C GLY B 596 29.78 18.92 51.93
N LEU B 597 28.68 19.45 51.39
CA LEU B 597 27.43 19.45 52.13
C LEU B 597 26.85 18.05 52.30
N LEU B 598 27.32 17.08 51.53
CA LEU B 598 26.80 15.71 51.57
C LEU B 598 27.98 14.75 51.57
N GLN B 599 28.13 14.00 52.67
CA GLN B 599 29.26 13.10 52.83
C GLN B 599 28.87 11.68 52.46
N VAL B 600 29.74 11.03 51.69
CA VAL B 600 29.47 9.68 51.22
C VAL B 600 29.79 8.67 52.33
N THR B 601 28.87 7.74 52.55
CA THR B 601 29.02 6.68 53.55
C THR B 601 28.46 5.41 52.93
N PRO B 602 29.12 4.26 53.14
CA PRO B 602 28.60 3.01 52.56
C PRO B 602 27.26 2.57 53.12
N LYS B 603 26.68 3.31 54.07
CA LYS B 603 25.40 2.97 54.66
C LYS B 603 24.25 3.82 54.11
N GLY B 604 24.50 5.06 53.73
CA GLY B 604 23.44 5.91 53.24
C GLY B 604 23.96 7.28 52.84
N PHE B 605 23.01 8.17 52.56
CA PHE B 605 23.30 9.53 52.14
C PHE B 605 23.20 10.50 53.31
N ILE B 606 24.10 10.39 54.28
CA ILE B 606 24.10 11.29 55.44
C ILE B 606 24.52 12.68 54.98
N CYS B 607 23.84 13.71 55.48
CA CYS B 607 24.12 15.10 55.13
C CYS B 607 24.50 15.86 56.38
N THR B 608 25.65 16.53 56.34
CA THR B 608 26.11 17.27 57.51
C THR B 608 25.30 18.55 57.71
N VAL B 609 24.80 19.13 56.63
CA VAL B 609 24.00 20.35 56.69
C VAL B 609 22.72 20.11 55.90
N ASP B 610 21.59 20.49 56.51
CA ASP B 610 20.27 20.34 55.90
C ASP B 610 19.69 21.66 55.44
N THR B 611 20.51 22.56 54.91
CA THR B 611 20.11 23.89 54.51
C THR B 611 20.22 24.08 53.00
N ILE B 612 19.76 23.08 52.25
CA ILE B 612 19.79 23.17 50.79
C ILE B 612 18.80 24.24 50.33
N LYS B 613 19.28 25.13 49.46
CA LYS B 613 18.46 26.19 48.90
C LYS B 613 17.97 25.78 47.51
N ASP B 614 16.76 26.24 47.18
CA ASP B 614 16.16 25.91 45.89
C ASP B 614 17.00 26.47 44.75
N SER B 615 17.48 25.57 43.88
CA SER B 615 18.31 25.98 42.76
C SER B 615 18.39 24.83 41.76
N ASP B 616 18.14 25.13 40.49
CA ASP B 616 18.26 24.12 39.44
C ASP B 616 19.40 24.50 38.51
N GLU B 617 20.06 23.51 37.91
CA GLU B 617 21.22 23.79 37.07
C GLU B 617 20.88 24.61 35.83
N GLU B 618 19.72 24.38 35.24
CA GLU B 618 19.38 25.08 34.01
C GLU B 618 20.44 24.85 32.96
N LEU B 619 20.48 23.63 32.42
CA LEU B 619 21.47 23.31 31.41
C LEU B 619 21.10 24.02 30.13
N ASP B 620 22.09 24.44 29.36
CA ASP B 620 21.77 25.14 28.12
C ASP B 620 21.42 24.19 26.98
N ASN B 621 21.14 24.74 25.81
CA ASN B 621 20.78 23.90 24.68
C ASN B 621 21.88 22.92 24.30
N ASN B 622 23.13 23.36 24.39
CA ASN B 622 24.25 22.49 24.03
C ASN B 622 24.52 21.36 25.01
N GLN B 623 24.28 21.62 26.29
CA GLN B 623 24.51 20.60 27.32
C GLN B 623 23.31 19.76 27.78
N ILE B 624 22.09 20.11 27.39
CA ILE B 624 20.95 19.36 27.92
C ILE B 624 20.82 17.87 27.56
N GLU B 625 21.62 17.40 26.63
CA GLU B 625 21.59 16.01 26.18
C GLU B 625 22.35 15.06 27.11
N VAL B 626 23.00 15.61 28.12
CA VAL B 626 23.73 14.78 29.06
C VAL B 626 22.75 14.05 29.97
N LEU B 627 21.48 14.45 29.92
CA LEU B 627 20.47 13.83 30.76
C LEU B 627 19.90 12.54 30.18
N ASP B 628 20.24 12.19 28.94
CA ASP B 628 19.80 10.92 28.40
C ASP B 628 20.86 9.83 28.48
N GLN B 629 22.00 10.12 29.07
CA GLN B 629 23.04 9.11 29.12
C GLN B 629 22.77 8.13 30.24
N PRO B 630 23.34 6.91 30.16
CA PRO B 630 23.19 5.92 31.22
C PRO B 630 23.74 6.43 32.55
N ILE B 631 23.10 5.99 33.64
CA ILE B 631 23.51 6.41 34.97
C ILE B 631 24.63 5.47 35.41
N ASN B 632 25.81 6.04 35.63
CA ASN B 632 26.94 5.25 36.11
C ASN B 632 27.32 5.76 37.47
N THR B 633 26.83 5.10 38.52
CA THR B 633 27.10 5.56 39.88
C THR B 633 28.20 4.75 40.55
N THR B 634 29.04 4.11 39.76
CA THR B 634 30.14 3.34 40.31
C THR B 634 31.03 4.25 41.16
N ASP B 635 31.01 5.55 40.90
CA ASP B 635 31.85 6.50 41.63
C ASP B 635 31.40 6.51 43.07
N LEU B 636 30.09 6.43 43.26
CA LEU B 636 29.56 6.38 44.61
C LEU B 636 29.71 4.97 45.18
N PRO B 637 30.13 4.87 46.45
CA PRO B 637 30.31 3.57 47.10
C PRO B 637 29.02 2.74 47.21
N PHE B 638 27.90 3.38 47.51
CA PHE B 638 26.66 2.62 47.73
C PHE B 638 25.62 2.85 46.65
N HIS B 639 24.90 1.79 46.29
CA HIS B 639 23.85 1.85 45.27
C HIS B 639 22.75 2.85 45.64
N ILE B 640 22.21 3.55 44.64
CA ILE B 640 21.14 4.49 44.92
C ILE B 640 19.83 3.86 44.54
N ASP B 641 18.91 3.73 45.48
CA ASP B 641 17.63 3.17 45.16
C ASP B 641 16.79 4.33 44.64
N TRP B 642 16.71 4.45 43.32
CA TRP B 642 15.98 5.56 42.71
C TRP B 642 14.52 5.53 43.07
N ASN B 643 14.03 4.37 43.49
CA ASN B 643 12.64 4.25 43.89
C ASN B 643 12.49 4.48 45.38
N ASP B 644 13.57 4.91 46.04
CA ASP B 644 13.50 5.23 47.46
C ASP B 644 13.85 6.69 47.66
N ASP B 645 13.47 7.26 48.79
CA ASP B 645 13.72 8.69 49.05
C ASP B 645 15.19 9.09 48.93
N LEU B 646 15.45 10.24 48.32
CA LEU B 646 16.82 10.70 48.14
C LEU B 646 17.20 11.79 49.15
N PRO B 647 18.50 12.05 49.32
CA PRO B 647 18.95 13.03 50.32
C PRO B 647 18.60 14.47 50.00
N LEU B 648 18.41 15.29 51.02
CA LEU B 648 18.16 16.72 50.83
C LEU B 648 16.93 17.02 49.98
N ASN B 649 15.87 16.23 50.15
CA ASN B 649 14.62 16.50 49.44
C ASN B 649 14.75 16.55 47.92
N ILE B 650 15.50 15.63 47.33
CA ILE B 650 15.57 15.57 45.88
C ILE B 650 14.42 14.69 45.41
N GLU B 651 13.53 15.23 44.58
CA GLU B 651 12.34 14.48 44.18
C GLU B 651 12.54 13.89 42.79
N VAL B 652 12.32 12.58 42.71
CA VAL B 652 12.38 11.82 41.46
C VAL B 652 11.10 10.99 41.40
N PRO B 653 10.50 10.89 40.21
CA PRO B 653 9.32 10.03 40.10
C PRO B 653 9.70 8.59 40.33
N LYS B 654 9.01 7.93 41.24
CA LYS B 654 9.30 6.54 41.53
C LYS B 654 8.48 5.63 40.65
N ILE B 655 9.12 4.62 40.08
CA ILE B 655 8.41 3.67 39.23
C ILE B 655 8.27 2.33 39.92
N SER B 656 7.19 1.61 39.64
CA SER B 656 6.98 0.30 40.22
C SER B 656 7.33 -0.82 39.24
N LEU B 657 7.46 -0.49 37.97
CA LEU B 657 7.78 -1.49 36.97
C LEU B 657 9.22 -1.94 37.06
N HIS B 658 9.43 -3.24 37.06
CA HIS B 658 10.79 -3.75 37.03
C HIS B 658 10.94 -4.69 35.86
N SER B 659 9.83 -5.16 35.29
CA SER B 659 9.91 -6.14 34.22
C SER B 659 8.84 -5.82 33.20
N LEU B 660 9.24 -5.64 31.95
CA LEU B 660 8.31 -5.34 30.87
C LEU B 660 8.39 -6.47 29.86
N ILE B 661 7.28 -7.17 29.66
CA ILE B 661 7.17 -8.25 28.69
C ILE B 661 6.43 -7.71 27.48
N LEU B 662 6.97 -7.99 26.29
CA LEU B 662 6.36 -7.57 25.04
C LEU B 662 5.94 -8.82 24.28
N ASP B 663 4.63 -9.01 24.11
CA ASP B 663 4.11 -10.19 23.44
C ASP B 663 4.11 -9.95 21.94
N PHE B 664 5.20 -10.37 21.28
CA PHE B 664 5.40 -10.14 19.86
C PHE B 664 4.88 -11.30 19.02
N SER B 665 3.89 -12.04 19.49
CA SER B 665 3.41 -13.18 18.71
C SER B 665 2.72 -12.82 17.40
N ALA B 666 1.95 -11.75 17.39
CA ALA B 666 1.29 -11.34 16.16
C ALA B 666 2.04 -10.25 15.42
N VAL B 667 3.25 -9.89 15.86
CA VAL B 667 4.08 -8.94 15.13
C VAL B 667 4.78 -9.73 14.03
N SER B 668 4.25 -9.65 12.81
CA SER B 668 4.75 -10.47 11.72
C SER B 668 6.13 -10.01 11.24
N PHE B 669 6.29 -8.71 11.01
CA PHE B 669 7.54 -8.18 10.51
C PHE B 669 7.84 -6.84 11.17
N LEU B 670 9.08 -6.40 11.02
CA LEU B 670 9.54 -5.07 11.37
C LEU B 670 10.24 -4.48 10.15
N ASP B 671 10.37 -3.17 10.13
CA ASP B 671 11.10 -2.54 9.05
C ASP B 671 12.17 -1.69 9.71
N VAL B 672 12.95 -0.97 8.92
CA VAL B 672 14.04 -0.20 9.50
C VAL B 672 13.53 0.85 10.48
N SER B 673 12.45 1.53 10.14
CA SER B 673 11.90 2.56 11.01
C SER B 673 11.49 1.98 12.34
N SER B 674 10.85 0.86 12.35
CA SER B 674 10.36 0.27 13.59
C SER B 674 11.44 -0.35 14.44
N VAL B 675 12.45 -0.97 13.79
CA VAL B 675 13.54 -1.54 14.56
C VAL B 675 14.24 -0.41 15.29
N ARG B 676 14.38 0.73 14.65
CA ARG B 676 15.01 1.88 15.28
C ARG B 676 14.18 2.39 16.45
N GLY B 677 12.88 2.49 16.26
CA GLY B 677 12.00 2.92 17.32
C GLY B 677 11.99 1.94 18.47
N LEU B 678 11.99 0.64 18.11
CA LEU B 678 12.01 -0.39 19.13
C LEU B 678 13.28 -0.35 19.96
N LYS B 679 14.41 -0.15 19.33
CA LYS B 679 15.67 -0.14 20.03
C LYS B 679 15.73 1.03 21.00
N SER B 680 15.28 2.18 20.55
CA SER B 680 15.23 3.37 21.39
C SER B 680 14.41 3.09 22.62
N ILE B 681 13.22 2.53 22.44
CA ILE B 681 12.33 2.23 23.55
C ILE B 681 13.01 1.30 24.53
N LEU B 682 13.56 0.21 24.03
CA LEU B 682 14.21 -0.77 24.90
C LEU B 682 15.40 -0.18 25.63
N GLN B 683 16.20 0.61 24.94
CA GLN B 683 17.38 1.20 25.57
C GLN B 683 16.98 2.08 26.74
N GLU B 684 15.92 2.85 26.57
CA GLU B 684 15.42 3.73 27.61
C GLU B 684 14.90 2.96 28.81
N PHE B 685 14.24 1.84 28.58
CA PHE B 685 13.72 1.03 29.68
C PHE B 685 14.87 0.33 30.40
N ILE B 686 15.88 -0.09 29.66
CA ILE B 686 17.03 -0.73 30.27
C ILE B 686 17.83 0.26 31.09
N ARG B 687 17.91 1.51 30.63
CA ARG B 687 18.68 2.53 31.34
C ARG B 687 18.05 2.96 32.65
N ILE B 688 16.76 2.72 32.80
CA ILE B 688 16.08 3.02 34.06
C ILE B 688 15.94 1.74 34.87
N LYS B 689 16.71 0.71 34.51
CA LYS B 689 16.73 -0.61 35.15
C LYS B 689 15.45 -1.44 35.05
N VAL B 690 14.73 -1.31 33.95
CA VAL B 690 13.55 -2.13 33.72
C VAL B 690 13.95 -3.20 32.75
N ASP B 691 13.90 -4.45 33.18
CA ASP B 691 14.24 -5.56 32.31
C ASP B 691 13.19 -5.77 31.25
N VAL B 692 13.62 -5.83 30.00
CA VAL B 692 12.70 -6.03 28.90
C VAL B 692 12.77 -7.42 28.33
N TYR B 693 11.62 -8.06 28.17
CA TYR B 693 11.50 -9.39 27.60
C TYR B 693 10.62 -9.34 26.37
N ILE B 694 11.05 -10.01 25.31
CA ILE B 694 10.27 -10.15 24.09
C ILE B 694 9.97 -11.62 23.90
N VAL B 695 8.68 -11.95 23.84
CA VAL B 695 8.23 -13.34 23.87
C VAL B 695 7.32 -13.60 22.68
N GLY B 696 7.16 -14.88 22.36
CA GLY B 696 6.23 -15.29 21.33
C GLY B 696 6.75 -15.26 19.92
N THR B 697 8.03 -14.94 19.72
CA THR B 697 8.60 -14.81 18.39
C THR B 697 9.21 -16.14 17.93
N ASP B 698 9.18 -16.34 16.63
CA ASP B 698 9.75 -17.53 16.01
C ASP B 698 11.24 -17.29 15.77
N ASP B 699 11.94 -18.30 15.30
CA ASP B 699 13.38 -18.18 15.11
C ASP B 699 13.73 -17.29 13.91
N ASP B 700 12.87 -17.26 12.89
CA ASP B 700 13.11 -16.38 11.75
C ASP B 700 13.05 -14.93 12.16
N PHE B 701 12.20 -14.58 13.12
CA PHE B 701 12.12 -13.21 13.61
C PHE B 701 13.43 -12.77 14.23
N ILE B 702 14.02 -13.59 15.08
CA ILE B 702 15.28 -13.24 15.72
C ILE B 702 16.42 -13.26 14.72
N GLU B 703 16.25 -14.04 13.66
CA GLU B 703 17.23 -14.12 12.60
C GLU B 703 17.31 -12.78 11.83
N LYS B 704 16.15 -12.25 11.44
CA LYS B 704 16.06 -10.98 10.72
C LYS B 704 16.50 -9.80 11.59
N LEU B 705 16.17 -9.83 12.87
CA LEU B 705 16.56 -8.76 13.79
C LEU B 705 18.08 -8.67 13.91
N ASN B 706 18.77 -9.79 13.78
CA ASN B 706 20.23 -9.78 13.81
C ASN B 706 20.81 -9.01 12.62
N ARG B 707 20.12 -9.04 11.49
CA ARG B 707 20.59 -8.32 10.32
C ARG B 707 20.42 -6.81 10.45
N TYR B 708 19.56 -6.37 11.36
CA TYR B 708 19.34 -4.95 11.58
C TYR B 708 20.32 -4.37 12.56
N GLU B 709 21.23 -5.19 13.06
CA GLU B 709 22.19 -4.72 14.07
C GLU B 709 21.43 -4.21 15.29
N PHE B 710 20.39 -4.94 15.68
CA PHE B 710 19.57 -4.53 16.82
C PHE B 710 20.26 -4.82 18.14
N PHE B 711 20.97 -5.94 18.21
CA PHE B 711 21.59 -6.34 19.46
C PHE B 711 22.95 -5.72 19.69
N ASP B 712 23.26 -5.43 20.94
CA ASP B 712 24.54 -4.80 21.27
C ASP B 712 24.78 -5.04 22.75
N GLY B 713 25.65 -4.22 23.35
CA GLY B 713 25.99 -4.40 24.75
C GLY B 713 24.84 -4.22 25.72
N GLU B 714 23.96 -3.28 25.42
CA GLU B 714 22.83 -2.99 26.27
C GLU B 714 21.66 -3.90 25.97
N VAL B 715 21.25 -3.95 24.71
CA VAL B 715 20.16 -4.80 24.29
C VAL B 715 20.73 -6.10 23.81
N LYS B 716 20.40 -7.20 24.48
CA LYS B 716 20.99 -8.48 24.15
C LYS B 716 19.96 -9.53 23.79
N SER B 717 20.40 -10.64 23.21
CA SER B 717 19.50 -11.71 22.83
C SER B 717 18.89 -12.46 24.02
N SER B 718 19.47 -12.36 25.20
CA SER B 718 18.89 -12.95 26.40
C SER B 718 17.54 -12.35 26.77
N ILE B 719 17.11 -11.30 26.06
CA ILE B 719 15.80 -10.72 26.32
C ILE B 719 14.67 -11.46 25.61
N PHE B 720 15.00 -12.39 24.72
CA PHE B 720 14.00 -13.16 24.01
C PHE B 720 13.72 -14.46 24.76
N PHE B 721 12.45 -14.69 25.07
CA PHE B 721 12.02 -15.92 25.71
C PHE B 721 11.05 -16.64 24.79
N LEU B 722 10.63 -17.84 25.17
CA LEU B 722 9.75 -18.59 24.27
C LEU B 722 8.32 -18.11 24.37
N THR B 723 7.83 -17.97 25.58
CA THR B 723 6.44 -17.58 25.79
C THR B 723 6.34 -16.57 26.91
N ILE B 724 5.14 -16.05 27.13
CA ILE B 724 4.93 -15.11 28.22
C ILE B 724 5.19 -15.79 29.55
N HIS B 725 4.69 -17.00 29.72
CA HIS B 725 4.84 -17.70 31.00
C HIS B 725 6.30 -18.01 31.32
N ASP B 726 7.11 -18.27 30.31
CA ASP B 726 8.53 -18.51 30.52
C ASP B 726 9.16 -17.26 31.10
N ALA B 727 8.91 -16.12 30.48
CA ALA B 727 9.41 -14.85 30.97
C ALA B 727 8.90 -14.57 32.38
N VAL B 728 7.63 -14.88 32.66
CA VAL B 728 7.05 -14.59 33.97
C VAL B 728 7.72 -15.43 35.05
N LEU B 729 7.97 -16.71 34.77
CA LEU B 729 8.63 -17.56 35.76
C LEU B 729 10.08 -17.15 35.96
N HIS B 730 10.75 -16.75 34.88
CA HIS B 730 12.10 -16.20 35.02
C HIS B 730 12.10 -14.96 35.90
N ILE B 731 11.13 -14.07 35.69
CA ILE B 731 11.01 -12.86 36.50
C ILE B 731 10.80 -13.22 37.96
N LEU B 732 9.92 -14.18 38.22
CA LEU B 732 9.63 -14.55 39.60
C LEU B 732 10.85 -15.14 40.30
N MET B 733 11.62 -15.99 39.61
CA MET B 733 12.79 -16.57 40.27
C MET B 733 13.89 -15.52 40.45
N LYS B 734 14.09 -14.65 39.45
CA LYS B 734 15.01 -13.52 39.62
C LYS B 734 14.65 -12.70 40.85
N LYS B 735 13.36 -12.37 41.00
CA LYS B 735 12.96 -11.45 42.06
C LYS B 735 13.00 -12.14 43.43
N ASP B 736 12.70 -13.44 43.49
CA ASP B 736 12.81 -14.13 44.77
C ASP B 736 14.28 -14.29 45.18
C1 OXL C . 16.11 22.45 4.53
C2 OXL C . 16.30 22.00 3.15
O1 OXL C . 14.98 22.31 5.07
O2 OXL C . 15.37 22.01 2.34
O3 OXL C . 17.08 22.96 5.12
O4 OXL C . 17.42 21.61 2.82
N POV D . -12.06 24.71 -16.86
P POV D . -13.53 23.28 -13.57
C1 POV D . -11.31 22.05 -12.82
C2 POV D . -10.90 22.34 -11.39
C3 POV D . -9.39 22.33 -11.32
C210 POV D . -11.00 17.67 -4.50
C310 POV D . -4.71 15.65 -4.49
C11 POV D . -14.24 23.94 -16.02
O11 POV D . -12.74 22.01 -12.97
C211 POV D . -10.03 16.60 -4.06
C311 POV D . -4.07 14.59 -3.61
C12 POV D . -13.40 24.25 -17.25
O12 POV D . -13.57 23.01 -15.16
C212 POV D . -9.51 16.93 -2.68
C312 POV D . -5.13 13.76 -2.91
C13 POV D . -11.23 23.55 -16.50
O13 POV D . -14.94 23.24 -13.04
C213 POV D . -8.79 15.73 -2.07
C313 POV D . -4.58 13.22 -1.60
C14 POV D . -11.43 25.43 -17.98
O14 POV D . -12.67 24.50 -13.33
C214 POV D . -8.71 15.87 -0.56
C314 POV D . -4.50 14.33 -0.57
C15 POV D . -12.15 25.63 -15.73
C215 POV D . -8.29 14.55 0.09
C315 POV D . -3.33 14.11 0.36
C216 POV D . -8.45 14.63 1.60
C316 POV D . -2.27 15.17 0.19
C217 POV D . -8.36 13.25 2.23
C218 POV D . -9.26 13.18 3.45
C21 POV D . -12.64 21.90 -9.85
O21 POV D . -11.42 21.40 -10.45
C22 POV D . -12.75 22.05 -8.35
O22 POV D . -13.57 22.21 -10.57
C23 POV D . -12.17 20.83 -7.63
C24 POV D . -10.66 20.94 -7.54
C25 POV D . -9.96 20.05 -8.56
C26 POV D . -10.41 18.60 -8.45
C27 POV D . -9.53 17.81 -7.51
C28 POV D . -9.37 18.49 -6.16
C29 POV D . -10.71 18.53 -5.46
C31 POV D . -7.65 20.62 -11.78
O31 POV D . -8.92 20.99 -11.18
C32 POV D . -6.67 19.79 -10.98
O32 POV D . -7.38 21.02 -12.89
C33 POV D . -7.06 18.33 -11.01
C34 POV D . -6.78 17.66 -9.67
C35 POV D . -5.28 17.61 -9.40
C36 POV D . -4.98 17.31 -7.94
C37 POV D . -5.22 15.85 -7.62
C38 POV D . -4.05 15.25 -6.87
C39 POV D . -3.75 16.04 -5.60
C01 C14 E . -13.05 27.08 -10.34
C02 C14 E . -12.48 28.29 -9.63
C03 C14 E . -12.16 27.97 -8.18
C04 C14 E . -11.24 26.76 -8.05
C05 C14 E . -11.35 26.21 -6.64
C06 C14 E . -10.17 25.33 -6.27
C07 C14 E . -10.05 25.28 -4.75
C08 C14 E . -9.43 23.97 -4.28
C09 C14 E . -9.64 23.83 -2.79
C10 C14 E . -8.90 22.63 -2.22
C11 C14 E . -9.44 22.32 -0.84
C12 C14 E . -8.93 20.97 -0.36
C13 C14 E . -9.32 20.67 1.08
C14 C14 E . -8.50 19.51 1.59
C1 D12 F . -12.23 26.54 0.93
C2 D12 F . -11.61 27.22 -0.27
C3 D12 F . -11.56 28.72 -0.08
C4 D12 F . -10.93 29.41 -1.28
C5 D12 F . -10.82 30.91 -1.05
C6 D12 F . -10.07 31.58 -2.19
C7 D12 F . -9.88 33.07 -1.90
C8 D12 F . -8.95 33.72 -2.92
C9 D12 F . -9.63 33.82 -4.28
C10 D12 F . -10.87 34.70 -4.19
C11 D12 F . -11.45 34.96 -5.58
C12 D12 F . -10.44 35.68 -6.46
C1 LPE G . -7.29 42.13 -1.46
O1 LPE G . -8.35 41.41 -0.85
C2 LPE G . -7.49 43.63 -1.30
O2H LPE G . -7.61 43.95 0.10
C3 LPE G . -6.30 44.36 -1.89
C11 LPE G . -8.43 40.08 -1.36
C12 LPE G . -8.15 39.09 -0.24
O3 LPE G . -6.49 45.77 -1.78
P LPE G . -6.09 46.72 -3.01
O31 LPE G . -4.68 46.39 -3.44
O32 LPE G . -6.46 48.14 -2.66
O33 LPE G . -7.09 46.20 -4.17
C31 LPE G . -6.58 45.88 -5.45
C32 LPE G . -7.59 46.30 -6.53
N LPE G . -7.61 47.76 -6.68
C1N LPE G . -8.56 48.35 -5.72
C2N LPE G . -6.27 48.30 -6.41
C3N LPE G . -8.01 48.10 -8.04
C13 LPE G . -8.00 37.69 -0.81
C14 LPE G . -7.59 36.70 0.28
C15 LPE G . -8.74 36.42 1.24
C16 LPE G . -8.26 35.58 2.41
C17 LPE G . -7.49 34.36 1.90
C18 LPE G . -8.40 33.42 1.13
C19 LPE G . -9.34 32.69 2.07
C20 LPE G . -8.55 31.93 3.13
C21 LPE G . -9.47 31.06 3.98
C22 LPE G . -10.16 30.02 3.10
C23 LPE G . -11.13 29.18 3.94
C24 LPE G . -10.38 28.44 5.04
C25 LPE G . -9.42 27.40 4.46
C26 LPE G . -10.20 26.32 3.70
C27 LPE G . -11.13 25.57 4.65
C28 LPE G . -10.35 24.88 5.73
C1 D10 H . -6.96 33.63 6.74
C2 D10 H . -7.31 35.02 6.25
C3 D10 H . -6.11 35.95 6.34
C4 D10 H . -6.48 37.36 5.91
C5 D10 H . -5.31 38.31 6.07
C6 D10 H . -5.72 39.73 5.74
C7 D10 H . -6.18 39.84 4.29
C8 D10 H . -6.68 41.24 4.00
C9 D10 H . -5.63 42.28 4.35
C10 D10 H . -6.16 43.68 4.10
C01 C14 I . 3.00 50.96 1.30
C02 C14 I . 1.90 50.23 0.57
C03 C14 I . 1.02 49.47 1.55
C04 C14 I . 1.84 48.50 2.38
C05 C14 I . 0.96 47.73 3.35
C06 C14 I . 1.81 46.79 4.21
C07 C14 I . 0.93 46.06 5.23
C08 C14 I . 1.77 45.17 6.13
C09 C14 I . 0.88 44.45 7.12
C10 C14 I . 1.69 43.51 8.02
C11 C14 I . 0.76 42.73 8.94
C12 C14 I . 1.53 41.73 9.78
C13 C14 I . 0.59 40.89 10.63
C14 C14 I . -0.41 40.17 9.75
C1 D10 J . 4.43 42.09 13.75
C2 D10 J . 4.56 43.58 13.51
C3 D10 J . 4.28 43.91 12.05
C4 D10 J . 4.47 45.40 11.79
C5 D10 J . 4.26 45.73 10.31
C6 D10 J . 4.49 47.22 10.06
C7 D10 J . 4.32 47.55 8.59
C8 D10 J . 4.53 49.05 8.35
C9 D10 J . 4.36 49.39 6.87
C10 D10 J . 4.56 50.87 6.65
C1 D12 K . 10.35 47.72 17.08
C2 D12 K . 11.85 47.64 16.87
C3 D12 K . 12.31 48.61 15.79
C4 D12 K . 11.58 48.32 14.48
C5 D12 K . 12.11 49.23 13.37
C6 D12 K . 11.41 48.91 12.06
C7 D12 K . 12.02 49.70 10.90
C8 D12 K . 11.87 51.20 11.12
C9 D12 K . 12.44 51.96 9.92
C10 D12 K . 12.22 53.45 10.04
C11 D12 K . 12.76 54.18 8.82
C12 D12 K . 12.49 55.66 8.91
C1 D10 L . 19.85 47.87 15.76
C2 D10 L . 18.77 48.81 15.30
C3 D10 L . 19.08 49.38 13.92
C4 D10 L . 18.09 50.48 13.56
C5 D10 L . 18.01 50.70 12.06
C6 D10 L . 18.96 51.79 11.60
C7 D10 L . 18.22 52.77 10.70
C8 D10 L . 19.14 53.39 9.68
C9 D10 L . 18.41 54.45 8.87
C10 D10 L . 19.13 54.72 7.57
C1 D10 M . 24.53 47.44 10.08
C2 D10 M . 23.11 47.95 10.00
C3 D10 M . 23.08 49.38 9.48
C4 D10 M . 23.85 50.31 10.41
C5 D10 M . 23.88 51.73 9.85
C6 D10 M . 24.54 51.74 8.49
C7 D10 M . 24.57 53.15 7.91
C8 D10 M . 25.26 53.17 6.55
C9 D10 M . 25.29 54.58 5.96
C10 D10 M . 25.98 54.59 4.62
C1 D10 N . 27.98 45.99 9.05
C2 D10 N . 28.93 46.89 8.28
C3 D10 N . 28.16 48.00 7.57
C4 D10 N . 29.13 48.90 6.78
C5 D10 N . 28.37 50.00 6.07
C6 D10 N . 29.34 50.89 5.29
C7 D10 N . 28.59 52.00 4.55
C8 D10 N . 29.56 52.88 3.76
C9 D10 N . 28.82 53.99 3.04
C10 D10 N . 29.78 54.86 2.26
C1 LPE O . 24.28 54.13 -1.13
O1 LPE O . 25.09 53.32 -0.28
C2 LPE O . 24.91 55.52 -1.24
O2H LPE O . 23.94 56.45 -1.70
C3 LPE O . 25.45 55.95 0.11
C11 LPE O . 25.28 52.04 -0.85
C12 LPE O . 26.01 51.18 0.17
O3 LPE O . 24.67 55.38 1.17
P LPE O . 23.56 56.26 1.93
O31 LPE O . 23.33 57.53 1.15
O32 LPE O . 23.90 56.31 3.40
O33 LPE O . 22.26 55.32 1.74
C31 LPE O . 20.94 55.72 2.12
C32 LPE O . 19.97 54.99 1.21
N LPE O . 18.59 55.44 1.44
C1N LPE O . 18.24 55.30 2.86
C2N LPE O . 18.49 56.85 1.04
C3N LPE O . 17.68 54.62 0.63
C13 LPE O . 26.40 49.85 -0.45
C14 LPE O . 27.71 49.43 0.17
C15 LPE O . 27.44 49.05 1.59
C16 LPE O . 28.68 48.84 2.41
C17 LPE O . 29.58 47.76 1.83
C18 LPE O . 28.90 46.41 1.66
C19 LPE O . 27.72 46.10 2.56
C20 LPE O . 28.20 45.42 3.81
C21 LPE O . 27.13 45.54 4.90
C22 LPE O . 26.44 44.23 5.27
C23 LPE O . 25.03 43.89 4.82
C24 LPE O . 23.98 44.30 5.84
C25 LPE O . 23.39 43.04 6.46
C26 LPE O . 22.35 43.36 7.53
C27 LPE O . 21.41 42.18 7.78
C28 LPE O . 22.00 40.88 7.29
C1 D10 P . 32.65 45.65 5.51
C2 D10 P . 33.73 46.55 4.93
C3 D10 P . 33.14 47.54 3.93
C4 D10 P . 34.23 48.43 3.35
C5 D10 P . 33.66 49.41 2.33
C6 D10 P . 34.76 50.29 1.76
C7 D10 P . 34.19 51.29 0.75
C8 D10 P . 35.28 52.18 0.18
C9 D10 P . 34.71 53.16 -0.83
C10 D10 P . 35.80 54.04 -1.39
C1 LPE Q . 41.59 42.93 -9.32
O1 LPE Q . 41.31 43.35 -7.99
C2 LPE Q . 42.98 43.33 -9.77
O2H LPE Q . 43.91 43.30 -8.69
C3 LPE Q . 43.40 42.33 -10.85
C11 LPE Q . 40.40 42.44 -7.38
C12 LPE Q . 40.54 42.46 -5.88
O3 LPE Q . 43.03 42.78 -12.15
P LPE Q . 42.23 41.87 -13.21
O31 LPE Q . 40.95 42.58 -13.55
O32 LPE Q . 43.16 41.51 -14.34
O33 LPE Q . 41.85 40.52 -12.42
C31 LPE Q . 42.82 39.51 -12.15
C32 LPE Q . 42.34 38.71 -10.93
N LPE Q . 43.46 38.40 -10.04
C1N LPE Q . 44.66 38.01 -10.80
C2N LPE Q . 43.76 39.57 -9.21
C3N LPE Q . 43.07 37.28 -9.17
C13 LPE Q . 40.34 41.06 -5.31
C14 LPE Q . 40.33 41.09 -3.78
C15 LPE Q . 40.17 39.70 -3.19
C16 LPE Q . 39.99 39.81 -1.68
C17 LPE Q . 39.87 38.44 -1.01
C18 LPE Q . 39.19 38.57 0.34
C19 LPE Q . 39.54 37.43 1.28
C20 LPE Q . 38.51 36.30 1.22
C21 LPE Q . 38.69 35.31 2.36
C22 LPE Q . 38.23 35.91 3.70
C23 LPE Q . 38.13 34.85 4.79
C24 LPE Q . 37.53 35.44 6.06
C25 LPE Q . 37.42 34.43 7.19
C26 LPE Q . 37.28 35.13 8.53
C27 LPE Q . 36.53 34.28 9.55
C28 LPE Q . 37.08 32.86 9.58
C1 LPE R . 37.44 41.16 -17.23
O1 LPE R . 38.39 40.51 -16.39
C2 LPE R . 37.75 42.65 -17.39
O2H LPE R . 39.10 42.84 -17.81
C3 LPE R . 36.77 43.17 -18.43
C11 LPE R . 38.22 39.11 -16.54
C12 LPE R . 38.93 38.39 -15.42
O3 LPE R . 35.44 43.18 -17.90
P LPE R . 34.32 42.13 -18.38
O31 LPE R . 33.30 42.04 -17.27
O32 LPE R . 33.82 42.53 -19.75
O33 LPE R . 35.06 40.70 -18.48
C31 LPE R . 35.61 40.24 -19.71
C32 LPE R . 36.32 38.91 -19.46
N LPE R . 37.39 38.64 -20.43
C1N LPE R . 36.82 38.47 -21.77
C2N LPE R . 38.37 39.75 -20.45
C3N LPE R . 38.09 37.42 -20.03
C13 LPE R . 38.15 37.15 -15.02
C14 LPE R . 38.73 36.62 -13.73
C15 LPE R . 37.86 37.05 -12.55
C16 LPE R . 38.22 36.43 -11.21
C17 LPE R . 38.05 36.73 -9.68
C18 LPE R . 37.54 38.12 -9.38
C19 LPE R . 37.86 38.47 -7.93
C20 LPE R . 37.38 37.33 -7.04
C21 LPE R . 37.43 37.71 -5.57
C22 LPE R . 36.23 37.14 -4.84
C23 LPE R . 36.07 37.82 -3.50
C24 LPE R . 36.61 37.00 -2.34
C25 LPE R . 35.54 36.08 -1.74
C26 LPE R . 34.38 36.89 -1.19
C27 LPE R . 34.76 37.66 0.06
C28 LPE R . 34.78 36.73 1.26
C1 D10 S . 39.28 27.90 -5.02
C2 D10 S . 40.09 29.12 -5.41
C3 D10 S . 40.19 29.24 -6.93
C4 D10 S . 40.96 30.50 -7.33
C5 D10 S . 40.97 30.65 -8.85
C6 D10 S . 41.64 31.95 -9.26
C7 D10 S . 41.56 32.14 -10.76
C8 D10 S . 42.17 33.47 -11.19
C9 D10 S . 42.05 33.67 -12.70
C10 D10 S . 42.62 35.00 -13.12
C1 D10 T . 38.18 25.16 -9.35
C2 D10 T . 38.85 26.44 -9.82
C3 D10 T . 38.68 26.63 -11.31
C4 D10 T . 39.37 27.90 -11.79
C5 D10 T . 39.25 28.06 -13.30
C6 D10 T . 40.00 29.30 -13.77
C7 D10 T . 39.92 29.44 -15.28
C8 D10 T . 40.68 30.65 -15.76
C9 D10 T . 40.60 30.79 -17.28
C10 D10 T . 41.35 32.02 -17.76
C1 D10 U . 33.01 22.91 -12.98
C2 D10 U . 34.00 23.98 -13.41
C3 D10 U . 33.77 24.37 -14.86
C4 D10 U . 34.76 25.47 -15.29
C5 D10 U . 34.54 25.84 -16.75
C6 D10 U . 35.52 26.92 -17.19
C7 D10 U . 35.30 27.28 -18.65
C8 D10 U . 36.28 28.35 -19.09
C9 D10 U . 36.07 28.71 -20.56
C10 D10 U . 37.06 29.76 -21.00
C1 D10 V . 27.42 16.07 -16.87
C2 D10 V . 28.74 16.66 -17.33
C3 D10 V . 28.61 17.29 -18.70
C4 D10 V . 29.92 17.94 -19.12
C5 D10 V . 29.77 18.64 -20.46
C6 D10 V . 31.04 19.41 -20.82
C7 D10 V . 30.86 20.19 -22.12
C8 D10 V . 32.10 21.03 -22.41
C9 D10 V . 31.92 21.85 -23.68
C10 D10 V . 33.12 22.72 -23.94
C1 D12 W . 22.24 14.58 -18.97
C2 D12 W . 22.98 15.67 -18.24
C3 D12 W . 23.98 16.35 -19.17
C4 D12 W . 23.26 16.84 -20.42
C5 D12 W . 24.24 17.45 -21.41
C6 D12 W . 24.99 18.63 -20.78
C7 D12 W . 25.68 19.43 -21.87
C8 D12 W . 26.68 18.57 -22.63
C9 D12 W . 27.22 19.34 -23.83
C10 D12 W . 26.08 19.79 -24.73
C11 D12 W . 26.59 20.54 -25.95
C12 D12 W . 25.45 20.99 -26.83
C1 LPE X . 12.98 13.11 -22.76
O1 LPE X . 12.21 11.92 -22.62
C2 LPE X . 12.02 14.29 -22.92
O2H LPE X . 11.15 14.35 -21.79
C3 LPE X . 12.83 15.57 -23.02
C11 LPE X . 12.64 11.12 -21.52
C12 LPE X . 11.48 10.96 -20.56
O3 LPE X . 11.94 16.69 -22.98
P LPE X . 11.85 17.69 -24.24
O31 LPE X . 12.15 16.91 -25.49
O32 LPE X . 12.64 18.94 -23.93
O33 LPE X . 10.29 18.08 -24.26
C31 LPE X . 9.76 18.81 -25.36
C32 LPE X . 8.48 19.53 -24.93
N LPE X . 7.92 20.25 -26.08
C1N LPE X . 8.88 21.25 -26.54
C2N LPE X . 7.65 19.30 -27.17
C3N LPE X . 6.67 20.90 -25.69
C13 LPE X . 11.82 9.97 -19.45
C14 LPE X . 10.71 9.94 -18.41
C15 LPE X . 9.38 9.62 -19.06
C16 LPE X . 8.23 9.79 -18.07
C17 LPE X . 8.40 8.81 -16.91
C18 LPE X . 8.34 7.37 -17.40
C19 LPE X . 8.64 6.40 -16.26
C20 LPE X . 10.08 6.58 -15.78
C21 LPE X . 10.39 5.61 -14.65
C22 LPE X . 11.85 5.73 -14.22
C23 LPE X . 12.17 4.73 -13.12
C24 LPE X . 11.80 3.32 -13.56
C25 LPE X . 12.19 2.30 -12.49
C26 LPE X . 13.69 2.33 -12.25
C27 LPE X . 14.45 1.91 -13.50
C28 LPE X . 15.95 2.02 -13.29
C01 C14 Y . 4.50 12.83 -18.79
C02 C14 Y . 5.18 11.63 -18.17
C03 C14 Y . 4.34 11.06 -17.02
C04 C14 Y . 5.00 9.82 -16.45
C05 C14 Y . 4.18 9.24 -15.30
C06 C14 Y . 4.87 8.03 -14.70
C07 C14 Y . 4.12 7.54 -13.47
C08 C14 Y . 4.83 6.38 -12.80
C09 C14 Y . 4.08 5.97 -11.54
C10 C14 Y . 4.76 4.80 -10.83
C11 C14 Y . 3.96 4.40 -9.61
C12 C14 Y . 4.50 3.14 -8.96
C13 C14 Y . 3.60 2.69 -7.83
C14 C14 Y . 4.05 1.34 -7.29
C1 D10 Z . -1.41 6.00 -2.74
C2 D10 Z . -0.81 7.11 -1.91
C3 D10 Z . -0.02 8.06 -2.80
C4 D10 Z . -0.91 9.21 -3.21
C5 D10 Z . -0.88 9.37 -4.71
C6 D10 Z . -1.42 10.72 -5.13
C7 D10 Z . -1.40 10.79 -6.65
C8 D10 Z . -1.61 12.21 -7.15
C9 D10 Z . -1.07 12.33 -8.56
C10 D10 Z . -1.70 13.50 -9.27
C1 LPE AA . 0.52 14.94 -4.52
O1 LPE AA . 1.36 14.98 -3.37
C2 LPE AA . 1.01 15.93 -5.56
O2H LPE AA . 2.42 15.81 -5.66
C3 LPE AA . 0.43 15.67 -6.94
C11 LPE AA . 1.54 13.69 -2.80
C12 LPE AA . 1.66 13.75 -1.29
O3 LPE AA . 1.14 16.45 -7.89
P LPE AA . 0.81 16.43 -9.46
O31 LPE AA . 0.12 15.13 -9.79
O32 LPE AA . 2.04 16.86 -10.18
O33 LPE AA . -0.29 17.55 -9.76
C31 LPE AA . -0.56 17.85 -11.14
C32 LPE AA . -2.06 17.89 -11.39
N LPE AA . -2.36 17.58 -12.79
C1N LPE AA . -1.67 18.52 -13.66
C2N LPE AA . -1.92 16.21 -13.10
C3N LPE AA . -3.82 17.68 -13.01
C13 LPE AA . 2.07 12.38 -0.74
C14 LPE AA . 1.47 12.11 0.64
C15 LPE AA . 0.02 11.66 0.51
C16 LPE AA . -0.54 11.13 1.83
C17 LPE AA . -0.85 9.64 1.75
C18 LPE AA . -2.22 9.33 1.18
C19 LPE AA . -3.34 10.20 1.76
C20 LPE AA . -3.53 9.99 3.26
C21 LPE AA . -4.82 10.68 3.72
C22 LPE AA . -5.86 9.68 4.20
C23 LPE AA . -7.10 10.36 4.77
C24 LPE AA . -7.28 10.11 6.27
C25 LPE AA . -7.32 8.62 6.59
C26 LPE AA . -8.45 8.28 7.54
C27 LPE AA . -8.29 6.93 8.24
C28 LPE AA . -7.14 6.91 9.20
C1 D12 BA . -6.70 9.47 14.85
C2 D12 BA . -8.08 8.94 15.18
C3 D12 BA . -8.97 8.96 13.95
C4 D12 BA . -9.07 10.37 13.37
C5 D12 BA . -9.96 10.40 12.14
C6 D12 BA . -9.97 11.79 11.53
C7 D12 BA . -10.90 11.83 10.32
C8 D12 BA . -10.91 13.22 9.68
C9 D12 BA . -11.87 13.27 8.50
C10 D12 BA . -11.51 12.22 7.46
C11 D12 BA . -12.46 12.27 6.28
C12 D12 BA . -12.44 13.63 5.63
C1 D10 CA . -12.18 18.41 18.62
C2 D10 CA . -11.21 19.45 18.10
C3 D10 CA . -11.91 20.44 17.18
C4 D10 CA . -10.94 21.49 16.66
C5 D10 CA . -11.64 22.48 15.76
C6 D10 CA . -10.67 23.53 15.23
C7 D10 CA . -11.40 24.58 14.39
C8 D10 CA . -10.42 25.63 13.89
C9 D10 CA . -11.12 26.67 13.05
C10 D10 CA . -10.13 27.71 12.53
C1 D10 DA . -16.43 29.14 29.85
C2 D10 DA . -15.20 29.62 29.09
C3 D10 DA . -15.61 30.33 27.81
C4 D10 DA . -14.38 30.81 27.04
C5 D10 DA . -14.79 31.53 25.76
C6 D10 DA . -13.56 32.02 25.00
C7 D10 DA . -13.97 32.80 23.75
C8 D10 DA . -12.74 33.33 23.02
C9 D10 DA . -13.15 34.09 21.78
C10 D10 DA . -11.93 34.62 21.04
C1 D10 EA . -6.83 32.36 29.76
C2 D10 EA . -8.32 32.21 29.54
C3 D10 EA . -8.59 31.34 28.32
C4 D10 EA . -8.00 31.96 27.06
C5 D10 EA . -8.64 33.31 26.76
C6 D10 EA . -8.01 33.93 25.51
C7 D10 EA . -8.17 33.00 24.33
C8 D10 EA . -7.56 33.62 23.07
C9 D10 EA . -8.23 34.95 22.76
C10 D10 EA . -7.63 35.57 21.51
C1 D10 FA . -4.62 33.87 30.83
C2 D10 FA . -3.60 34.80 30.20
C3 D10 FA . -3.85 34.93 28.70
C4 D10 FA . -2.79 35.83 28.06
C5 D10 FA . -3.01 35.92 26.55
C6 D10 FA . -1.94 36.76 25.88
C7 D10 FA . -2.17 36.82 24.38
C8 D10 FA . -1.12 37.71 23.71
C9 D10 FA . -1.38 37.83 22.22
C10 D10 FA . -0.38 38.76 21.57
C1 D10 GA . -0.32 37.28 33.59
C2 D10 GA . 0.27 38.49 32.88
C3 D10 GA . 0.27 38.28 31.38
C4 D10 GA . 0.85 39.49 30.67
C5 D10 GA . 0.82 39.31 29.15
C6 D10 GA . 1.37 40.55 28.45
C7 D10 GA . 1.32 40.39 26.93
C8 D10 GA . 1.83 41.63 26.24
C9 D10 GA . 1.74 41.49 24.72
C10 D10 GA . 2.22 42.75 24.03
C1 D12 HA . 6.33 37.66 31.99
C2 D12 HA . 5.63 38.79 31.27
C3 D12 HA . 4.87 38.27 30.05
C4 D12 HA . 5.83 37.63 29.06
C5 D12 HA . 6.78 38.67 28.47
C6 D12 HA . 7.80 38.01 27.54
C7 D12 HA . 8.63 39.05 26.83
C8 D12 HA . 7.77 39.95 25.96
C9 D12 HA . 8.61 40.96 25.19
C10 D12 HA . 9.66 40.24 24.35
C11 D12 HA . 10.47 41.23 23.53
C12 D12 HA . 9.57 41.98 22.57
C1 D10 IA . 12.35 43.72 26.62
C2 D10 IA . 13.57 43.90 25.76
C3 D10 IA . 13.25 43.55 24.31
C4 D10 IA . 14.48 43.72 23.41
C5 D10 IA . 14.15 43.37 21.96
C6 D10 IA . 15.37 43.56 21.07
C7 D10 IA . 15.03 43.23 19.62
C8 D10 IA . 16.22 43.45 18.71
C9 D10 IA . 15.87 43.17 17.27
C10 D10 IA . 17.04 43.41 16.35
C1 D12 JA . 27.46 39.97 28.41
C2 D12 JA . 26.08 40.24 27.87
C3 D12 JA . 26.12 40.45 26.36
C4 D12 JA . 24.72 40.69 25.81
C5 D12 JA . 24.75 40.87 24.30
C6 D12 JA . 23.35 41.10 23.75
C7 D12 JA . 23.37 41.25 22.24
C8 D12 JA . 24.24 42.43 21.83
C9 D12 JA . 24.25 42.59 20.31
C10 D12 JA . 25.08 43.80 19.90
C11 D12 JA . 25.02 44.00 18.40
C12 D12 JA . 23.59 44.15 17.92
C01 C14 KA . 26.12 37.54 14.39
C02 C14 KA . 26.34 38.96 14.87
C03 C14 KA . 26.45 39.00 16.39
C04 C14 KA . 25.20 38.40 17.03
C05 C14 KA . 25.29 38.47 18.55
C06 C14 KA . 26.53 37.73 19.05
C07 C14 KA . 26.60 37.78 20.57
C08 C14 KA . 27.83 37.04 21.08
C09 C14 KA . 27.89 37.07 22.61
C10 C14 KA . 29.11 36.34 23.12
C11 C14 KA . 29.16 36.36 24.65
C12 C14 KA . 30.39 35.63 25.17
C13 C14 KA . 30.42 35.64 26.69
C14 C14 KA . 31.63 34.89 27.20
C1 D12 LA . 37.81 31.16 23.34
C2 D12 LA . 36.54 31.91 23.02
C3 D12 LA . 36.58 32.47 21.60
C4 D12 LA . 35.30 33.21 21.26
C5 D12 LA . 35.36 33.78 19.85
C6 D12 LA . 34.09 34.55 19.52
C7 D12 LA . 34.17 35.15 18.12
C8 D12 LA . 32.91 35.96 17.80
C9 D12 LA . 33.02 36.62 16.43
C10 D12 LA . 31.81 37.48 16.14
C11 D12 LA . 31.95 38.19 14.80
C12 D12 LA . 30.75 39.08 14.53
C1 D10 MA . 36.68 20.43 5.41
C2 D10 MA . 35.67 19.37 5.02
C3 D10 MA . 34.72 19.90 3.96
C4 D10 MA . 35.48 20.34 2.72
C5 D10 MA . 34.54 20.88 1.66
C6 D10 MA . 35.31 21.35 0.43
C7 D10 MA . 34.36 21.92 -0.63
C8 D10 MA . 35.14 22.45 -1.82
C9 D10 MA . 34.21 23.06 -2.85
C10 D10 MA . 35.00 23.61 -4.02
C1 D10 NA . 30.19 21.12 0.20
C2 D10 NA . 30.20 19.73 -0.40
C3 D10 NA . 29.69 19.77 -1.83
C4 D10 NA . 28.42 20.57 -1.98
C5 D10 NA . 28.13 20.74 -3.46
C6 D10 NA . 29.12 21.73 -4.06
C7 D10 NA . 29.16 21.65 -5.58
C8 D10 NA . 30.43 22.25 -6.16
C9 D10 NA . 30.19 22.58 -7.63
C10 D10 NA . 31.33 23.41 -8.20
C1 LPE OA . 28.99 9.98 0.19
O1 LPE OA . 29.02 11.25 -0.45
C2 LPE OA . 30.01 9.95 1.32
O2H LPE OA . 30.11 11.23 1.96
C3 LPE OA . 29.53 8.95 2.35
C11 LPE OA . 28.61 11.13 -1.80
C12 LPE OA . 28.54 12.51 -2.41
O3 LPE OA . 30.62 8.34 3.05
P LPE OA . 30.89 8.71 4.59
O31 LPE OA . 30.82 10.21 4.67
O32 LPE OA . 32.13 8.00 5.04
O33 LPE OA . 29.66 8.10 5.44
C31 LPE OA . 28.54 8.92 5.79
C32 LPE OA . 28.83 9.83 6.97
N LPE OA . 28.79 9.09 8.24
C1N LPE OA . 29.54 7.82 8.13
C2N LPE OA . 29.39 9.92 9.29
C3N LPE OA . 27.40 8.80 8.59
C13 LPE OA . 28.23 12.37 -3.87
C14 LPE OA . 27.32 13.50 -4.33
C15 LPE OA . 28.06 14.43 -5.28
C16 LPE OA . 27.07 15.35 -5.98
C17 LPE OA . 26.04 14.53 -6.76
C18 LPE OA . 26.59 14.11 -8.12
C19 LPE OA . 26.53 15.27 -9.11
C20 LPE OA . 25.10 15.73 -9.29
C21 LPE OA . 25.01 17.08 -10.00
C22 LPE OA . 25.80 17.10 -11.30
C23 LPE OA . 26.13 18.54 -11.71
C24 LPE OA . 27.09 19.18 -10.72
C25 LPE OA . 28.43 18.44 -10.69
C26 LPE OA . 29.43 19.11 -9.76
C27 LPE OA . 29.12 18.82 -8.29
C28 LPE OA . 29.17 17.33 -7.97
N POV PA . 31.60 -0.54 3.79
P POV PA . 33.22 1.52 0.23
C1 POV PA . 30.76 2.02 -0.51
C2 POV PA . 29.53 1.78 0.36
C3 POV PA . 28.56 0.85 -0.34
C210 POV PA . 27.05 8.96 -6.78
C310 POV PA . 20.87 5.43 -7.36
C11 POV PA . 33.61 0.06 2.43
O11 POV PA . 31.85 2.37 0.32
C211 POV PA . 25.74 8.22 -6.84
C311 POV PA . 20.79 4.94 -8.79
C12 POV PA . 32.92 -0.99 3.29
O12 POV PA . 32.85 0.32 1.25
C212 POV PA . 24.65 9.20 -7.23
C312 POV PA . 20.77 6.08 -9.81
C13 POV PA . 30.62 -0.53 2.69
O13 POV PA . 33.34 0.96 -1.17
C213 POV PA . 24.76 9.72 -8.65
C313 POV PA . 20.88 5.50 -11.21
C14 POV PA . 31.15 -1.46 4.83
O14 POV PA . 34.36 2.32 0.81
C214 POV PA . 23.39 10.26 -9.05
C314 POV PA . 19.91 4.33 -11.37
C15 POV PA . 31.71 0.82 4.34
C215 POV PA . 23.47 11.35 -10.10
C315 POV PA . 19.90 3.78 -12.80
C216 POV PA . 22.09 11.90 -10.44
C316 POV PA . 21.19 3.06 -13.11
C217 POV PA . 22.23 13.21 -11.21
C218 POV PA . 21.07 13.43 -12.14
C21 POV PA . 29.72 3.89 1.48
O21 POV PA . 28.89 3.03 0.64
C22 POV PA . 29.64 5.39 1.40
O22 POV PA . 30.51 3.36 2.25
C23 POV PA . 29.67 5.87 -0.05
C24 POV PA . 28.55 5.26 -0.87
C25 POV PA . 28.55 5.76 -2.31
C26 POV PA . 28.71 7.28 -2.37
C27 POV PA . 28.86 7.78 -3.79
C28 POV PA . 27.54 7.96 -4.55
C29 POV PA . 27.86 8.84 -5.73
C31 POV PA . 27.24 2.39 -1.71
O31 POV PA . 28.26 1.36 -1.63
C32 POV PA . 27.05 3.15 -2.99
O32 POV PA . 26.59 2.65 -0.72
C33 POV PA . 26.48 2.28 -4.10
C34 POV PA . 26.25 3.12 -5.35
C35 POV PA . 25.30 4.28 -5.04
C36 POV PA . 25.35 5.37 -6.10
C37 POV PA . 24.64 4.95 -7.37
C38 POV PA . 23.19 4.61 -7.07
C39 POV PA . 22.30 5.83 -7.05
C1 D12 QA . 26.47 -4.31 -1.13
C2 D12 QA . 26.53 -2.81 -0.95
C3 D12 QA . 25.98 -2.11 -2.18
C4 D12 QA . 24.51 -2.44 -2.40
C5 D12 QA . 23.98 -1.78 -3.66
C6 D12 QA . 22.48 -1.98 -3.79
C7 D12 QA . 21.95 -1.28 -5.04
C8 D12 QA . 22.48 0.14 -5.13
C9 D12 QA . 21.64 0.97 -6.09
C10 D12 QA . 21.47 0.27 -7.44
C11 D12 QA . 20.55 1.07 -8.34
C12 D12 QA . 20.32 0.35 -9.65
C1 CLR RA . 16.02 15.71 -21.46
C2 CLR RA . 16.71 17.07 -21.45
C3 CLR RA . 17.45 17.37 -22.75
C4 CLR RA . 18.36 16.21 -23.17
C5 CLR RA . 18.31 15.11 -22.14
C6 CLR RA . 19.47 14.70 -21.59
C7 CLR RA . 19.51 13.64 -20.53
C8 CLR RA . 18.29 12.77 -20.58
C9 CLR RA . 17.01 13.61 -20.60
C10 CLR RA . 16.95 14.55 -21.79
C11 CLR RA . 15.77 12.70 -20.55
C12 CLR RA . 15.80 11.76 -19.35
C13 CLR RA . 17.06 10.95 -19.39
C14 CLR RA . 18.24 11.88 -19.35
C15 CLR RA . 19.43 10.97 -19.10
C16 CLR RA . 18.86 9.89 -18.17
C17 CLR RA . 17.34 10.03 -18.21
C18 CLR RA . 17.12 10.15 -20.69
C19 CLR RA . 16.42 13.84 -23.02
C20 CLR RA . 16.67 8.67 -18.31
C21 CLR RA . 15.20 8.79 -18.71
C22 CLR RA . 16.78 7.93 -16.98
C23 CLR RA . 16.66 6.44 -17.21
C24 CLR RA . 16.47 5.67 -15.91
C25 CLR RA . 15.20 6.06 -15.17
C26 CLR RA . 14.11 6.48 -16.14
C27 CLR RA . 14.71 4.91 -14.30
O1 CLR RA . 16.50 17.63 -23.79
C1 OXL SA . -17.63 -7.77 -19.84
C2 OXL SA . -17.37 -9.18 -20.06
O1 OXL SA . -18.76 -7.43 -19.45
O2 OXL SA . -18.33 -9.91 -20.41
O3 OXL SA . -16.76 -6.92 -20.06
O4 OXL SA . -16.23 -9.63 -19.85
C01 C14 TA . 9.92 6.98 -29.11
C02 C14 TA . 9.44 5.88 -30.04
C03 C14 TA . 9.33 4.56 -29.31
C04 C14 TA . 8.33 4.64 -28.16
C05 C14 TA . 7.58 3.33 -28.05
C06 C14 TA . 7.15 3.03 -26.61
C07 C14 TA . 7.55 1.62 -26.29
C08 C14 TA . 7.05 1.16 -24.94
C09 C14 TA . 7.40 -0.31 -24.76
C10 C14 TA . 6.89 -0.85 -23.45
C11 C14 TA . 7.54 -2.19 -23.13
C12 C14 TA . 7.27 -2.53 -21.66
C13 C14 TA . 8.28 -3.51 -21.11
C14 C14 TA . 8.02 -3.76 -19.64
C1 D12 UA . 9.30 -4.08 -27.86
C2 D12 UA . 10.23 -3.40 -28.84
C3 D12 UA . 9.77 -1.98 -29.12
C4 D12 UA . 8.41 -1.97 -29.82
C5 D12 UA . 8.50 -2.66 -31.17
C6 D12 UA . 7.14 -2.63 -31.87
C7 D12 UA . 7.21 -3.34 -33.21
C8 D12 UA . 8.19 -2.64 -34.14
C9 D12 UA . 7.72 -1.22 -34.45
C10 D12 UA . 8.72 -0.52 -35.37
C11 D12 UA . 8.23 0.87 -35.73
C12 D12 UA . 6.89 0.80 -36.44
C1 LPE VA . 3.89 -4.82 -42.39
O1 LPE VA . 5.06 -5.23 -41.68
C2 LPE VA . 4.01 -5.20 -43.85
O2H LPE VA . 4.23 -6.61 -43.97
C3 LPE VA . 2.72 -4.81 -44.57
C11 LPE VA . 5.18 -4.51 -40.46
C12 LPE VA . 5.09 -5.48 -39.28
O3 LPE VA . 2.81 -5.15 -45.95
P LPE VA . 2.25 -4.11 -47.05
O31 LPE VA . 0.84 -3.74 -46.66
O32 LPE VA . 2.55 -4.65 -48.43
O33 LPE VA . 3.17 -2.82 -46.80
C31 LPE VA . 2.60 -1.53 -46.63
C32 LPE VA . 3.47 -0.47 -47.29
N LPE VA . 3.37 -0.56 -48.76
C1N LPE VA . 4.36 -1.52 -49.28
C2N LPE VA . 2.03 -0.99 -49.15
C3N LPE VA . 3.64 0.76 -49.35
C13 LPE VA . 4.98 -4.71 -37.98
C14 LPE VA . 4.74 -5.65 -36.81
C15 LPE VA . 6.00 -6.47 -36.49
C16 LPE VA . 5.66 -7.52 -35.43
C17 LPE VA . 4.95 -6.88 -34.25
C18 LPE VA . 5.86 -5.91 -33.51
C19 LPE VA . 6.93 -6.65 -32.73
C20 LPE VA . 6.28 -7.63 -31.75
C21 LPE VA . 7.34 -8.26 -30.85
C22 LPE VA . 8.02 -7.19 -30.02
C23 LPE VA . 9.11 -7.80 -29.15
C24 LPE VA . 8.52 -8.82 -28.18
C25 LPE VA . 7.60 -8.15 -27.17
C26 LPE VA . 8.38 -7.18 -26.29
C27 LPE VA . 9.44 -7.92 -25.48
C28 LPE VA . 8.80 -8.94 -24.57
C1 D10 WA . 4.88 -11.58 -32.75
C2 D10 WA . 5.09 -11.28 -34.21
C3 D10 WA . 3.84 -11.61 -35.01
C4 D10 WA . 4.07 -11.37 -36.50
C5 D10 WA . 2.85 -11.78 -37.31
C6 D10 WA . 3.12 -11.64 -38.80
C7 D10 WA . 3.45 -10.20 -39.17
C8 D10 WA . 3.83 -10.10 -40.64
C9 D10 WA . 2.74 -10.68 -41.52
C10 D10 WA . 3.13 -10.62 -42.98
C01 C14 XA . -6.73 -9.69 -49.79
C02 C14 XA . -5.65 -8.77 -49.28
C03 C14 XA . -4.63 -9.55 -48.46
C04 C14 XA . -5.31 -10.27 -47.31
C05 C14 XA . -4.30 -11.04 -46.47
C06 C14 XA . -4.99 -11.80 -45.36
C07 C14 XA . -3.98 -12.62 -44.55
C08 C14 XA . -4.68 -13.43 -43.46
C09 C14 XA . -3.64 -14.23 -42.68
C10 C14 XA . -4.30 -15.02 -41.55
C11 C14 XA . -3.26 -15.74 -40.71
C12 C14 XA . -3.89 -16.47 -39.54
C13 C14 XA . -2.81 -17.10 -38.66
C14 C14 XA . -1.84 -16.05 -38.18
C1 D10 YA . -6.45 -20.64 -39.04
C2 D10 YA . -6.71 -20.64 -40.53
C3 D10 YA . -6.58 -19.24 -41.11
C4 D10 YA . -6.90 -19.23 -42.59
C5 D10 YA . -6.84 -17.82 -43.17
C6 D10 YA . -7.19 -17.83 -44.64
C7 D10 YA . -7.17 -16.42 -45.22
C8 D10 YA . -7.51 -16.44 -46.70
C9 D10 YA . -7.50 -15.02 -47.28
C10 D10 YA . -7.82 -15.04 -48.75
C1 D12 ZA . -12.46 -25.24 -43.57
C2 D12 ZA . -13.96 -25.14 -43.40
C3 D12 ZA . -14.58 -24.25 -44.48
C4 D12 ZA . -13.95 -22.88 -44.47
C5 D12 ZA . -14.63 -21.96 -45.48
C6 D12 ZA . -14.02 -20.56 -45.43
C7 D12 ZA . -14.78 -19.59 -46.33
C8 D12 ZA . -14.73 -20.03 -47.78
C9 D12 ZA . -15.45 -19.01 -48.66
C10 D12 ZA . -15.33 -19.35 -50.13
C11 D12 ZA . -16.03 -18.31 -50.99
C12 D12 ZA . -15.86 -18.61 -52.46
C1 D10 AB . -23.82 -21.23 -42.83
C2 D10 AB . -22.98 -22.09 -43.74
C3 D10 AB . -22.42 -21.28 -44.90
C4 D10 AB . -21.56 -22.14 -45.82
C5 D10 AB . -21.00 -21.32 -46.97
C6 D10 AB . -22.13 -20.67 -47.76
C7 D10 AB . -21.59 -19.83 -48.91
C8 D10 AB . -22.72 -19.18 -49.69
C9 D10 AB . -22.18 -18.32 -50.82
C10 D10 AB . -23.32 -17.68 -51.59
C1 D10 BB . -27.13 -19.34 -43.17
C2 D10 BB . -25.75 -19.23 -43.80
C3 D10 BB . -25.87 -18.94 -45.29
C4 D10 BB . -26.63 -20.06 -45.99
C5 D10 BB . -26.81 -19.74 -47.47
C6 D10 BB . -27.58 -18.44 -47.65
C7 D10 BB . -27.76 -18.10 -49.13
C8 D10 BB . -28.56 -16.82 -49.29
C9 D10 BB . -28.74 -16.47 -50.76
C10 D10 BB . -29.54 -15.19 -50.92
C1 D10 CB . -30.54 -18.34 -41.61
C2 D10 CB . -31.61 -17.78 -42.53
C3 D10 CB . -30.99 -17.21 -43.80
C4 D10 CB . -32.07 -16.65 -44.71
C5 D10 CB . -31.46 -16.07 -45.98
C6 D10 CB . -32.55 -15.51 -46.89
C7 D10 CB . -31.96 -14.91 -48.15
C8 D10 CB . -33.05 -14.34 -49.06
C9 D10 CB . -32.46 -13.75 -50.33
C10 D10 CB . -33.54 -13.18 -51.22
C1 LPE DB . -28.50 -9.16 -50.25
O1 LPE DB . -29.64 -9.74 -49.63
C2 LPE DB . -28.80 -8.95 -51.73
O2H LPE DB . -27.59 -8.62 -52.42
C3 LPE DB . -29.39 -10.23 -52.31
C11 LPE DB . -29.85 -9.21 -48.32
C12 LPE DB . -30.58 -10.26 -47.48
O3 LPE DB . -28.58 -11.33 -51.91
P LPE DB . -27.36 -11.83 -52.85
O31 LPE DB . -27.66 -11.38 -54.26
O32 LPE DB . -27.09 -13.27 -52.54
O33 LPE DB . -26.13 -10.96 -52.30
C31 LPE DB . -24.80 -11.29 -52.67
C32 LPE DB . -23.83 -10.42 -51.89
N LPE DB . -22.45 -10.75 -52.29
C1N LPE DB . -22.20 -12.18 -52.02
C2N LPE DB . -22.30 -10.50 -53.74
C3N LPE DB . -21.50 -9.93 -51.54
C13 LPE DB . -31.03 -9.65 -46.16
C14 LPE DB . -31.72 -10.70 -45.30
C15 LPE DB . -30.73 -11.80 -44.94
C16 LPE DB . -31.38 -12.87 -44.07
C17 LPE DB . -31.96 -12.26 -42.80
C18 LPE DB . -30.92 -11.45 -42.05
C19 LPE DB . -29.74 -12.31 -41.61
C20 LPE DB . -30.21 -13.46 -40.73
C21 LPE DB . -29.04 -14.22 -40.11
C22 LPE DB . -28.26 -13.33 -39.14
C23 LPE DB . -27.05 -12.70 -39.82
C24 LPE DB . -26.00 -13.75 -40.13
C25 LPE DB . -25.42 -14.30 -38.83
C26 LPE DB . -24.36 -15.36 -39.12
C27 LPE DB . -23.64 -15.76 -37.84
C28 LPE DB . -24.63 -16.18 -36.78
C1 D10 EB . -35.45 -15.12 -41.42
C2 D10 EB . -36.64 -14.78 -42.29
C3 D10 EB . -36.21 -13.92 -43.48
C4 D10 EB . -37.41 -13.56 -44.34
C5 D10 EB . -36.99 -12.68 -45.52
C6 D10 EB . -38.20 -12.33 -46.38
C7 D10 EB . -37.79 -11.45 -47.56
C8 D10 EB . -38.99 -11.12 -48.43
C9 D10 EB . -38.59 -10.23 -49.60
C10 D10 EB . -39.78 -9.90 -50.47
C1 LPE FB . -46.86 -1.49 -39.37
O1 LPE FB . -45.95 -2.49 -39.87
C2 LPE FB . -47.95 -1.17 -40.39
O2H LPE FB . -49.20 -1.66 -39.90
C3 LPE FB . -48.08 0.35 -40.67
C11 LPE FB . -44.66 -2.39 -39.25
C12 LPE FB . -43.90 -3.72 -39.30
O3 LPE FB . -47.47 1.20 -41.65
P LPE FB . -46.65 2.57 -41.36
O31 LPE FB . -45.53 2.65 -42.36
O32 LPE FB . -47.61 3.74 -41.29
O33 LPE FB . -45.99 2.33 -39.91
C31 LPE FB . -46.80 2.38 -38.75
C32 LPE FB . -46.25 1.40 -37.73
N LPE FB . -47.19 1.15 -36.62
C1N LPE FB . -47.27 2.38 -35.82
C2N LPE FB . -48.53 0.82 -37.12
C3N LPE FB . -46.72 0.03 -35.81
C13 LPE FB . -43.76 -4.25 -37.88
C14 LPE FB . -43.20 -5.67 -37.84
C15 LPE FB . -43.33 -6.21 -36.42
C16 LPE FB . -42.58 -7.53 -36.24
C17 LPE FB . -42.72 -8.04 -34.81
C18 LPE FB . -42.39 -9.53 -34.73
C19 LPE FB . -42.51 -10.06 -33.31
C20 LPE FB . -41.21 -9.89 -32.54
C21 LPE FB . -41.16 -10.78 -31.30
C22 LPE FB . -40.69 -12.19 -31.66
C23 LPE FB . -40.23 -12.95 -30.42
C24 LPE FB . -39.63 -14.29 -30.78
C25 LPE FB . -39.26 -15.08 -29.54
C26 LPE FB . -38.61 -16.42 -29.92
C27 LPE FB . -38.29 -17.24 -28.67
C28 LPE FB . -39.46 -17.27 -27.71
C1 LPE GB . -42.77 8.18 -38.90
O1 LPE GB . -43.37 7.10 -38.20
C2 LPE GB . -43.63 8.57 -40.10
O2H LPE GB . -44.81 9.22 -39.63
C3 LPE GB . -42.87 9.52 -41.03
C11 LPE GB . -42.46 6.55 -37.26
C12 LPE GB . -43.15 5.60 -36.30
O3 LPE GB . -41.57 9.01 -41.35
P LPE GB . -40.22 9.90 -41.19
O31 LPE GB . -39.07 8.95 -41.38
O32 LPE GB . -40.32 11.11 -42.08
O33 LPE GB . -40.24 10.39 -39.65
C31 LPE GB . -41.01 11.51 -39.21
C32 LPE GB . -41.61 11.20 -37.84
N LPE GB . -42.85 11.93 -37.54
C1N LPE GB . -42.57 13.35 -37.32
C2N LPE GB . -43.84 11.81 -38.61
C3N LPE GB . -43.44 11.36 -36.31
C13 LPE GB . -42.14 5.15 -35.26
C14 LPE GB . -42.38 3.69 -34.86
C15 LPE GB . -42.32 2.78 -36.08
C16 LPE GB . -43.07 1.49 -35.81
C17 LPE GB . -42.48 0.78 -34.60
C18 LPE GB . -41.10 0.23 -34.91
C19 LPE GB . -41.17 -1.17 -35.49
C20 LPE GB . -41.33 -2.17 -34.36
C21 LPE GB . -40.91 -3.57 -34.79
C22 LPE GB . -39.41 -3.76 -34.64
C23 LPE GB . -38.99 -5.12 -35.19
C24 LPE GB . -39.61 -6.26 -34.41
C25 LPE GB . -38.84 -6.52 -33.13
C26 LPE GB . -37.38 -6.86 -33.44
C27 LPE GB . -37.19 -8.23 -34.06
C28 LPE GB . -38.23 -9.23 -33.60
C1 D10 HB . -41.64 -2.43 -24.98
C2 D10 HB . -42.57 -2.30 -26.18
C3 D10 HB . -42.81 -0.83 -26.51
C4 D10 HB . -43.69 -0.68 -27.75
C5 D10 HB . -43.85 0.78 -28.13
C6 D10 HB . -44.64 0.94 -29.42
C7 D10 HB . -44.70 2.40 -29.83
C8 D10 HB . -45.44 2.56 -31.16
C9 D10 HB . -45.47 4.02 -31.60
C10 D10 HB . -46.17 4.18 -32.93
C1 D10 IB . -40.72 2.36 -23.03
C2 D10 IB . -41.52 2.56 -24.31
C3 D10 IB . -41.49 4.02 -24.74
C4 D10 IB . -42.32 4.22 -26.01
C5 D10 IB . -42.33 5.70 -26.40
C6 D10 IB . -43.20 5.91 -27.64
C7 D10 IB . -43.26 7.38 -28.00
C8 D10 IB . -44.15 7.62 -29.22
C9 D10 IB . -44.19 9.09 -29.60
C10 D10 IB . -45.08 9.31 -30.80
C1 D10 JB . -35.73 6.66 -21.81
C2 D10 JB . -36.82 6.84 -22.84
C3 D10 JB . -36.75 8.22 -23.48
C4 D10 JB . -37.85 8.40 -24.53
C5 D10 JB . -37.78 9.78 -25.14
C6 D10 JB . -38.87 9.98 -26.18
C7 D10 JB . -38.80 11.37 -26.79
C8 D10 JB . -39.89 11.57 -27.83
C9 D10 JB . -39.84 12.98 -28.42
C10 D10 JB . -40.93 13.18 -29.45
C1 D10 KB . -30.01 11.98 -16.15
C2 D10 KB . -31.40 12.24 -16.67
C3 D10 KB . -31.43 13.50 -17.53
C4 D10 KB . -32.82 13.73 -18.12
C5 D10 KB . -32.84 14.94 -19.04
C6 D10 KB . -34.18 15.08 -19.73
C7 D10 KB . -34.18 16.24 -20.72
C8 D10 KB . -35.49 16.31 -21.48
C9 D10 KB . -35.47 17.45 -22.50
C10 D10 KB . -36.76 17.48 -23.29
C1 D12 LB . -25.59 14.76 -16.14
C2 D12 LB . -27.03 14.39 -16.36
C3 D12 LB . -27.79 15.52 -17.06
C4 D12 LB . -27.14 15.83 -18.40
C5 D12 LB . -27.85 16.99 -19.10
C6 D12 LB . -29.31 16.67 -19.36
C7 D12 LB . -29.98 17.80 -20.13
C8 D12 LB . -29.89 19.10 -19.34
C9 D12 LB . -30.47 20.26 -20.15
C10 D12 LB . -29.65 20.47 -21.43
C11 D12 LB . -30.20 21.66 -22.22
C12 D12 LB . -29.38 21.90 -23.46
C1 CLR MB . -19.45 17.89 -18.43
C2 CLR MB . -20.19 17.66 -19.75
C3 CLR MB . -20.98 18.87 -20.21
C4 CLR MB . -21.85 19.43 -19.10
C5 CLR MB . -21.75 18.59 -17.86
C6 CLR MB . -22.87 18.08 -17.33
C7 CLR MB . -22.85 17.18 -16.12
C8 CLR MB . -21.60 17.41 -15.30
C9 CLR MB . -20.35 17.33 -16.18
C10 CLR MB . -20.37 18.36 -17.30
C11 CLR MB . -19.08 17.47 -15.33
C12 CLR MB . -19.04 16.41 -14.22
C13 CLR MB . -20.29 16.55 -13.37
C14 CLR MB . -21.49 16.33 -14.26
C15 CLR MB . -22.64 16.19 -13.26
C16 CLR MB . -22.01 15.46 -12.08
C17 CLR MB . -20.50 15.52 -12.28
C18 CLR MB . -20.36 17.96 -12.78
C19 CLR MB . -19.85 19.71 -16.81
C20 CLR MB . -19.78 15.84 -10.98
C21 CLR MB . -18.34 16.26 -11.20
C22 CLR MB . -19.84 14.64 -10.04
C23 CLR MB . -19.67 15.09 -8.61
C24 CLR MB . -19.41 13.93 -7.65
C25 CLR MB . -18.13 13.18 -7.97
C26 CLR MB . -17.09 14.12 -8.57
C27 CLR MB . -17.59 12.50 -6.71
O1 CLR MB . -20.07 19.89 -20.66
C1 LPE NB . -15.94 19.29 -15.36
O1 LPE NB . -15.07 19.40 -14.22
C2 LPE NB . -15.10 19.33 -16.61
O2H LPE NB . -14.13 18.28 -16.58
C3 LPE NB . -16.00 19.17 -17.84
C11 LPE NB . -15.36 18.42 -13.23
C12 LPE NB . -14.10 17.58 -13.02
O3 LPE NB . -15.19 19.02 -19.01
P LPE NB . -15.28 20.10 -20.19
O31 LPE NB . -15.63 21.45 -19.58
O32 LPE NB . -16.12 19.54 -21.31
O33 LPE NB . -13.76 20.18 -20.71
C31 LPE NB . -13.37 21.18 -21.64
C32 LPE NB . -12.12 20.73 -22.39
N LPE NB . -11.71 21.80 -23.31
C1N LPE NB . -12.78 22.02 -24.30
C2N LPE NB . -11.46 23.03 -22.56
C3N LPE NB . -10.48 21.39 -24.01
C13 LPE NB . -14.29 16.61 -11.85
C14 LPE NB . -13.09 15.68 -11.76
C15 LPE NB . -11.80 16.47 -11.65
C16 LPE NB . -10.59 15.54 -11.76
C17 LPE NB . -10.58 14.55 -10.61
C18 LPE NB . -10.46 15.25 -9.27
C19 LPE NB . -10.61 14.27 -8.12
C20 LPE NB . -12.00 13.68 -8.10
C21 LPE NB . -12.15 12.70 -6.94
C22 LPE NB . -13.56 12.13 -6.87
C23 LPE NB . -13.72 11.19 -5.70
C24 LPE NB . -13.28 11.87 -4.40
C25 LPE NB . -13.51 10.95 -3.20
C26 LPE NB . -14.98 10.61 -3.07
C27 LPE NB . -15.82 11.85 -2.78
C28 LPE NB . -17.29 11.52 -2.73
C01 C14 OB . -7.03 16.01 -14.61
C02 C14 OB . -7.62 15.01 -13.64
C03 C14 OB . -6.56 14.47 -12.71
C04 C14 OB . -7.17 13.55 -11.66
C05 C14 OB . -6.14 13.09 -10.64
C06 C14 OB . -6.78 12.17 -9.63
C07 C14 OB . -5.79 11.79 -8.53
C08 C14 OB . -6.43 10.84 -7.52
C09 C14 OB . -5.49 10.61 -6.34
C10 C14 OB . -6.11 9.65 -5.33
C11 C14 OB . -5.24 9.55 -4.09
C12 C14 OB . -5.76 8.51 -3.10
C13 C14 OB . -5.02 7.20 -3.24
C14 C14 OB . -5.14 6.64 -4.64
C1 D10 PB . 0.06 0.76 -5.77
C2 D10 PB . 0.55 0.89 -7.18
C3 D10 PB . -0.30 1.87 -7.97
C4 D10 PB . 0.27 2.08 -9.37
C5 D10 PB . -0.44 3.23 -10.07
C6 D10 PB . 0.28 3.61 -11.37
C7 D10 PB . -0.37 4.84 -11.97
C8 D10 PB . 0.38 5.31 -13.22
C9 D10 PB . -0.26 6.57 -13.78
C10 D10 PB . 0.45 7.03 -15.03
C1 LPE QB . -2.31 2.08 -15.18
O1 LPE QB . -2.75 0.74 -15.00
C2 LPE QB . -3.19 2.76 -16.22
O2H LPE QB . -4.55 2.66 -15.81
C3 LPE QB . -2.79 4.23 -16.33
C11 LPE QB . -3.10 0.50 -13.65
C12 LPE QB . -2.64 -0.90 -13.24
O3 LPE QB . -3.62 4.85 -17.30
P LPE QB . -3.63 6.45 -17.47
O31 LPE QB . -3.87 7.07 -16.13
O32 LPE QB . -4.52 6.80 -18.64
O33 LPE QB . -2.10 6.75 -17.89
C31 LPE QB . -1.62 8.09 -17.96
C32 LPE QB . -0.18 8.08 -18.42
N LPE QB . 0.34 9.45 -18.42
C1N LPE QB . -0.49 10.29 -19.30
C2N LPE QB . 0.29 9.99 -17.06
C3N LPE QB . 1.72 9.46 -18.90
C13 LPE QB . -2.90 -1.13 -11.76
C14 LPE QB . -2.35 -2.48 -11.33
C15 LPE QB . -0.86 -2.59 -11.69
C16 LPE QB . -0.29 -3.90 -11.17
C17 LPE QB . -0.17 -3.88 -9.66
C18 LPE QB . 0.90 -2.90 -9.20
C19 LPE QB . 2.27 -3.34 -9.70
C20 LPE QB . 2.54 -4.79 -9.29
C21 LPE QB . 3.82 -5.32 -9.92
C22 LPE QB . 5.07 -4.78 -9.23
C23 LPE QB . 6.31 -5.31 -9.92
C24 LPE QB . 6.31 -6.83 -9.97
C25 LPE QB . 6.48 -7.43 -8.59
C26 LPE QB . 7.88 -7.20 -8.06
C27 LPE QB . 8.00 -7.64 -6.61
C28 LPE QB . 7.56 -9.07 -6.42
C1 D12 RB . 7.07 -15.74 -7.70
C2 D12 RB . 8.51 -15.88 -7.24
C3 D12 RB . 9.29 -14.60 -7.53
C4 D12 RB . 9.23 -14.26 -9.00
C5 D12 RB . 10.01 -12.99 -9.30
C6 D12 RB . 9.87 -12.60 -10.76
C7 D12 RB . 10.68 -11.35 -11.07
C8 D12 RB . 10.54 -10.94 -12.53
C9 D12 RB . 11.40 -9.72 -12.84
C10 D12 RB . 11.02 -8.55 -11.93
C11 D12 RB . 11.86 -7.33 -12.25
C12 D12 RB . 11.69 -6.91 -13.69
C1 D10 SB . 12.18 -20.48 -16.39
C2 D10 SB . 11.10 -20.20 -17.41
C3 D10 SB . 11.64 -19.39 -18.58
C4 D10 SB . 10.55 -19.12 -19.61
C5 D10 SB . 11.11 -18.34 -20.80
C6 D10 SB . 10.02 -18.06 -21.82
C7 D10 SB . 10.59 -17.35 -23.04
C8 D10 SB . 9.50 -17.09 -24.07
C9 D10 SB . 10.06 -16.37 -25.30
C10 D10 SB . 8.97 -16.10 -26.30
C1 D10 TB . 16.57 -32.93 -25.60
C2 D10 TB . 15.26 -32.34 -26.09
C3 D10 TB . 15.51 -31.17 -27.02
C4 D10 TB . 14.19 -30.58 -27.50
C5 D10 TB . 14.43 -29.39 -28.44
C6 D10 TB . 13.11 -28.82 -28.94
C7 D10 TB . 13.35 -27.68 -29.92
C8 D10 TB . 12.04 -27.13 -30.45
C9 D10 TB . 12.27 -25.99 -31.44
C10 D10 TB . 10.97 -25.46 -31.96
C1 D10 UB . 7.52 -33.62 -28.39
C2 D10 UB . 8.87 -33.07 -28.81
C3 D10 UB . 8.99 -31.57 -28.54
C4 D10 UB . 7.67 -30.83 -28.78
C5 D10 UB . 7.30 -30.86 -30.24
C6 D10 UB . 6.58 -29.57 -30.66
C7 D10 UB . 7.42 -28.35 -30.37
C8 D10 UB . 6.83 -27.09 -30.98
C9 D10 UB . 7.22 -26.97 -32.44
C10 D10 UB . 6.59 -25.76 -33.09
C1 D10 VB . 4.39 -35.41 -29.00
C2 D10 VB . 3.73 -35.21 -30.34
C3 D10 VB . 4.05 -33.82 -30.90
C4 D10 VB . 2.96 -33.39 -31.87
C5 D10 VB . 2.93 -31.88 -32.02
C6 D10 VB . 1.51 -31.40 -32.26
C7 D10 VB . 1.49 -29.92 -32.58
C8 D10 VB . 0.18 -29.54 -33.26
C9 D10 VB . 0.40 -28.41 -34.24
C10 D10 VB . -0.69 -28.41 -35.28
C1 D10 WB . 0.29 -39.07 -31.68
C2 D10 WB . -0.43 -38.61 -32.93
C3 D10 WB . -0.55 -37.08 -32.96
C4 D10 WB . -1.28 -36.63 -34.22
C5 D10 WB . -1.36 -35.10 -34.26
C6 D10 WB . -2.05 -34.65 -35.54
C7 D10 WB . -2.12 -33.13 -35.61
C8 D10 WB . -2.77 -32.67 -36.91
C9 D10 WB . -2.80 -31.15 -37.01
C10 D10 WB . -3.43 -30.70 -38.31
C1 D12 XB . -6.46 -38.03 -31.73
C2 D12 XB . -5.91 -37.46 -33.02
C3 D12 XB . -5.23 -36.13 -32.76
C4 D12 XB . -6.22 -35.11 -32.20
C5 D12 XB . -7.30 -34.76 -33.23
C6 D12 XB . -8.33 -33.82 -32.64
C7 D12 XB . -9.31 -33.34 -33.70
C8 D12 XB . -8.57 -32.56 -34.79
C9 D12 XB . -9.55 -32.03 -35.83
C10 D12 XB . -10.62 -31.16 -35.15
C11 D12 XB . -11.56 -30.56 -36.19
C12 D12 XB . -10.80 -29.68 -37.15
C1 D10 YB . -13.36 -34.16 -38.02
C2 D10 YB . -14.65 -33.40 -38.21
C3 D10 YB . -14.43 -31.89 -38.12
C4 D10 YB . -15.74 -31.14 -38.33
C5 D10 YB . -15.50 -29.64 -38.23
C6 D10 YB . -16.80 -28.87 -38.45
C7 D10 YB . -16.56 -27.37 -38.37
C8 D10 YB . -17.85 -26.60 -38.63
C9 D10 YB . -17.59 -25.10 -38.60
C10 D10 YB . -18.87 -24.33 -38.88
C1 D12 ZB . -27.94 -36.41 -32.77
C2 D12 ZB . -26.63 -35.81 -33.23
C3 D12 ZB . -26.82 -34.37 -33.67
C4 D12 ZB . -25.49 -33.76 -34.12
C5 D12 ZB . -25.67 -32.30 -34.52
C6 D12 ZB . -24.33 -31.69 -34.93
C7 D12 ZB . -24.49 -30.23 -35.31
C8 D12 ZB . -25.48 -30.08 -36.47
C9 D12 ZB . -25.63 -28.62 -36.85
C10 D12 ZB . -26.57 -28.46 -38.04
C11 D12 ZB . -26.65 -27.00 -38.47
C12 D12 ZB . -25.28 -26.46 -38.82
C01 C14 AC . -27.63 -22.12 -32.62
C02 C14 AC . -27.90 -22.83 -33.93
C03 C14 AC . -27.88 -24.35 -33.73
C04 C14 AC . -26.55 -24.79 -33.15
C05 C14 AC . -26.51 -26.30 -32.98
C06 C14 AC . -27.64 -26.77 -32.07
C07 C14 AC . -27.59 -28.28 -31.89
C08 C14 AC . -28.72 -28.76 -30.97
C09 C14 AC . -28.65 -30.26 -30.77
C10 C14 AC . -29.78 -30.74 -29.86
C11 C14 AC . -29.69 -32.24 -29.65
C12 C14 AC . -30.82 -32.73 -28.74
C13 C14 AC . -30.72 -34.24 -28.52
C14 C14 AC . -31.83 -34.70 -27.60
C1 D12 BC . -38.01 -30.76 -23.99
C2 D12 BC . -36.84 -30.47 -24.89
C3 D12 BC . -37.05 -29.17 -25.65
C4 D12 BC . -35.85 -28.86 -26.54
C5 D12 BC . -36.07 -27.57 -27.31
C6 D12 BC . -34.88 -27.26 -28.22
C7 D12 BC . -35.13 -25.99 -29.03
C8 D12 BC . -33.97 -25.71 -29.97
C9 D12 BC . -34.24 -24.47 -30.82
C10 D12 BC . -33.12 -24.23 -31.82
C11 D12 BC . -33.42 -23.05 -32.72
C12 D12 BC . -32.32 -22.83 -33.73
C1 D10 CC . -37.65 -11.32 -16.26
C2 D10 CC . -36.59 -10.70 -15.35
C3 D10 CC . -35.77 -9.66 -16.12
C4 D10 CC . -36.67 -8.58 -16.68
C5 D10 CC . -35.85 -7.55 -17.45
C6 D10 CC . -36.76 -6.47 -18.04
C7 D10 CC . -35.95 -5.45 -18.83
C8 D10 CC . -36.87 -4.42 -19.47
C9 D10 CC . -36.08 -3.42 -20.31
C10 D10 CC . -37.00 -2.42 -20.97
C1 D10 DC . -30.67 -6.26 -18.27
C2 D10 DC . -30.60 -5.37 -17.06
C3 D10 DC . -30.62 -3.90 -17.45
C4 D10 DC . -29.45 -3.59 -18.38
C5 D10 DC . -29.46 -2.11 -18.76
C6 D10 DC . -30.76 -1.72 -19.42
C7 D10 DC . -30.74 -0.24 -19.83
C8 D10 DC . -32.01 0.15 -20.55
C9 D10 DC . -31.95 1.60 -21.00
C10 D10 DC . -33.21 2.00 -21.73
C1 LPE EC . -29.59 -4.96 -7.61
O1 LPE EC . -30.10 -4.62 -8.89
C2 LPE EC . -30.63 -5.75 -6.82
O2H LPE EC . -31.40 -6.58 -7.70
C3 LPE EC . -29.91 -6.62 -5.82
C11 LPE EC . -29.89 -3.25 -9.19
C12 LPE EC . -29.55 -3.00 -10.65
O3 LPE EC . -30.79 -7.62 -5.32
P LPE EC . -30.68 -9.11 -5.92
O31 LPE EC . -29.88 -9.00 -7.19
O32 LPE EC . -32.05 -9.73 -5.95
O33 LPE EC . -29.81 -9.94 -4.86
C31 LPE EC . -28.54 -10.45 -5.26
C32 LPE EC . -28.53 -11.97 -5.44
N LPE EC . -28.95 -12.73 -4.26
C1N LPE EC . -29.21 -11.87 -3.09
C2N LPE EC . -30.17 -13.47 -4.59
C3N LPE EC . -27.90 -13.69 -3.90
C13 LPE EC . -29.97 -1.59 -11.06
C14 LPE EC . -28.79 -0.80 -11.62
C15 LPE EC . -29.22 0.56 -12.14
C16 LPE EC . -28.30 1.03 -13.26
C17 LPE EC . -27.40 2.18 -12.80
C18 LPE EC . -28.15 3.51 -12.90
C19 LPE EC . -28.10 4.08 -14.30
C20 LPE EC . -26.88 4.99 -14.50
C21 LPE EC . -26.91 5.66 -15.86
C22 LPE EC . -28.20 6.45 -16.05
C23 LPE EC . -28.79 6.22 -17.44
C24 LPE EC . -29.50 4.88 -17.51
C25 LPE EC . -30.63 4.79 -16.48
C26 LPE EC . -31.69 3.78 -16.88
C27 LPE EC . -31.17 2.35 -16.80
C28 LPE EC . -30.90 1.96 -15.37
C1 D12 FC . -27.04 -0.37 6.29
C2 D12 FC . -25.93 -0.83 5.37
C3 D12 FC . -25.71 0.14 4.21
C4 D12 FC . -24.72 1.24 4.55
C5 D12 FC . -24.29 1.97 3.30
C6 D12 FC . -22.85 2.44 3.41
C7 D12 FC . -22.57 3.63 2.50
C8 D12 FC . -23.55 3.70 1.34
C9 D12 FC . -23.01 4.50 0.17
C10 D12 FC . -22.22 5.73 0.63
C11 D12 FC . -22.07 6.72 -0.52
C12 D12 FC . -20.93 7.68 -0.27
N POV GC . 8.38 13.64 -27.82
P POV GC . 10.28 10.71 -26.10
C1 POV GC . 8.27 9.96 -24.59
C2 POV GC . 7.97 8.47 -24.65
C3 POV GC . 6.47 8.28 -24.48
C210 POV GC . 9.10 2.33 -19.14
C310 POV GC . 3.02 2.08 -16.55
C11 POV GC . 10.70 13.09 -27.14
O11 POV GC . 9.66 10.23 -24.71
C211 POV GC . 8.27 1.97 -17.94
C311 POV GC . 2.56 1.30 -15.33
C12 POV GC . 9.72 14.19 -27.54
O12 POV GC . 10.19 12.32 -26.06
C212 POV GC . 7.87 0.51 -18.02
C312 POV GC . 3.74 0.82 -14.52
C13 POV GC . 7.70 13.37 -26.55
O13 POV GC . 11.74 10.32 -26.12
C213 POV GC . 7.30 0.02 -16.70
C313 POV GC . 3.36 -0.44 -13.77
C14 POV GC . 7.61 14.58 -28.62
O14 POV GC . 9.37 10.23 -27.20
C214 POV GC . 7.36 -1.49 -16.62
C314 POV GC . 3.31 -1.62 -14.72
C15 POV GC . 8.52 12.39 -28.58
C215 POV GC . 7.10 -1.99 -15.20
C315 POV GC . 2.24 -2.60 -14.26
C216 POV GC . 7.41 -3.48 -15.10
C316 POV GC . 1.08 -2.68 -15.23
C217 POV GC . 7.49 -3.91 -13.65
C218 POV GC . 8.50 -5.02 -13.50
C21 POV GC . 9.87 7.15 -24.17
O21 POV GC . 8.64 7.72 -23.64
C22 POV GC . 10.11 5.66 -24.13
O22 POV GC . 10.70 7.90 -24.66
C23 POV GC . 9.70 5.08 -22.79
C24 POV GC . 8.21 4.84 -22.74
C25 POV GC . 7.49 5.92 -21.93
C26 POV GC . 8.07 6.05 -20.53
C27 POV GC . 7.33 5.16 -19.54
C28 POV GC . 7.26 3.72 -20.02
C29 POV GC . 8.65 3.14 -20.09
C31 POV GC . 4.84 8.81 -22.70
O31 POV GC . 6.13 8.28 -23.10
C32 POV GC . 4.01 8.06 -21.69
O32 POV GC . 4.44 9.84 -23.22
C33 POV GC . 4.52 8.33 -20.28
C34 POV GC . 4.42 7.08 -19.42
C35 POV GC . 2.96 6.69 -19.20
C36 POV GC . 2.82 5.27 -18.68
C37 POV GC . 3.22 5.19 -17.21
C38 POV GC . 2.17 4.42 -16.41
C39 POV GC . 1.94 3.04 -17.00
N POV HC . -30.89 -6.88 3.90
P POV HC . -33.01 -3.80 1.55
C1 POV HC . -30.68 -2.92 0.72
C2 POV HC . -29.35 -3.65 0.96
C3 POV HC . -28.39 -2.74 1.70
C210 POV HC . -28.16 2.59 -7.29
C310 POV HC . -21.80 4.18 -4.47
C11 POV HC . -33.06 -5.79 3.32
O11 POV HC . -31.72 -3.89 0.60
C211 POV HC . -26.81 2.87 -6.70
C311 POV HC . -21.81 5.68 -4.18
C12 POV HC . -32.21 -6.44 4.41
O12 POV HC . -32.45 -4.61 2.83
C212 POV HC . -25.84 3.20 -7.81
C312 POV HC . -21.98 6.51 -5.43
C13 POV HC . -30.03 -5.72 3.66
O13 POV HC . -33.21 -2.35 1.92
C213 POV HC . -26.13 4.53 -8.50
C313 POV HC . -22.18 7.97 -5.04
C14 POV HC . -30.27 -7.75 4.90
O14 POV HC . -34.15 -4.58 0.94
C214 POV HC . -24.86 4.97 -9.20
C314 POV HC . -21.14 8.38 -4.00
C15 POV HC . -31.06 -7.63 2.64
C215 POV HC . -25.12 5.85 -10.42
C315 POV HC . -21.22 9.85 -3.64
C216 POV HC . -23.83 6.22 -11.14
C316 POV HC . -22.48 10.15 -2.85
C217 POV HC . -24.14 6.78 -12.51
C218 POV HC . -23.11 7.77 -12.97
C21 POV HC . -29.61 -5.06 -0.95
O21 POV HC . -28.79 -4.06 -0.30
C22 POV HC . -29.65 -5.19 -2.45
O22 POV HC . -30.27 -5.82 -0.25
C23 POV HC . -29.86 -3.83 -3.11
C24 POV HC . -28.77 -2.84 -2.72
C25 POV HC . -28.96 -1.49 -3.41
C26 POV HC . -29.25 -1.66 -4.89
C27 POV HC . -29.57 -0.34 -5.57
C28 POV HC . -28.35 0.48 -5.97
C29 POV HC . -28.85 1.51 -6.96
C31 POV HC . -27.33 -1.50 -0.12
O31 POV HC . -28.24 -1.52 1.00
C32 POV HC . -27.33 -0.33 -1.06
O32 POV HC . -26.61 -2.46 -0.31
C33 POV HC . -26.79 0.94 -0.40
C34 POV HC . -26.75 2.07 -1.42
C35 POV HC . -25.88 1.68 -2.61
C36 POV HC . -26.12 2.57 -3.82
C37 POV HC . -25.50 3.94 -3.64
C38 POV HC . -24.00 3.83 -3.39
C39 POV HC . -23.23 3.71 -4.70
#